data_2FFN
# 
_entry.id   2FFN 
# 
_audit_conform.dict_name       mmcif_pdbx.dic 
_audit_conform.dict_version    5.399 
_audit_conform.dict_location   http://mmcif.pdb.org/dictionaries/ascii/mmcif_pdbx.dic 
# 
loop_
_database_2.database_id 
_database_2.database_code 
_database_2.pdbx_database_accession 
_database_2.pdbx_DOI 
PDB   2FFN         pdb_00002ffn 10.2210/pdb2ffn/pdb 
RCSB  RCSB035821   ?            ?                   
WWPDB D_1000035821 ?            ?                   
# 
loop_
_pdbx_audit_revision_history.ordinal 
_pdbx_audit_revision_history.data_content_type 
_pdbx_audit_revision_history.major_revision 
_pdbx_audit_revision_history.minor_revision 
_pdbx_audit_revision_history.revision_date 
1 'Structure model' 1 0 2006-12-05 
2 'Structure model' 1 1 2008-05-01 
3 'Structure model' 1 2 2011-07-13 
4 'Structure model' 1 3 2024-12-25 
# 
_pdbx_audit_revision_details.ordinal             1 
_pdbx_audit_revision_details.revision_ordinal    1 
_pdbx_audit_revision_details.data_content_type   'Structure model' 
_pdbx_audit_revision_details.provider            repository 
_pdbx_audit_revision_details.type                'Initial release' 
_pdbx_audit_revision_details.description         ? 
_pdbx_audit_revision_details.details             ? 
# 
loop_
_pdbx_audit_revision_group.ordinal 
_pdbx_audit_revision_group.revision_ordinal 
_pdbx_audit_revision_group.data_content_type 
_pdbx_audit_revision_group.group 
1 2 'Structure model' 'Version format compliance' 
2 3 'Structure model' 'Version format compliance' 
3 4 'Structure model' Advisory                    
4 4 'Structure model' 'Data collection'           
5 4 'Structure model' 'Database references'       
6 4 'Structure model' 'Derived calculations'      
7 4 'Structure model' 'Structure summary'         
# 
loop_
_pdbx_audit_revision_category.ordinal 
_pdbx_audit_revision_category.revision_ordinal 
_pdbx_audit_revision_category.data_content_type 
_pdbx_audit_revision_category.category 
1  4 'Structure model' chem_comp_atom              
2  4 'Structure model' chem_comp_bond              
3  4 'Structure model' database_2                  
4  4 'Structure model' pdbx_distant_solvent_atoms  
5  4 'Structure model' pdbx_entry_details          
6  4 'Structure model' pdbx_modification_feature   
7  4 'Structure model' pdbx_struct_conn_angle      
8  4 'Structure model' pdbx_validate_close_contact 
9  4 'Structure model' struct_conn                 
10 4 'Structure model' struct_conn_type            
11 4 'Structure model' struct_site                 
# 
loop_
_pdbx_audit_revision_item.ordinal 
_pdbx_audit_revision_item.revision_ordinal 
_pdbx_audit_revision_item.data_content_type 
_pdbx_audit_revision_item.item 
1  4 'Structure model' '_database_2.pdbx_DOI'                        
2  4 'Structure model' '_database_2.pdbx_database_accession'         
3  4 'Structure model' '_pdbx_struct_conn_angle.ptnr1_auth_seq_id'   
4  4 'Structure model' '_pdbx_struct_conn_angle.ptnr1_label_asym_id' 
5  4 'Structure model' '_pdbx_struct_conn_angle.ptnr1_label_seq_id'  
6  4 'Structure model' '_pdbx_struct_conn_angle.ptnr2_auth_seq_id'   
7  4 'Structure model' '_pdbx_struct_conn_angle.ptnr2_label_asym_id' 
8  4 'Structure model' '_pdbx_struct_conn_angle.ptnr3_auth_seq_id'   
9  4 'Structure model' '_pdbx_struct_conn_angle.ptnr3_label_asym_id' 
10 4 'Structure model' '_pdbx_struct_conn_angle.ptnr3_label_seq_id'  
11 4 'Structure model' '_pdbx_struct_conn_angle.value'               
12 4 'Structure model' '_struct_conn_type.id'                        
13 4 'Structure model' '_struct_site.pdbx_auth_asym_id'              
14 4 'Structure model' '_struct_site.pdbx_auth_comp_id'              
15 4 'Structure model' '_struct_site.pdbx_auth_seq_id'               
# 
_pdbx_database_status.status_code                     REL 
_pdbx_database_status.entry_id                        2FFN 
_pdbx_database_status.recvd_initial_deposition_date   2005-12-20 
_pdbx_database_status.deposit_site                    RCSB 
_pdbx_database_status.process_site                    PDBJ 
_pdbx_database_status.status_code_sf                  REL 
_pdbx_database_status.status_code_mr                  ? 
_pdbx_database_status.SG_entry                        ? 
_pdbx_database_status.pdb_format_compatible           Y 
_pdbx_database_status.status_code_cs                  ? 
_pdbx_database_status.status_code_nmr_data            ? 
_pdbx_database_status.methods_development_category    ? 
# 
loop_
_audit_author.name 
_audit_author.pdbx_ordinal 
'Higuchi, Y.' 1 
'Komori, H.'  2 
'Morita, K.'  3 
# 
_citation.id                        primary 
_citation.title                     
'Roles of charged residues in pH-dependent redox properties of cytochrome c3 from Desulfovibrio vulgaris Miyazaki F' 
_citation.journal_abbrev            'BIOPHYSICS(BSJ)' 
_citation.journal_volume            2 
_citation.page_first                45 
_citation.page_last                 56 
_citation.year                      2006 
_citation.journal_id_ASTM           ? 
_citation.country                   JP 
_citation.journal_id_ISSN           1349-2942 
_citation.journal_id_CSD            ? 
_citation.book_publisher            ? 
_citation.pdbx_database_id_PubMed   -1 
_citation.pdbx_database_id_DOI      10.2142/biophysics.2.45 
# 
loop_
_citation_author.citation_id 
_citation_author.name 
_citation_author.ordinal 
_citation_author.identifier_ORCID 
primary 'Yahata, N.'   1 ? 
primary 'Ozawa, K.'    2 ? 
primary 'Tomimoto, Y.' 3 ? 
primary 'Morita, K.'   4 ? 
primary 'Komori, H.'   5 ? 
primary 'Ogata, H.'    6 ? 
primary 'Higuchi, Y.'  7 ? 
primary 'Akutsu, H.'   8 ? 
# 
loop_
_entity.id 
_entity.type 
_entity.src_method 
_entity.pdbx_description 
_entity.formula_weight 
_entity.pdbx_number_of_molecules 
_entity.pdbx_ec 
_entity.pdbx_mutation 
_entity.pdbx_fragment 
_entity.details 
1 polymer     man 'Cytochrome c3'                   11558.282 1   ? ? ? ? 
2 non-polymer syn 'PROTOPORPHYRIN IX CONTAINING FE' 616.487   4   ? ? ? ? 
3 water       nat water                             18.015    247 ? ? ? ? 
# 
_entity_poly.entity_id                      1 
_entity_poly.type                           'polypeptide(L)' 
_entity_poly.nstd_linkage                   no 
_entity_poly.nstd_monomer                   no 
_entity_poly.pdbx_seq_one_letter_code       
;APKAPADGLKMDKTKQPVVFNHSTHKAVKCGDCHHPVNGKEDYQKCATAGCHDNMDKKDKSAKGYYHAMHDKGTKFKSCV
GCHLETAGADAAKKKELTGCKGSKCHS
;
_entity_poly.pdbx_seq_one_letter_code_can   
;APKAPADGLKMDKTKQPVVFNHSTHKAVKCGDCHHPVNGKEDYQKCATAGCHDNMDKKDKSAKGYYHAMHDKGTKFKSCV
GCHLETAGADAAKKKELTGCKGSKCHS
;
_entity_poly.pdbx_strand_id                 A 
_entity_poly.pdbx_target_identifier         ? 
# 
loop_
_pdbx_entity_nonpoly.entity_id 
_pdbx_entity_nonpoly.name 
_pdbx_entity_nonpoly.comp_id 
2 'PROTOPORPHYRIN IX CONTAINING FE' HEM 
3 water                             HOH 
# 
loop_
_entity_poly_seq.entity_id 
_entity_poly_seq.num 
_entity_poly_seq.mon_id 
_entity_poly_seq.hetero 
1 1   ALA n 
1 2   PRO n 
1 3   LYS n 
1 4   ALA n 
1 5   PRO n 
1 6   ALA n 
1 7   ASP n 
1 8   GLY n 
1 9   LEU n 
1 10  LYS n 
1 11  MET n 
1 12  ASP n 
1 13  LYS n 
1 14  THR n 
1 15  LYS n 
1 16  GLN n 
1 17  PRO n 
1 18  VAL n 
1 19  VAL n 
1 20  PHE n 
1 21  ASN n 
1 22  HIS n 
1 23  SER n 
1 24  THR n 
1 25  HIS n 
1 26  LYS n 
1 27  ALA n 
1 28  VAL n 
1 29  LYS n 
1 30  CYS n 
1 31  GLY n 
1 32  ASP n 
1 33  CYS n 
1 34  HIS n 
1 35  HIS n 
1 36  PRO n 
1 37  VAL n 
1 38  ASN n 
1 39  GLY n 
1 40  LYS n 
1 41  GLU n 
1 42  ASP n 
1 43  TYR n 
1 44  GLN n 
1 45  LYS n 
1 46  CYS n 
1 47  ALA n 
1 48  THR n 
1 49  ALA n 
1 50  GLY n 
1 51  CYS n 
1 52  HIS n 
1 53  ASP n 
1 54  ASN n 
1 55  MET n 
1 56  ASP n 
1 57  LYS n 
1 58  LYS n 
1 59  ASP n 
1 60  LYS n 
1 61  SER n 
1 62  ALA n 
1 63  LYS n 
1 64  GLY n 
1 65  TYR n 
1 66  TYR n 
1 67  HIS n 
1 68  ALA n 
1 69  MET n 
1 70  HIS n 
1 71  ASP n 
1 72  LYS n 
1 73  GLY n 
1 74  THR n 
1 75  LYS n 
1 76  PHE n 
1 77  LYS n 
1 78  SER n 
1 79  CYS n 
1 80  VAL n 
1 81  GLY n 
1 82  CYS n 
1 83  HIS n 
1 84  LEU n 
1 85  GLU n 
1 86  THR n 
1 87  ALA n 
1 88  GLY n 
1 89  ALA n 
1 90  ASP n 
1 91  ALA n 
1 92  ALA n 
1 93  LYS n 
1 94  LYS n 
1 95  LYS n 
1 96  GLU n 
1 97  LEU n 
1 98  THR n 
1 99  GLY n 
1 100 CYS n 
1 101 LYS n 
1 102 GLY n 
1 103 SER n 
1 104 LYS n 
1 105 CYS n 
1 106 HIS n 
1 107 SER n 
# 
_entity_src_gen.entity_id                          1 
_entity_src_gen.pdbx_src_id                        1 
_entity_src_gen.pdbx_alt_source_flag               sample 
_entity_src_gen.pdbx_seq_type                      ? 
_entity_src_gen.pdbx_beg_seq_num                   ? 
_entity_src_gen.pdbx_end_seq_num                   ? 
_entity_src_gen.gene_src_common_name               ? 
_entity_src_gen.gene_src_genus                     Desulfovibrio 
_entity_src_gen.pdbx_gene_src_gene                 ? 
_entity_src_gen.gene_src_species                   'Desulfovibrio vulgaris' 
_entity_src_gen.gene_src_strain                    Miyazaki 
_entity_src_gen.gene_src_tissue                    ? 
_entity_src_gen.gene_src_tissue_fraction           ? 
_entity_src_gen.gene_src_details                   ? 
_entity_src_gen.pdbx_gene_src_fragment             ? 
_entity_src_gen.pdbx_gene_src_scientific_name      
;Desulfovibrio vulgaris str. 'Miyazaki F'
;
_entity_src_gen.pdbx_gene_src_ncbi_taxonomy_id     883 
_entity_src_gen.pdbx_gene_src_variant              ? 
_entity_src_gen.pdbx_gene_src_cell_line            ? 
_entity_src_gen.pdbx_gene_src_atcc                 ? 
_entity_src_gen.pdbx_gene_src_organ                ? 
_entity_src_gen.pdbx_gene_src_organelle            ? 
_entity_src_gen.pdbx_gene_src_cell                 ? 
_entity_src_gen.pdbx_gene_src_cellular_location    ? 
_entity_src_gen.host_org_common_name               ? 
_entity_src_gen.pdbx_host_org_scientific_name      Shewanella 
_entity_src_gen.pdbx_host_org_ncbi_taxonomy_id     22 
_entity_src_gen.host_org_genus                     Shewanella 
_entity_src_gen.pdbx_host_org_gene                 ? 
_entity_src_gen.pdbx_host_org_organ                ? 
_entity_src_gen.host_org_species                   ? 
_entity_src_gen.pdbx_host_org_tissue               ? 
_entity_src_gen.pdbx_host_org_tissue_fraction      ? 
_entity_src_gen.pdbx_host_org_strain               ? 
_entity_src_gen.pdbx_host_org_variant              ? 
_entity_src_gen.pdbx_host_org_cell_line            ? 
_entity_src_gen.pdbx_host_org_atcc                 ? 
_entity_src_gen.pdbx_host_org_culture_collection   ? 
_entity_src_gen.pdbx_host_org_cell                 ? 
_entity_src_gen.pdbx_host_org_organelle            ? 
_entity_src_gen.pdbx_host_org_cellular_location    ? 
_entity_src_gen.pdbx_host_org_vector_type          ? 
_entity_src_gen.pdbx_host_org_vector               ? 
_entity_src_gen.host_org_details                   ? 
_entity_src_gen.expression_system_id               ? 
_entity_src_gen.plasmid_name                       ? 
_entity_src_gen.plasmid_details                    ? 
_entity_src_gen.pdbx_description                   ? 
# 
loop_
_chem_comp.id 
_chem_comp.type 
_chem_comp.mon_nstd_flag 
_chem_comp.name 
_chem_comp.pdbx_synonyms 
_chem_comp.formula 
_chem_comp.formula_weight 
ALA 'L-peptide linking' y ALANINE                           ?    'C3 H7 N O2'       89.093  
ASN 'L-peptide linking' y ASPARAGINE                        ?    'C4 H8 N2 O3'      132.118 
ASP 'L-peptide linking' y 'ASPARTIC ACID'                   ?    'C4 H7 N O4'       133.103 
CYS 'L-peptide linking' y CYSTEINE                          ?    'C3 H7 N O2 S'     121.158 
GLN 'L-peptide linking' y GLUTAMINE                         ?    'C5 H10 N2 O3'     146.144 
GLU 'L-peptide linking' y 'GLUTAMIC ACID'                   ?    'C5 H9 N O4'       147.129 
GLY 'peptide linking'   y GLYCINE                           ?    'C2 H5 N O2'       75.067  
HEM non-polymer         . 'PROTOPORPHYRIN IX CONTAINING FE' HEME 'C34 H32 Fe N4 O4' 616.487 
HIS 'L-peptide linking' y HISTIDINE                         ?    'C6 H10 N3 O2 1'   156.162 
HOH non-polymer         . WATER                             ?    'H2 O'             18.015  
LEU 'L-peptide linking' y LEUCINE                           ?    'C6 H13 N O2'      131.173 
LYS 'L-peptide linking' y LYSINE                            ?    'C6 H15 N2 O2 1'   147.195 
MET 'L-peptide linking' y METHIONINE                        ?    'C5 H11 N O2 S'    149.211 
PHE 'L-peptide linking' y PHENYLALANINE                     ?    'C9 H11 N O2'      165.189 
PRO 'L-peptide linking' y PROLINE                           ?    'C5 H9 N O2'       115.130 
SER 'L-peptide linking' y SERINE                            ?    'C3 H7 N O3'       105.093 
THR 'L-peptide linking' y THREONINE                         ?    'C4 H9 N O3'       119.119 
TYR 'L-peptide linking' y TYROSINE                          ?    'C9 H11 N O3'      181.189 
VAL 'L-peptide linking' y VALINE                            ?    'C5 H11 N O2'      117.146 
# 
loop_
_pdbx_poly_seq_scheme.asym_id 
_pdbx_poly_seq_scheme.entity_id 
_pdbx_poly_seq_scheme.seq_id 
_pdbx_poly_seq_scheme.mon_id 
_pdbx_poly_seq_scheme.ndb_seq_num 
_pdbx_poly_seq_scheme.pdb_seq_num 
_pdbx_poly_seq_scheme.auth_seq_num 
_pdbx_poly_seq_scheme.pdb_mon_id 
_pdbx_poly_seq_scheme.auth_mon_id 
_pdbx_poly_seq_scheme.pdb_strand_id 
_pdbx_poly_seq_scheme.pdb_ins_code 
_pdbx_poly_seq_scheme.hetero 
A 1 1   ALA 1   1   1   ALA ALA A . n 
A 1 2   PRO 2   2   2   PRO PRO A . n 
A 1 3   LYS 3   3   3   LYS LYS A . n 
A 1 4   ALA 4   4   4   ALA ALA A . n 
A 1 5   PRO 5   5   5   PRO PRO A . n 
A 1 6   ALA 6   6   6   ALA ALA A . n 
A 1 7   ASP 7   7   7   ASP ASP A . n 
A 1 8   GLY 8   8   8   GLY GLY A . n 
A 1 9   LEU 9   9   9   LEU LEU A . n 
A 1 10  LYS 10  10  10  LYS LYS A . n 
A 1 11  MET 11  11  11  MET MET A . n 
A 1 12  ASP 12  12  12  ASP ASP A . n 
A 1 13  LYS 13  13  13  LYS LYS A . n 
A 1 14  THR 14  14  14  THR THR A . n 
A 1 15  LYS 15  15  15  LYS LYS A . n 
A 1 16  GLN 16  16  16  GLN GLN A . n 
A 1 17  PRO 17  17  17  PRO PRO A . n 
A 1 18  VAL 18  18  18  VAL VAL A . n 
A 1 19  VAL 19  19  19  VAL VAL A . n 
A 1 20  PHE 20  20  20  PHE PHE A . n 
A 1 21  ASN 21  21  21  ASN ASN A . n 
A 1 22  HIS 22  22  22  HIS HIS A . n 
A 1 23  SER 23  23  23  SER SER A . n 
A 1 24  THR 24  24  24  THR THR A . n 
A 1 25  HIS 25  25  25  HIS HIS A . n 
A 1 26  LYS 26  26  26  LYS LYS A . n 
A 1 27  ALA 27  27  27  ALA ALA A . n 
A 1 28  VAL 28  28  28  VAL VAL A . n 
A 1 29  LYS 29  29  29  LYS LYS A . n 
A 1 30  CYS 30  30  30  CYS CYS A . n 
A 1 31  GLY 31  31  31  GLY GLY A . n 
A 1 32  ASP 32  32  32  ASP ASP A . n 
A 1 33  CYS 33  33  33  CYS CYS A . n 
A 1 34  HIS 34  34  34  HIS HIS A . n 
A 1 35  HIS 35  35  35  HIS HIS A . n 
A 1 36  PRO 36  36  36  PRO PRO A . n 
A 1 37  VAL 37  37  37  VAL VAL A . n 
A 1 38  ASN 38  38  38  ASN ASN A . n 
A 1 39  GLY 39  39  39  GLY GLY A . n 
A 1 40  LYS 40  40  40  LYS LYS A . n 
A 1 41  GLU 41  41  41  GLU GLN A . n 
A 1 42  ASP 42  42  42  ASP ASP A . n 
A 1 43  TYR 43  43  43  TYR TYR A . n 
A 1 44  GLN 44  44  44  GLN GLN A . n 
A 1 45  LYS 45  45  45  LYS LYS A . n 
A 1 46  CYS 46  46  46  CYS CYS A . n 
A 1 47  ALA 47  47  47  ALA ALA A . n 
A 1 48  THR 48  48  48  THR THR A . n 
A 1 49  ALA 49  49  49  ALA ALA A . n 
A 1 50  GLY 50  50  50  GLY GLY A . n 
A 1 51  CYS 51  51  51  CYS CYS A . n 
A 1 52  HIS 52  52  52  HIS HIS A . n 
A 1 53  ASP 53  53  53  ASP ASP A . n 
A 1 54  ASN 54  54  54  ASN ASN A . n 
A 1 55  MET 55  55  55  MET MET A . n 
A 1 56  ASP 56  56  56  ASP ASP A . n 
A 1 57  LYS 57  57  57  LYS LYS A . n 
A 1 58  LYS 58  58  58  LYS LYS A . n 
A 1 59  ASP 59  59  59  ASP ASP A . n 
A 1 60  LYS 60  60  60  LYS LYS A . n 
A 1 61  SER 61  61  61  SER SER A . n 
A 1 62  ALA 62  62  62  ALA ALA A . n 
A 1 63  LYS 63  63  63  LYS LYS A . n 
A 1 64  GLY 64  64  64  GLY GLY A . n 
A 1 65  TYR 65  65  65  TYR TYR A . n 
A 1 66  TYR 66  66  66  TYR TYR A . n 
A 1 67  HIS 67  67  67  HIS HIS A . n 
A 1 68  ALA 68  68  68  ALA ALA A . n 
A 1 69  MET 69  69  69  MET MET A . n 
A 1 70  HIS 70  70  70  HIS HIS A . n 
A 1 71  ASP 71  71  71  ASP ASP A . n 
A 1 72  LYS 72  72  72  LYS LYS A . n 
A 1 73  GLY 73  73  73  GLY GLY A . n 
A 1 74  THR 74  74  74  THR THR A . n 
A 1 75  LYS 75  75  75  LYS LYS A . n 
A 1 76  PHE 76  76  76  PHE PHE A . n 
A 1 77  LYS 77  77  77  LYS LYS A . n 
A 1 78  SER 78  78  78  SER SER A . n 
A 1 79  CYS 79  79  79  CYS CYS A . n 
A 1 80  VAL 80  80  80  VAL VAL A . n 
A 1 81  GLY 81  81  81  GLY GLY A . n 
A 1 82  CYS 82  82  82  CYS CYS A . n 
A 1 83  HIS 83  83  83  HIS HIS A . n 
A 1 84  LEU 84  84  84  LEU LEU A . n 
A 1 85  GLU 85  85  85  GLU GLU A . n 
A 1 86  THR 86  86  86  THR THR A . n 
A 1 87  ALA 87  87  87  ALA ALA A . n 
A 1 88  GLY 88  88  88  GLY GLY A . n 
A 1 89  ALA 89  89  89  ALA ALA A . n 
A 1 90  ASP 90  90  90  ASP ASP A . n 
A 1 91  ALA 91  91  91  ALA ALA A . n 
A 1 92  ALA 92  92  92  ALA ALA A . n 
A 1 93  LYS 93  93  93  LYS LYS A . n 
A 1 94  LYS 94  94  94  LYS LYS A . n 
A 1 95  LYS 95  95  95  LYS LYS A . n 
A 1 96  GLU 96  96  96  GLU GLU A . n 
A 1 97  LEU 97  97  97  LEU LEU A . n 
A 1 98  THR 98  98  98  THR THR A . n 
A 1 99  GLY 99  99  99  GLY GLY A . n 
A 1 100 CYS 100 100 100 CYS CYS A . n 
A 1 101 LYS 101 101 101 LYS LYS A . n 
A 1 102 GLY 102 102 102 GLY GLY A . n 
A 1 103 SER 103 103 103 SER SER A . n 
A 1 104 LYS 104 104 104 LYS LYS A . n 
A 1 105 CYS 105 105 105 CYS CYS A . n 
A 1 106 HIS 106 106 106 HIS HIS A . n 
A 1 107 SER 107 107 107 SER SER A . n 
# 
loop_
_pdbx_nonpoly_scheme.asym_id 
_pdbx_nonpoly_scheme.entity_id 
_pdbx_nonpoly_scheme.mon_id 
_pdbx_nonpoly_scheme.ndb_seq_num 
_pdbx_nonpoly_scheme.pdb_seq_num 
_pdbx_nonpoly_scheme.auth_seq_num 
_pdbx_nonpoly_scheme.pdb_mon_id 
_pdbx_nonpoly_scheme.auth_mon_id 
_pdbx_nonpoly_scheme.pdb_strand_id 
_pdbx_nonpoly_scheme.pdb_ins_code 
B 2 HEM 1   1004 1004 HEM HEM A . 
C 2 HEM 1   1002 1002 HEM HEM A . 
D 2 HEM 1   1001 1001 HEM HEM A . 
E 2 HEM 1   1003 1003 HEM HEM A . 
F 3 HOH 1   1005 1005 HOH HOH A . 
F 3 HOH 2   1006 1006 HOH HOH A . 
F 3 HOH 3   1007 1007 HOH HOH A . 
F 3 HOH 4   1008 1008 HOH HOH A . 
F 3 HOH 5   1009 1009 HOH HOH A . 
F 3 HOH 6   1010 1010 HOH HOH A . 
F 3 HOH 7   1011 1011 HOH HOH A . 
F 3 HOH 8   1012 1012 HOH HOH A . 
F 3 HOH 9   1013 1013 HOH HOH A . 
F 3 HOH 10  1014 1014 HOH HOH A . 
F 3 HOH 11  1015 1015 HOH HOH A . 
F 3 HOH 12  1016 1016 HOH HOH A . 
F 3 HOH 13  1017 1017 HOH HOH A . 
F 3 HOH 14  1018 1018 HOH HOH A . 
F 3 HOH 15  1019 1019 HOH HOH A . 
F 3 HOH 16  1020 1020 HOH HOH A . 
F 3 HOH 17  1021 1021 HOH HOH A . 
F 3 HOH 18  1022 1022 HOH HOH A . 
F 3 HOH 19  1023 1023 HOH HOH A . 
F 3 HOH 20  1024 1024 HOH HOH A . 
F 3 HOH 21  1025 1025 HOH HOH A . 
F 3 HOH 22  1026 1026 HOH HOH A . 
F 3 HOH 23  1027 1027 HOH HOH A . 
F 3 HOH 24  1028 1028 HOH HOH A . 
F 3 HOH 25  1029 1029 HOH HOH A . 
F 3 HOH 26  1030 1030 HOH HOH A . 
F 3 HOH 27  1031 1031 HOH HOH A . 
F 3 HOH 28  1032 1032 HOH HOH A . 
F 3 HOH 29  1033 1033 HOH HOH A . 
F 3 HOH 30  1034 1034 HOH HOH A . 
F 3 HOH 31  1035 1035 HOH HOH A . 
F 3 HOH 32  1036 1036 HOH HOH A . 
F 3 HOH 33  1037 1037 HOH HOH A . 
F 3 HOH 34  1038 1038 HOH HOH A . 
F 3 HOH 35  1039 1039 HOH HOH A . 
F 3 HOH 36  1040 1040 HOH HOH A . 
F 3 HOH 37  1041 1041 HOH HOH A . 
F 3 HOH 38  1042 1042 HOH HOH A . 
F 3 HOH 39  1043 1043 HOH HOH A . 
F 3 HOH 40  1044 1044 HOH HOH A . 
F 3 HOH 41  1045 1045 HOH HOH A . 
F 3 HOH 42  1046 1046 HOH HOH A . 
F 3 HOH 43  1047 1047 HOH HOH A . 
F 3 HOH 44  1048 1048 HOH HOH A . 
F 3 HOH 45  1049 1049 HOH HOH A . 
F 3 HOH 46  1050 1050 HOH HOH A . 
F 3 HOH 47  1051 1051 HOH HOH A . 
F 3 HOH 48  1052 1052 HOH HOH A . 
F 3 HOH 49  1053 1053 HOH HOH A . 
F 3 HOH 50  1054 1054 HOH HOH A . 
F 3 HOH 51  1055 1055 HOH HOH A . 
F 3 HOH 52  1056 1056 HOH HOH A . 
F 3 HOH 53  1057 1057 HOH HOH A . 
F 3 HOH 54  1058 1058 HOH HOH A . 
F 3 HOH 55  1059 1059 HOH HOH A . 
F 3 HOH 56  1060 1060 HOH HOH A . 
F 3 HOH 57  1061 1061 HOH HOH A . 
F 3 HOH 58  1062 1062 HOH HOH A . 
F 3 HOH 59  1063 1063 HOH HOH A . 
F 3 HOH 60  1064 1064 HOH HOH A . 
F 3 HOH 61  1065 1065 HOH HOH A . 
F 3 HOH 62  1066 1066 HOH HOH A . 
F 3 HOH 63  1067 1067 HOH HOH A . 
F 3 HOH 64  1068 1068 HOH HOH A . 
F 3 HOH 65  1069 1069 HOH HOH A . 
F 3 HOH 66  1070 1070 HOH HOH A . 
F 3 HOH 67  1071 1071 HOH HOH A . 
F 3 HOH 68  1072 1072 HOH HOH A . 
F 3 HOH 69  1073 1073 HOH HOH A . 
F 3 HOH 70  1074 1074 HOH HOH A . 
F 3 HOH 71  1075 1075 HOH HOH A . 
F 3 HOH 72  1076 1076 HOH HOH A . 
F 3 HOH 73  1077 1077 HOH HOH A . 
F 3 HOH 74  1078 1078 HOH HOH A . 
F 3 HOH 75  1079 1079 HOH HOH A . 
F 3 HOH 76  1080 1080 HOH HOH A . 
F 3 HOH 77  1081 1081 HOH HOH A . 
F 3 HOH 78  1082 1082 HOH HOH A . 
F 3 HOH 79  1083 1083 HOH HOH A . 
F 3 HOH 80  1084 1084 HOH HOH A . 
F 3 HOH 81  1085 1085 HOH HOH A . 
F 3 HOH 82  1086 1086 HOH HOH A . 
F 3 HOH 83  1087 1087 HOH HOH A . 
F 3 HOH 84  1088 1088 HOH HOH A . 
F 3 HOH 85  1089 1089 HOH HOH A . 
F 3 HOH 86  1090 1090 HOH HOH A . 
F 3 HOH 87  1091 1091 HOH HOH A . 
F 3 HOH 88  1092 1092 HOH HOH A . 
F 3 HOH 89  1093 1093 HOH HOH A . 
F 3 HOH 90  1094 1094 HOH HOH A . 
F 3 HOH 91  1095 1095 HOH HOH A . 
F 3 HOH 92  1096 1096 HOH HOH A . 
F 3 HOH 93  1097 1097 HOH HOH A . 
F 3 HOH 94  1098 1098 HOH HOH A . 
F 3 HOH 95  1099 1099 HOH HOH A . 
F 3 HOH 96  1100 1100 HOH HOH A . 
F 3 HOH 97  1101 1101 HOH HOH A . 
F 3 HOH 98  1102 1102 HOH HOH A . 
F 3 HOH 99  1103 1103 HOH HOH A . 
F 3 HOH 100 1104 1104 HOH HOH A . 
F 3 HOH 101 1105 1105 HOH HOH A . 
F 3 HOH 102 1106 1106 HOH HOH A . 
F 3 HOH 103 1107 1107 HOH HOH A . 
F 3 HOH 104 1108 1108 HOH HOH A . 
F 3 HOH 105 1109 1109 HOH HOH A . 
F 3 HOH 106 1110 1110 HOH HOH A . 
F 3 HOH 107 1111 1111 HOH HOH A . 
F 3 HOH 108 1112 1112 HOH HOH A . 
F 3 HOH 109 1113 1113 HOH HOH A . 
F 3 HOH 110 1114 1114 HOH HOH A . 
F 3 HOH 111 1115 1115 HOH HOH A . 
F 3 HOH 112 1116 1116 HOH HOH A . 
F 3 HOH 113 1117 1117 HOH HOH A . 
F 3 HOH 114 1118 1118 HOH HOH A . 
F 3 HOH 115 1119 1119 HOH HOH A . 
F 3 HOH 116 1120 1120 HOH HOH A . 
F 3 HOH 117 1121 1121 HOH HOH A . 
F 3 HOH 118 1122 1122 HOH HOH A . 
F 3 HOH 119 1123 1123 HOH HOH A . 
F 3 HOH 120 1124 1124 HOH HOH A . 
F 3 HOH 121 1125 1125 HOH HOH A . 
F 3 HOH 122 1126 1126 HOH HOH A . 
F 3 HOH 123 1127 1127 HOH HOH A . 
F 3 HOH 124 1128 1128 HOH HOH A . 
F 3 HOH 125 1129 1129 HOH HOH A . 
F 3 HOH 126 1130 1130 HOH HOH A . 
F 3 HOH 127 1131 1131 HOH HOH A . 
F 3 HOH 128 1132 1132 HOH HOH A . 
F 3 HOH 129 1133 1133 HOH HOH A . 
F 3 HOH 130 1134 1134 HOH HOH A . 
F 3 HOH 131 1135 1135 HOH HOH A . 
F 3 HOH 132 1136 1136 HOH HOH A . 
F 3 HOH 133 1137 1137 HOH HOH A . 
F 3 HOH 134 1138 1138 HOH HOH A . 
F 3 HOH 135 1139 1139 HOH HOH A . 
F 3 HOH 136 1140 1140 HOH HOH A . 
F 3 HOH 137 1141 1141 HOH HOH A . 
F 3 HOH 138 1142 1142 HOH HOH A . 
F 3 HOH 139 1143 1143 HOH HOH A . 
F 3 HOH 140 1144 1144 HOH HOH A . 
F 3 HOH 141 1145 1145 HOH HOH A . 
F 3 HOH 142 1146 1146 HOH HOH A . 
F 3 HOH 143 1147 1147 HOH HOH A . 
F 3 HOH 144 1148 1148 HOH HOH A . 
F 3 HOH 145 1149 1149 HOH HOH A . 
F 3 HOH 146 1150 1150 HOH HOH A . 
F 3 HOH 147 1151 1151 HOH HOH A . 
F 3 HOH 148 1152 1152 HOH HOH A . 
F 3 HOH 149 1153 1153 HOH HOH A . 
F 3 HOH 150 1154 1154 HOH HOH A . 
F 3 HOH 151 1155 1155 HOH HOH A . 
F 3 HOH 152 1156 1156 HOH HOH A . 
F 3 HOH 153 1157 1157 HOH HOH A . 
F 3 HOH 154 1158 1158 HOH HOH A . 
F 3 HOH 155 1159 1159 HOH HOH A . 
F 3 HOH 156 1160 1160 HOH HOH A . 
F 3 HOH 157 1161 1161 HOH HOH A . 
F 3 HOH 158 1162 1162 HOH HOH A . 
F 3 HOH 159 1163 1163 HOH HOH A . 
F 3 HOH 160 1164 1164 HOH HOH A . 
F 3 HOH 161 1165 1165 HOH HOH A . 
F 3 HOH 162 1166 1166 HOH HOH A . 
F 3 HOH 163 1167 1167 HOH HOH A . 
F 3 HOH 164 1168 1168 HOH HOH A . 
F 3 HOH 165 1169 1169 HOH HOH A . 
F 3 HOH 166 1170 1170 HOH HOH A . 
F 3 HOH 167 1171 1171 HOH HOH A . 
F 3 HOH 168 1172 1172 HOH HOH A . 
F 3 HOH 169 1173 1173 HOH HOH A . 
F 3 HOH 170 1174 1174 HOH HOH A . 
F 3 HOH 171 1175 1175 HOH HOH A . 
F 3 HOH 172 1176 1176 HOH HOH A . 
F 3 HOH 173 1177 1177 HOH HOH A . 
F 3 HOH 174 1178 1178 HOH HOH A . 
F 3 HOH 175 1179 1179 HOH HOH A . 
F 3 HOH 176 1180 1180 HOH HOH A . 
F 3 HOH 177 1181 1181 HOH HOH A . 
F 3 HOH 178 1182 1182 HOH HOH A . 
F 3 HOH 179 1183 1183 HOH HOH A . 
F 3 HOH 180 1184 1184 HOH HOH A . 
F 3 HOH 181 1185 1185 HOH HOH A . 
F 3 HOH 182 1186 1186 HOH HOH A . 
F 3 HOH 183 1187 1187 HOH HOH A . 
F 3 HOH 184 1188 1188 HOH HOH A . 
F 3 HOH 185 1189 1189 HOH HOH A . 
F 3 HOH 186 1190 1190 HOH HOH A . 
F 3 HOH 187 1191 1191 HOH HOH A . 
F 3 HOH 188 1192 1192 HOH HOH A . 
F 3 HOH 189 1193 1193 HOH HOH A . 
F 3 HOH 190 1194 1194 HOH HOH A . 
F 3 HOH 191 1195 1195 HOH HOH A . 
F 3 HOH 192 1196 1196 HOH HOH A . 
F 3 HOH 193 1197 1197 HOH HOH A . 
F 3 HOH 194 1198 1198 HOH HOH A . 
F 3 HOH 195 1199 1199 HOH HOH A . 
F 3 HOH 196 1200 1200 HOH HOH A . 
F 3 HOH 197 1201 1201 HOH HOH A . 
F 3 HOH 198 1202 1202 HOH HOH A . 
F 3 HOH 199 1203 1203 HOH HOH A . 
F 3 HOH 200 1204 1204 HOH HOH A . 
F 3 HOH 201 1205 1205 HOH HOH A . 
F 3 HOH 202 1206 1206 HOH HOH A . 
F 3 HOH 203 1207 1207 HOH HOH A . 
F 3 HOH 204 1208 1208 HOH HOH A . 
F 3 HOH 205 1209 1209 HOH HOH A . 
F 3 HOH 206 1210 1210 HOH HOH A . 
F 3 HOH 207 1211 1211 HOH HOH A . 
F 3 HOH 208 1212 1212 HOH HOH A . 
F 3 HOH 209 1213 1213 HOH HOH A . 
F 3 HOH 210 1214 1214 HOH HOH A . 
F 3 HOH 211 1215 1215 HOH HOH A . 
F 3 HOH 212 1216 1216 HOH HOH A . 
F 3 HOH 213 1217 1217 HOH HOH A . 
F 3 HOH 214 1218 1218 HOH HOH A . 
F 3 HOH 215 1219 1219 HOH HOH A . 
F 3 HOH 216 1220 1220 HOH HOH A . 
F 3 HOH 217 1221 1221 HOH HOH A . 
F 3 HOH 218 1222 1222 HOH HOH A . 
F 3 HOH 219 1223 1223 HOH HOH A . 
F 3 HOH 220 1224 1224 HOH HOH A . 
F 3 HOH 221 1225 1225 HOH HOH A . 
F 3 HOH 222 1226 1226 HOH HOH A . 
F 3 HOH 223 1227 1227 HOH HOH A . 
F 3 HOH 224 1228 1228 HOH HOH A . 
F 3 HOH 225 1229 1229 HOH HOH A . 
F 3 HOH 226 1230 1230 HOH HOH A . 
F 3 HOH 227 1231 1231 HOH HOH A . 
F 3 HOH 228 1232 1232 HOH HOH A . 
F 3 HOH 229 1233 1233 HOH HOH A . 
F 3 HOH 230 1234 1234 HOH HOH A . 
F 3 HOH 231 1235 1235 HOH HOH A . 
F 3 HOH 232 1236 1236 HOH HOH A . 
F 3 HOH 233 1237 1237 HOH HOH A . 
F 3 HOH 234 1238 1238 HOH HOH A . 
F 3 HOH 235 1239 1239 HOH HOH A . 
F 3 HOH 236 1240 1240 HOH HOH A . 
F 3 HOH 237 1241 1241 HOH HOH A . 
F 3 HOH 238 1242 1242 HOH HOH A . 
F 3 HOH 239 1243 1243 HOH HOH A . 
F 3 HOH 240 1244 1244 HOH HOH A . 
F 3 HOH 241 1245 1245 HOH HOH A . 
F 3 HOH 242 1246 1246 HOH HOH A . 
F 3 HOH 243 1247 1247 HOH HOH A . 
F 3 HOH 244 1248 1248 HOH HOH A . 
F 3 HOH 245 1249 1249 HOH HOH A . 
F 3 HOH 246 1250 1250 HOH HOH A . 
F 3 HOH 247 1251 1251 HOH HOH A . 
# 
loop_
_software.name 
_software.classification 
_software.version 
_software.citation_id 
_software.pdbx_ordinal 
DENZO     'data reduction' . ? 1 
SCALEPACK 'data scaling'   . ? 2 
CNS       refinement       . ? 3 
CNS       phasing          . ? 4 
# 
_cell.entry_id           2FFN 
_cell.length_a           52.058 
_cell.length_b           67.671 
_cell.length_c           34.491 
_cell.angle_alpha        90.00 
_cell.angle_beta         90.00 
_cell.angle_gamma        90.00 
_cell.Z_PDB              4 
_cell.pdbx_unique_axis   ? 
_cell.length_a_esd       ? 
_cell.length_b_esd       ? 
_cell.length_c_esd       ? 
_cell.angle_alpha_esd    ? 
_cell.angle_beta_esd     ? 
_cell.angle_gamma_esd    ? 
# 
_symmetry.entry_id                         2FFN 
_symmetry.space_group_name_H-M             'P 21 21 21' 
_symmetry.pdbx_full_space_group_name_H-M   ? 
_symmetry.cell_setting                     ? 
_symmetry.Int_Tables_number                19 
_symmetry.space_group_name_Hall            ? 
# 
_exptl.entry_id          2FFN 
_exptl.method            'X-RAY DIFFRACTION' 
_exptl.crystals_number   1 
# 
_exptl_crystal.id                    1 
_exptl_crystal.density_meas          ? 
_exptl_crystal.density_Matthews      2.63 
_exptl_crystal.density_percent_sol   53.18 
_exptl_crystal.description           ? 
_exptl_crystal.F_000                 ? 
_exptl_crystal.preparation           ? 
# 
_exptl_crystal_grow.crystal_id      1 
_exptl_crystal_grow.method          'VAPOR DIFFUSION' 
_exptl_crystal_grow.temp            278 
_exptl_crystal_grow.temp_details    ? 
_exptl_crystal_grow.pH              7 
_exptl_crystal_grow.pdbx_details    'MPD 60%, pH 7, VAPOR DIFFUSION, temperature 278K' 
_exptl_crystal_grow.pdbx_pH_range   . 
# 
_diffrn.id                     1 
_diffrn.ambient_temp           100 
_diffrn.ambient_temp_details   ? 
_diffrn.crystal_id             1 
# 
_diffrn_detector.diffrn_id              1 
_diffrn_detector.detector               CCD 
_diffrn_detector.type                   'ADSC QUANTUM 4' 
_diffrn_detector.pdbx_collection_date   2004-12-06 
_diffrn_detector.details                ? 
# 
_diffrn_radiation.diffrn_id                        1 
_diffrn_radiation.wavelength_id                    1 
_diffrn_radiation.pdbx_monochromatic_or_laue_m_l   M 
_diffrn_radiation.monochromator                    ? 
_diffrn_radiation.pdbx_diffrn_protocol             'SINGLE WAVELENGTH' 
_diffrn_radiation.pdbx_scattering_type             x-ray 
# 
_diffrn_radiation_wavelength.id           1 
_diffrn_radiation_wavelength.wavelength   1 
_diffrn_radiation_wavelength.wt           1.0 
# 
_diffrn_source.diffrn_id                   1 
_diffrn_source.source                      SYNCHROTRON 
_diffrn_source.type                        'SPRING-8 BEAMLINE BL44B2' 
_diffrn_source.pdbx_synchrotron_site       SPring-8 
_diffrn_source.pdbx_synchrotron_beamline   BL44B2 
_diffrn_source.pdbx_wavelength             ? 
_diffrn_source.pdbx_wavelength_list        1 
# 
_reflns.entry_id                     2FFN 
_reflns.observed_criterion_sigma_I   1 
_reflns.observed_criterion_sigma_F   ? 
_reflns.d_resolution_low             50 
_reflns.d_resolution_high            1.8 
_reflns.number_obs                   11870 
_reflns.number_all                   ? 
_reflns.percent_possible_obs         ? 
_reflns.pdbx_Rmerge_I_obs            ? 
_reflns.pdbx_Rsym_value              ? 
_reflns.pdbx_netI_over_sigmaI        ? 
_reflns.B_iso_Wilson_estimate        ? 
_reflns.pdbx_redundancy              ? 
_reflns.R_free_details               ? 
_reflns.limit_h_max                  ? 
_reflns.limit_h_min                  ? 
_reflns.limit_k_max                  ? 
_reflns.limit_k_min                  ? 
_reflns.limit_l_max                  ? 
_reflns.limit_l_min                  ? 
_reflns.observed_criterion_F_max     ? 
_reflns.observed_criterion_F_min     ? 
_reflns.pdbx_chi_squared             ? 
_reflns.pdbx_scaling_rejects         ? 
_reflns.pdbx_diffrn_id               1 
_reflns.pdbx_ordinal                 1 
# 
_refine.entry_id                                 2FFN 
_refine.ls_number_reflns_obs                     11715 
_refine.ls_number_reflns_all                     ? 
_refine.pdbx_ls_sigma_I                          ? 
_refine.pdbx_ls_sigma_F                          0 
_refine.pdbx_data_cutoff_high_absF               ? 
_refine.pdbx_data_cutoff_low_absF                ? 
_refine.pdbx_data_cutoff_high_rms_absF           ? 
_refine.ls_d_res_low                             10 
_refine.ls_d_res_high                            1.8 
_refine.ls_percent_reflns_obs                    ? 
_refine.ls_R_factor_obs                          ? 
_refine.ls_R_factor_all                          ? 
_refine.ls_R_factor_R_work                       0.17 
_refine.ls_R_factor_R_free                       0.217 
_refine.ls_R_factor_R_free_error                 ? 
_refine.ls_R_factor_R_free_error_details         ? 
_refine.ls_percent_reflns_R_free                 ? 
_refine.ls_number_reflns_R_free                  840 
_refine.ls_number_parameters                     ? 
_refine.ls_number_restraints                     ? 
_refine.occupancy_min                            ? 
_refine.occupancy_max                            ? 
_refine.correlation_coeff_Fo_to_Fc               ? 
_refine.correlation_coeff_Fo_to_Fc_free          ? 
_refine.B_iso_mean                               ? 
_refine.aniso_B[1][1]                            ? 
_refine.aniso_B[2][2]                            ? 
_refine.aniso_B[3][3]                            ? 
_refine.aniso_B[1][2]                            ? 
_refine.aniso_B[1][3]                            ? 
_refine.aniso_B[2][3]                            ? 
_refine.solvent_model_details                    ? 
_refine.solvent_model_param_ksol                 ? 
_refine.solvent_model_param_bsol                 ? 
_refine.pdbx_solvent_vdw_probe_radii             ? 
_refine.pdbx_solvent_ion_probe_radii             ? 
_refine.pdbx_solvent_shrinkage_radii             ? 
_refine.pdbx_ls_cross_valid_method               ? 
_refine.details                                  ? 
_refine.pdbx_starting_model                      ? 
_refine.pdbx_method_to_determine_struct          'MOLECULAR REPLACEMENT' 
_refine.pdbx_isotropic_thermal_model             ? 
_refine.pdbx_stereochemistry_target_values       ? 
_refine.pdbx_stereochem_target_val_spec_case     ? 
_refine.pdbx_R_Free_selection_details            RANDOM 
_refine.pdbx_overall_ESU_R                       ? 
_refine.pdbx_overall_ESU_R_Free                  ? 
_refine.overall_SU_ML                            ? 
_refine.overall_SU_B                             ? 
_refine.ls_redundancy_reflns_obs                 ? 
_refine.B_iso_min                                ? 
_refine.B_iso_max                                ? 
_refine.overall_SU_R_Cruickshank_DPI             ? 
_refine.overall_SU_R_free                        ? 
_refine.ls_wR_factor_R_free                      ? 
_refine.ls_wR_factor_R_work                      ? 
_refine.overall_FOM_free_R_set                   ? 
_refine.overall_FOM_work_R_set                   ? 
_refine.pdbx_refine_id                           'X-RAY DIFFRACTION' 
_refine.pdbx_diffrn_id                           1 
_refine.pdbx_TLS_residual_ADP_flag               ? 
_refine.pdbx_overall_phase_error                 ? 
_refine.pdbx_overall_SU_R_free_Cruickshank_DPI   ? 
_refine.pdbx_overall_SU_R_Blow_DPI               ? 
_refine.pdbx_overall_SU_R_free_Blow_DPI          ? 
# 
_refine_hist.pdbx_refine_id                   'X-RAY DIFFRACTION' 
_refine_hist.cycle_id                         LAST 
_refine_hist.pdbx_number_atoms_protein        801 
_refine_hist.pdbx_number_atoms_nucleic_acid   0 
_refine_hist.pdbx_number_atoms_ligand         172 
_refine_hist.number_atoms_solvent             247 
_refine_hist.number_atoms_total               1220 
_refine_hist.d_res_high                       1.8 
_refine_hist.d_res_low                        10 
# 
_struct.entry_id                  2FFN 
_struct.title                     'The E41Q mutant of tetraheme cytochrome c3 from Desulfovibrio Vulgaris Miyazaki F' 
_struct.pdbx_model_details        ? 
_struct.pdbx_CASP_flag            ? 
_struct.pdbx_model_type_details   ? 
# 
_struct_keywords.entry_id        2FFN 
_struct_keywords.pdbx_keywords   'ELECTRON TRANSPORT' 
_struct_keywords.text            'cytochrome c3, ELECTRON TRANSPORT' 
# 
loop_
_struct_asym.id 
_struct_asym.pdbx_blank_PDB_chainid_flag 
_struct_asym.pdbx_modified 
_struct_asym.entity_id 
_struct_asym.details 
A N N 1 ? 
B N N 2 ? 
C N N 2 ? 
D N N 2 ? 
E N N 2 ? 
F N N 3 ? 
# 
_struct_ref.id                         1 
_struct_ref.db_name                    UNP 
_struct_ref.db_code                    CYC3_DESVM 
_struct_ref.pdbx_db_accession          P00132 
_struct_ref.entity_id                  1 
_struct_ref.pdbx_align_begin           24 
_struct_ref.pdbx_db_isoform            ? 
_struct_ref.pdbx_seq_one_letter_code   ? 
# 
_struct_ref_seq.align_id                      1 
_struct_ref_seq.ref_id                        1 
_struct_ref_seq.pdbx_PDB_id_code              2FFN 
_struct_ref_seq.pdbx_strand_id                A 
_struct_ref_seq.seq_align_beg                 1 
_struct_ref_seq.pdbx_seq_align_beg_ins_code   ? 
_struct_ref_seq.seq_align_end                 107 
_struct_ref_seq.pdbx_seq_align_end_ins_code   ? 
_struct_ref_seq.pdbx_db_accession             P00132 
_struct_ref_seq.db_align_beg                  24 
_struct_ref_seq.pdbx_db_align_beg_ins_code    ? 
_struct_ref_seq.db_align_end                  130 
_struct_ref_seq.pdbx_db_align_end_ins_code    ? 
_struct_ref_seq.pdbx_auth_seq_align_beg       1 
_struct_ref_seq.pdbx_auth_seq_align_end       107 
# 
_pdbx_struct_assembly.id                   1 
_pdbx_struct_assembly.details              author_defined_assembly 
_pdbx_struct_assembly.method_details       ? 
_pdbx_struct_assembly.oligomeric_details   monomeric 
_pdbx_struct_assembly.oligomeric_count     1 
# 
_pdbx_struct_assembly_gen.assembly_id       1 
_pdbx_struct_assembly_gen.oper_expression   1 
_pdbx_struct_assembly_gen.asym_id_list      A,B,C,D,E,F 
# 
_pdbx_struct_oper_list.id                   1 
_pdbx_struct_oper_list.type                 'identity operation' 
_pdbx_struct_oper_list.name                 1_555 
_pdbx_struct_oper_list.symmetry_operation   x,y,z 
_pdbx_struct_oper_list.matrix[1][1]         1.0000000000 
_pdbx_struct_oper_list.matrix[1][2]         0.0000000000 
_pdbx_struct_oper_list.matrix[1][3]         0.0000000000 
_pdbx_struct_oper_list.vector[1]            0.0000000000 
_pdbx_struct_oper_list.matrix[2][1]         0.0000000000 
_pdbx_struct_oper_list.matrix[2][2]         1.0000000000 
_pdbx_struct_oper_list.matrix[2][3]         0.0000000000 
_pdbx_struct_oper_list.vector[2]            0.0000000000 
_pdbx_struct_oper_list.matrix[3][1]         0.0000000000 
_pdbx_struct_oper_list.matrix[3][2]         0.0000000000 
_pdbx_struct_oper_list.matrix[3][3]         1.0000000000 
_pdbx_struct_oper_list.vector[3]            0.0000000000 
# 
loop_
_struct_conf.conf_type_id 
_struct_conf.id 
_struct_conf.pdbx_PDB_helix_id 
_struct_conf.beg_label_comp_id 
_struct_conf.beg_label_asym_id 
_struct_conf.beg_label_seq_id 
_struct_conf.pdbx_beg_PDB_ins_code 
_struct_conf.end_label_comp_id 
_struct_conf.end_label_asym_id 
_struct_conf.end_label_seq_id 
_struct_conf.pdbx_end_PDB_ins_code 
_struct_conf.beg_auth_comp_id 
_struct_conf.beg_auth_asym_id 
_struct_conf.beg_auth_seq_id 
_struct_conf.end_auth_comp_id 
_struct_conf.end_auth_asym_id 
_struct_conf.end_auth_seq_id 
_struct_conf.pdbx_PDB_helix_class 
_struct_conf.details 
_struct_conf.pdbx_PDB_helix_length 
HELX_P HELX_P1 1 ASN A 21 ? LYS A 26 ? ASN A 21 LYS A 26 5 ? 6  
HELX_P HELX_P2 2 LYS A 29 ? HIS A 34 ? LYS A 29 HIS A 34 1 ? 6  
HELX_P HELX_P3 3 GLY A 64 ? ASP A 71 ? GLY A 64 ASP A 71 1 ? 8  
HELX_P HELX_P4 4 SER A 78 ? GLY A 88 ? SER A 78 GLY A 88 1 ? 11 
HELX_P HELX_P5 5 ASP A 90 ? GLY A 99 ? ASP A 90 GLY A 99 1 ? 10 
# 
_struct_conf_type.id          HELX_P 
_struct_conf_type.criteria    ? 
_struct_conf_type.reference   ? 
# 
loop_
_struct_conn.id 
_struct_conn.conn_type_id 
_struct_conn.pdbx_leaving_atom_flag 
_struct_conn.pdbx_PDB_id 
_struct_conn.ptnr1_label_asym_id 
_struct_conn.ptnr1_label_comp_id 
_struct_conn.ptnr1_label_seq_id 
_struct_conn.ptnr1_label_atom_id 
_struct_conn.pdbx_ptnr1_label_alt_id 
_struct_conn.pdbx_ptnr1_PDB_ins_code 
_struct_conn.pdbx_ptnr1_standard_comp_id 
_struct_conn.ptnr1_symmetry 
_struct_conn.ptnr2_label_asym_id 
_struct_conn.ptnr2_label_comp_id 
_struct_conn.ptnr2_label_seq_id 
_struct_conn.ptnr2_label_atom_id 
_struct_conn.pdbx_ptnr2_label_alt_id 
_struct_conn.pdbx_ptnr2_PDB_ins_code 
_struct_conn.ptnr1_auth_asym_id 
_struct_conn.ptnr1_auth_comp_id 
_struct_conn.ptnr1_auth_seq_id 
_struct_conn.ptnr2_auth_asym_id 
_struct_conn.ptnr2_auth_comp_id 
_struct_conn.ptnr2_auth_seq_id 
_struct_conn.ptnr2_symmetry 
_struct_conn.pdbx_ptnr3_label_atom_id 
_struct_conn.pdbx_ptnr3_label_seq_id 
_struct_conn.pdbx_ptnr3_label_comp_id 
_struct_conn.pdbx_ptnr3_label_asym_id 
_struct_conn.pdbx_ptnr3_label_alt_id 
_struct_conn.pdbx_ptnr3_PDB_ins_code 
_struct_conn.details 
_struct_conn.pdbx_dist_value 
_struct_conn.pdbx_value_order 
_struct_conn.pdbx_role 
covale1 covale none ? A CYS 30  SG  ? ? ? 1_555 D HEM . CAB ? ? A CYS 30  A HEM 1001 1_555 ? ? ? ? ? ? ? 1.847 ? ? 
covale2 covale none ? A CYS 33  SG  ? ? ? 1_555 D HEM . CAC ? ? A CYS 33  A HEM 1001 1_555 ? ? ? ? ? ? ? 1.843 ? ? 
covale3 covale none ? A CYS 46  SG  ? ? ? 1_555 C HEM . CAB ? ? A CYS 46  A HEM 1002 1_555 ? ? ? ? ? ? ? 1.843 ? ? 
covale4 covale none ? A CYS 51  SG  ? ? ? 1_555 C HEM . CAC ? ? A CYS 51  A HEM 1002 1_555 ? ? ? ? ? ? ? 1.839 ? ? 
covale5 covale none ? A CYS 79  SG  ? ? ? 1_555 E HEM . CAB ? ? A CYS 79  A HEM 1003 1_555 ? ? ? ? ? ? ? 1.827 ? ? 
covale6 covale none ? A CYS 82  SG  ? ? ? 1_555 E HEM . CAC ? ? A CYS 82  A HEM 1003 1_555 ? ? ? ? ? ? ? 1.819 ? ? 
covale7 covale none ? A CYS 100 SG  ? ? ? 1_555 B HEM . CAB ? ? A CYS 100 A HEM 1004 1_555 ? ? ? ? ? ? ? 1.850 ? ? 
covale8 covale none ? A CYS 105 SG  ? ? ? 1_555 B HEM . CAC ? ? A CYS 105 A HEM 1004 1_555 ? ? ? ? ? ? ? 1.856 ? ? 
metalc1 metalc ?    ? A HIS 22  NE2 ? ? ? 1_555 D HEM . FE  ? ? A HIS 22  A HEM 1001 1_555 ? ? ? ? ? ? ? 1.973 ? ? 
metalc2 metalc ?    ? A HIS 25  NE2 ? ? ? 1_555 E HEM . FE  ? ? A HIS 25  A HEM 1003 1_555 ? ? ? ? ? ? ? 1.980 ? ? 
metalc3 metalc ?    ? A HIS 34  NE2 ? ? ? 1_555 D HEM . FE  ? ? A HIS 34  A HEM 1001 1_555 ? ? ? ? ? ? ? 1.975 ? ? 
metalc4 metalc ?    ? A HIS 35  NE2 ? ? ? 1_555 C HEM . FE  ? ? A HIS 35  A HEM 1002 1_555 ? ? ? ? ? ? ? 1.980 ? ? 
metalc5 metalc ?    ? A HIS 52  NE2 ? ? ? 1_555 C HEM . FE  ? ? A HIS 52  A HEM 1002 1_555 ? ? ? ? ? ? ? 1.978 ? ? 
metalc6 metalc ?    ? A HIS 70  NE2 ? ? ? 1_555 B HEM . FE  ? ? A HIS 70  A HEM 1004 1_555 ? ? ? ? ? ? ? 2.001 ? ? 
metalc7 metalc ?    ? A HIS 83  NE2 ? ? ? 1_555 E HEM . FE  ? ? A HIS 83  A HEM 1003 1_555 ? ? ? ? ? ? ? 1.977 ? ? 
metalc8 metalc ?    ? A HIS 106 NE2 ? ? ? 1_555 B HEM . FE  ? ? A HIS 106 A HEM 1004 1_555 ? ? ? ? ? ? ? 1.992 ? ? 
# 
loop_
_struct_conn_type.id 
_struct_conn_type.criteria 
_struct_conn_type.reference 
covale ? ? 
metalc ? ? 
# 
loop_
_pdbx_struct_conn_angle.id 
_pdbx_struct_conn_angle.ptnr1_label_atom_id 
_pdbx_struct_conn_angle.ptnr1_label_alt_id 
_pdbx_struct_conn_angle.ptnr1_label_asym_id 
_pdbx_struct_conn_angle.ptnr1_label_comp_id 
_pdbx_struct_conn_angle.ptnr1_label_seq_id 
_pdbx_struct_conn_angle.ptnr1_auth_atom_id 
_pdbx_struct_conn_angle.ptnr1_auth_asym_id 
_pdbx_struct_conn_angle.ptnr1_auth_comp_id 
_pdbx_struct_conn_angle.ptnr1_auth_seq_id 
_pdbx_struct_conn_angle.ptnr1_PDB_ins_code 
_pdbx_struct_conn_angle.ptnr1_symmetry 
_pdbx_struct_conn_angle.ptnr2_label_atom_id 
_pdbx_struct_conn_angle.ptnr2_label_alt_id 
_pdbx_struct_conn_angle.ptnr2_label_asym_id 
_pdbx_struct_conn_angle.ptnr2_label_comp_id 
_pdbx_struct_conn_angle.ptnr2_label_seq_id 
_pdbx_struct_conn_angle.ptnr2_auth_atom_id 
_pdbx_struct_conn_angle.ptnr2_auth_asym_id 
_pdbx_struct_conn_angle.ptnr2_auth_comp_id 
_pdbx_struct_conn_angle.ptnr2_auth_seq_id 
_pdbx_struct_conn_angle.ptnr2_PDB_ins_code 
_pdbx_struct_conn_angle.ptnr2_symmetry 
_pdbx_struct_conn_angle.ptnr3_label_atom_id 
_pdbx_struct_conn_angle.ptnr3_label_alt_id 
_pdbx_struct_conn_angle.ptnr3_label_asym_id 
_pdbx_struct_conn_angle.ptnr3_label_comp_id 
_pdbx_struct_conn_angle.ptnr3_label_seq_id 
_pdbx_struct_conn_angle.ptnr3_auth_atom_id 
_pdbx_struct_conn_angle.ptnr3_auth_asym_id 
_pdbx_struct_conn_angle.ptnr3_auth_comp_id 
_pdbx_struct_conn_angle.ptnr3_auth_seq_id 
_pdbx_struct_conn_angle.ptnr3_PDB_ins_code 
_pdbx_struct_conn_angle.ptnr3_symmetry 
_pdbx_struct_conn_angle.value 
_pdbx_struct_conn_angle.value_esd 
1  NE2 ? A HIS 22 ? A HIS 22   ? 1_555 FE ? D HEM . ? A HEM 1001 ? 1_555 NA  ? D HEM .   ? A HEM 1001 ? 1_555 89.7  ? 
2  NE2 ? A HIS 22 ? A HIS 22   ? 1_555 FE ? D HEM . ? A HEM 1001 ? 1_555 NB  ? D HEM .   ? A HEM 1001 ? 1_555 92.5  ? 
3  NA  ? D HEM .  ? A HEM 1001 ? 1_555 FE ? D HEM . ? A HEM 1001 ? 1_555 NB  ? D HEM .   ? A HEM 1001 ? 1_555 90.0  ? 
4  NE2 ? A HIS 22 ? A HIS 22   ? 1_555 FE ? D HEM . ? A HEM 1001 ? 1_555 NC  ? D HEM .   ? A HEM 1001 ? 1_555 92.4  ? 
5  NA  ? D HEM .  ? A HEM 1001 ? 1_555 FE ? D HEM . ? A HEM 1001 ? 1_555 NC  ? D HEM .   ? A HEM 1001 ? 1_555 177.9 ? 
6  NB  ? D HEM .  ? A HEM 1001 ? 1_555 FE ? D HEM . ? A HEM 1001 ? 1_555 NC  ? D HEM .   ? A HEM 1001 ? 1_555 89.9  ? 
7  NE2 ? A HIS 22 ? A HIS 22   ? 1_555 FE ? D HEM . ? A HEM 1001 ? 1_555 ND  ? D HEM .   ? A HEM 1001 ? 1_555 89.8  ? 
8  NA  ? D HEM .  ? A HEM 1001 ? 1_555 FE ? D HEM . ? A HEM 1001 ? 1_555 ND  ? D HEM .   ? A HEM 1001 ? 1_555 89.8  ? 
9  NB  ? D HEM .  ? A HEM 1001 ? 1_555 FE ? D HEM . ? A HEM 1001 ? 1_555 ND  ? D HEM .   ? A HEM 1001 ? 1_555 177.6 ? 
10 NC  ? D HEM .  ? A HEM 1001 ? 1_555 FE ? D HEM . ? A HEM 1001 ? 1_555 ND  ? D HEM .   ? A HEM 1001 ? 1_555 90.2  ? 
11 NE2 ? A HIS 22 ? A HIS 22   ? 1_555 FE ? D HEM . ? A HEM 1001 ? 1_555 NE2 ? A HIS 34  ? A HIS 34   ? 1_555 177.6 ? 
12 NA  ? D HEM .  ? A HEM 1001 ? 1_555 FE ? D HEM . ? A HEM 1001 ? 1_555 NE2 ? A HIS 34  ? A HIS 34   ? 1_555 87.9  ? 
13 NB  ? D HEM .  ? A HEM 1001 ? 1_555 FE ? D HEM . ? A HEM 1001 ? 1_555 NE2 ? A HIS 34  ? A HIS 34   ? 1_555 87.0  ? 
14 NC  ? D HEM .  ? A HEM 1001 ? 1_555 FE ? D HEM . ? A HEM 1001 ? 1_555 NE2 ? A HIS 34  ? A HIS 34   ? 1_555 89.9  ? 
15 ND  ? D HEM .  ? A HEM 1001 ? 1_555 FE ? D HEM . ? A HEM 1001 ? 1_555 NE2 ? A HIS 34  ? A HIS 34   ? 1_555 90.6  ? 
16 NE2 ? A HIS 25 ? A HIS 25   ? 1_555 FE ? E HEM . ? A HEM 1003 ? 1_555 NA  ? E HEM .   ? A HEM 1003 ? 1_555 87.6  ? 
17 NE2 ? A HIS 25 ? A HIS 25   ? 1_555 FE ? E HEM . ? A HEM 1003 ? 1_555 NB  ? E HEM .   ? A HEM 1003 ? 1_555 91.3  ? 
18 NA  ? E HEM .  ? A HEM 1003 ? 1_555 FE ? E HEM . ? A HEM 1003 ? 1_555 NB  ? E HEM .   ? A HEM 1003 ? 1_555 90.6  ? 
19 NE2 ? A HIS 25 ? A HIS 25   ? 1_555 FE ? E HEM . ? A HEM 1003 ? 1_555 NC  ? E HEM .   ? A HEM 1003 ? 1_555 91.3  ? 
20 NA  ? E HEM .  ? A HEM 1003 ? 1_555 FE ? E HEM . ? A HEM 1003 ? 1_555 NC  ? E HEM .   ? A HEM 1003 ? 1_555 178.8 ? 
21 NB  ? E HEM .  ? A HEM 1003 ? 1_555 FE ? E HEM . ? A HEM 1003 ? 1_555 NC  ? E HEM .   ? A HEM 1003 ? 1_555 90.1  ? 
22 NE2 ? A HIS 25 ? A HIS 25   ? 1_555 FE ? E HEM . ? A HEM 1003 ? 1_555 ND  ? E HEM .   ? A HEM 1003 ? 1_555 89.6  ? 
23 NA  ? E HEM .  ? A HEM 1003 ? 1_555 FE ? E HEM . ? A HEM 1003 ? 1_555 ND  ? E HEM .   ? A HEM 1003 ? 1_555 89.9  ? 
24 NB  ? E HEM .  ? A HEM 1003 ? 1_555 FE ? E HEM . ? A HEM 1003 ? 1_555 ND  ? E HEM .   ? A HEM 1003 ? 1_555 178.9 ? 
25 NC  ? E HEM .  ? A HEM 1003 ? 1_555 FE ? E HEM . ? A HEM 1003 ? 1_555 ND  ? E HEM .   ? A HEM 1003 ? 1_555 89.4  ? 
26 NE2 ? A HIS 25 ? A HIS 25   ? 1_555 FE ? E HEM . ? A HEM 1003 ? 1_555 NE2 ? A HIS 83  ? A HIS 83   ? 1_555 174.4 ? 
27 NA  ? E HEM .  ? A HEM 1003 ? 1_555 FE ? E HEM . ? A HEM 1003 ? 1_555 NE2 ? A HIS 83  ? A HIS 83   ? 1_555 89.3  ? 
28 NB  ? E HEM .  ? A HEM 1003 ? 1_555 FE ? E HEM . ? A HEM 1003 ? 1_555 NE2 ? A HIS 83  ? A HIS 83   ? 1_555 93.5  ? 
29 NC  ? E HEM .  ? A HEM 1003 ? 1_555 FE ? E HEM . ? A HEM 1003 ? 1_555 NE2 ? A HIS 83  ? A HIS 83   ? 1_555 91.7  ? 
30 ND  ? E HEM .  ? A HEM 1003 ? 1_555 FE ? E HEM . ? A HEM 1003 ? 1_555 NE2 ? A HIS 83  ? A HIS 83   ? 1_555 85.6  ? 
31 NE2 ? A HIS 35 ? A HIS 35   ? 1_555 FE ? C HEM . ? A HEM 1002 ? 1_555 NA  ? C HEM .   ? A HEM 1002 ? 1_555 91.4  ? 
32 NE2 ? A HIS 35 ? A HIS 35   ? 1_555 FE ? C HEM . ? A HEM 1002 ? 1_555 NB  ? C HEM .   ? A HEM 1002 ? 1_555 94.0  ? 
33 NA  ? C HEM .  ? A HEM 1002 ? 1_555 FE ? C HEM . ? A HEM 1002 ? 1_555 NB  ? C HEM .   ? A HEM 1002 ? 1_555 90.5  ? 
34 NE2 ? A HIS 35 ? A HIS 35   ? 1_555 FE ? C HEM . ? A HEM 1002 ? 1_555 NC  ? C HEM .   ? A HEM 1002 ? 1_555 92.5  ? 
35 NA  ? C HEM .  ? A HEM 1002 ? 1_555 FE ? C HEM . ? A HEM 1002 ? 1_555 NC  ? C HEM .   ? A HEM 1002 ? 1_555 176.1 ? 
36 NB  ? C HEM .  ? A HEM 1002 ? 1_555 FE ? C HEM . ? A HEM 1002 ? 1_555 NC  ? C HEM .   ? A HEM 1002 ? 1_555 89.5  ? 
37 NE2 ? A HIS 35 ? A HIS 35   ? 1_555 FE ? C HEM . ? A HEM 1002 ? 1_555 ND  ? C HEM .   ? A HEM 1002 ? 1_555 90.6  ? 
38 NA  ? C HEM .  ? A HEM 1002 ? 1_555 FE ? C HEM . ? A HEM 1002 ? 1_555 ND  ? C HEM .   ? A HEM 1002 ? 1_555 88.6  ? 
39 NB  ? C HEM .  ? A HEM 1002 ? 1_555 FE ? C HEM . ? A HEM 1002 ? 1_555 ND  ? C HEM .   ? A HEM 1002 ? 1_555 175.3 ? 
40 NC  ? C HEM .  ? A HEM 1002 ? 1_555 FE ? C HEM . ? A HEM 1002 ? 1_555 ND  ? C HEM .   ? A HEM 1002 ? 1_555 91.1  ? 
41 NE2 ? A HIS 35 ? A HIS 35   ? 1_555 FE ? C HEM . ? A HEM 1002 ? 1_555 NE2 ? A HIS 52  ? A HIS 52   ? 1_555 177.4 ? 
42 NA  ? C HEM .  ? A HEM 1002 ? 1_555 FE ? C HEM . ? A HEM 1002 ? 1_555 NE2 ? A HIS 52  ? A HIS 52   ? 1_555 86.0  ? 
43 NB  ? C HEM .  ? A HEM 1002 ? 1_555 FE ? C HEM . ? A HEM 1002 ? 1_555 NE2 ? A HIS 52  ? A HIS 52   ? 1_555 85.5  ? 
44 NC  ? C HEM .  ? A HEM 1002 ? 1_555 FE ? C HEM . ? A HEM 1002 ? 1_555 NE2 ? A HIS 52  ? A HIS 52   ? 1_555 90.0  ? 
45 ND  ? C HEM .  ? A HEM 1002 ? 1_555 FE ? C HEM . ? A HEM 1002 ? 1_555 NE2 ? A HIS 52  ? A HIS 52   ? 1_555 89.8  ? 
46 NE2 ? A HIS 70 ? A HIS 70   ? 1_555 FE ? B HEM . ? A HEM 1004 ? 1_555 NA  ? B HEM .   ? A HEM 1004 ? 1_555 96.4  ? 
47 NE2 ? A HIS 70 ? A HIS 70   ? 1_555 FE ? B HEM . ? A HEM 1004 ? 1_555 NB  ? B HEM .   ? A HEM 1004 ? 1_555 88.1  ? 
48 NA  ? B HEM .  ? A HEM 1004 ? 1_555 FE ? B HEM . ? A HEM 1004 ? 1_555 NB  ? B HEM .   ? A HEM 1004 ? 1_555 91.0  ? 
49 NE2 ? A HIS 70 ? A HIS 70   ? 1_555 FE ? B HEM . ? A HEM 1004 ? 1_555 NC  ? B HEM .   ? A HEM 1004 ? 1_555 88.5  ? 
50 NA  ? B HEM .  ? A HEM 1004 ? 1_555 FE ? B HEM . ? A HEM 1004 ? 1_555 NC  ? B HEM .   ? A HEM 1004 ? 1_555 175.1 ? 
51 NB  ? B HEM .  ? A HEM 1004 ? 1_555 FE ? B HEM . ? A HEM 1004 ? 1_555 NC  ? B HEM .   ? A HEM 1004 ? 1_555 89.8  ? 
52 NE2 ? A HIS 70 ? A HIS 70   ? 1_555 FE ? B HEM . ? A HEM 1004 ? 1_555 ND  ? B HEM .   ? A HEM 1004 ? 1_555 87.3  ? 
53 NA  ? B HEM .  ? A HEM 1004 ? 1_555 FE ? B HEM . ? A HEM 1004 ? 1_555 ND  ? B HEM .   ? A HEM 1004 ? 1_555 90.1  ? 
54 NB  ? B HEM .  ? A HEM 1004 ? 1_555 FE ? B HEM . ? A HEM 1004 ? 1_555 ND  ? B HEM .   ? A HEM 1004 ? 1_555 175.3 ? 
55 NC  ? B HEM .  ? A HEM 1004 ? 1_555 FE ? B HEM . ? A HEM 1004 ? 1_555 ND  ? B HEM .   ? A HEM 1004 ? 1_555 89.5  ? 
56 NE2 ? A HIS 70 ? A HIS 70   ? 1_555 FE ? B HEM . ? A HEM 1004 ? 1_555 NE2 ? A HIS 106 ? A HIS 106  ? 1_555 175.6 ? 
57 NA  ? B HEM .  ? A HEM 1004 ? 1_555 FE ? B HEM . ? A HEM 1004 ? 1_555 NE2 ? A HIS 106 ? A HIS 106  ? 1_555 87.8  ? 
58 NB  ? B HEM .  ? A HEM 1004 ? 1_555 FE ? B HEM . ? A HEM 1004 ? 1_555 NE2 ? A HIS 106 ? A HIS 106  ? 1_555 93.1  ? 
59 NC  ? B HEM .  ? A HEM 1004 ? 1_555 FE ? B HEM . ? A HEM 1004 ? 1_555 NE2 ? A HIS 106 ? A HIS 106  ? 1_555 87.3  ? 
60 ND  ? B HEM .  ? A HEM 1004 ? 1_555 FE ? B HEM . ? A HEM 1004 ? 1_555 NE2 ? A HIS 106 ? A HIS 106  ? 1_555 91.5  ? 
# 
loop_
_pdbx_modification_feature.ordinal 
_pdbx_modification_feature.label_comp_id 
_pdbx_modification_feature.label_asym_id 
_pdbx_modification_feature.label_seq_id 
_pdbx_modification_feature.label_alt_id 
_pdbx_modification_feature.modified_residue_label_comp_id 
_pdbx_modification_feature.modified_residue_label_asym_id 
_pdbx_modification_feature.modified_residue_label_seq_id 
_pdbx_modification_feature.modified_residue_label_alt_id 
_pdbx_modification_feature.auth_comp_id 
_pdbx_modification_feature.auth_asym_id 
_pdbx_modification_feature.auth_seq_id 
_pdbx_modification_feature.PDB_ins_code 
_pdbx_modification_feature.symmetry 
_pdbx_modification_feature.modified_residue_auth_comp_id 
_pdbx_modification_feature.modified_residue_auth_asym_id 
_pdbx_modification_feature.modified_residue_auth_seq_id 
_pdbx_modification_feature.modified_residue_PDB_ins_code 
_pdbx_modification_feature.modified_residue_symmetry 
_pdbx_modification_feature.comp_id_linking_atom 
_pdbx_modification_feature.modified_residue_id_linking_atom 
_pdbx_modification_feature.modified_residue_id 
_pdbx_modification_feature.ref_pcm_id 
_pdbx_modification_feature.ref_comp_id 
_pdbx_modification_feature.type 
_pdbx_modification_feature.category 
1 HEM B . ? CYS A 100 ? HEM A 1004 ? 1_555 CYS A 100 ? 1_555 CAB SG CYS 2 HEM None Heme/heme-like 
2 HEM B . ? CYS A 105 ? HEM A 1004 ? 1_555 CYS A 105 ? 1_555 CAC SG CYS 3 HEM None Heme/heme-like 
3 HEM C . ? CYS A 46  ? HEM A 1002 ? 1_555 CYS A 46  ? 1_555 CAB SG CYS 2 HEM None Heme/heme-like 
4 HEM C . ? CYS A 51  ? HEM A 1002 ? 1_555 CYS A 51  ? 1_555 CAC SG CYS 3 HEM None Heme/heme-like 
5 HEM D . ? CYS A 30  ? HEM A 1001 ? 1_555 CYS A 30  ? 1_555 CAB SG CYS 2 HEM None Heme/heme-like 
6 HEM D . ? CYS A 33  ? HEM A 1001 ? 1_555 CYS A 33  ? 1_555 CAC SG CYS 3 HEM None Heme/heme-like 
7 HEM E . ? CYS A 79  ? HEM A 1003 ? 1_555 CYS A 79  ? 1_555 CAB SG CYS 2 HEM None Heme/heme-like 
8 HEM E . ? CYS A 82  ? HEM A 1003 ? 1_555 CYS A 82  ? 1_555 CAC SG CYS 3 HEM None Heme/heme-like 
# 
loop_
_struct_sheet.id 
_struct_sheet.type 
_struct_sheet.number_strands 
_struct_sheet.details 
A ? 2 ? 
B ? 2 ? 
# 
loop_
_struct_sheet_order.sheet_id 
_struct_sheet_order.range_id_1 
_struct_sheet_order.range_id_2 
_struct_sheet_order.offset 
_struct_sheet_order.sense 
A 1 2 ? anti-parallel 
B 1 2 ? anti-parallel 
# 
loop_
_struct_sheet_range.sheet_id 
_struct_sheet_range.id 
_struct_sheet_range.beg_label_comp_id 
_struct_sheet_range.beg_label_asym_id 
_struct_sheet_range.beg_label_seq_id 
_struct_sheet_range.pdbx_beg_PDB_ins_code 
_struct_sheet_range.end_label_comp_id 
_struct_sheet_range.end_label_asym_id 
_struct_sheet_range.end_label_seq_id 
_struct_sheet_range.pdbx_end_PDB_ins_code 
_struct_sheet_range.beg_auth_comp_id 
_struct_sheet_range.beg_auth_asym_id 
_struct_sheet_range.beg_auth_seq_id 
_struct_sheet_range.end_auth_comp_id 
_struct_sheet_range.end_auth_asym_id 
_struct_sheet_range.end_auth_seq_id 
A 1 LEU A 9  ? MET A 11 ? LEU A 9  MET A 11 
A 2 VAL A 18 ? PHE A 20 ? VAL A 18 PHE A 20 
B 1 PRO A 36 ? VAL A 37 ? PRO A 36 VAL A 37 
B 2 LYS A 40 ? GLU A 41 ? LYS A 40 GLU A 41 
# 
loop_
_pdbx_struct_sheet_hbond.sheet_id 
_pdbx_struct_sheet_hbond.range_id_1 
_pdbx_struct_sheet_hbond.range_id_2 
_pdbx_struct_sheet_hbond.range_1_label_atom_id 
_pdbx_struct_sheet_hbond.range_1_label_comp_id 
_pdbx_struct_sheet_hbond.range_1_label_asym_id 
_pdbx_struct_sheet_hbond.range_1_label_seq_id 
_pdbx_struct_sheet_hbond.range_1_PDB_ins_code 
_pdbx_struct_sheet_hbond.range_1_auth_atom_id 
_pdbx_struct_sheet_hbond.range_1_auth_comp_id 
_pdbx_struct_sheet_hbond.range_1_auth_asym_id 
_pdbx_struct_sheet_hbond.range_1_auth_seq_id 
_pdbx_struct_sheet_hbond.range_2_label_atom_id 
_pdbx_struct_sheet_hbond.range_2_label_comp_id 
_pdbx_struct_sheet_hbond.range_2_label_asym_id 
_pdbx_struct_sheet_hbond.range_2_label_seq_id 
_pdbx_struct_sheet_hbond.range_2_PDB_ins_code 
_pdbx_struct_sheet_hbond.range_2_auth_atom_id 
_pdbx_struct_sheet_hbond.range_2_auth_comp_id 
_pdbx_struct_sheet_hbond.range_2_auth_asym_id 
_pdbx_struct_sheet_hbond.range_2_auth_seq_id 
A 1 2 N LEU A 9  ? N LEU A 9  O PHE A 20 ? O PHE A 20 
B 1 2 N VAL A 37 ? N VAL A 37 O LYS A 40 ? O LYS A 40 
# 
loop_
_struct_site.id 
_struct_site.pdbx_evidence_code 
_struct_site.pdbx_auth_asym_id 
_struct_site.pdbx_auth_comp_id 
_struct_site.pdbx_auth_seq_id 
_struct_site.pdbx_auth_ins_code 
_struct_site.pdbx_num_residues 
_struct_site.details 
AC1 Software A HEM 1004 ? 23 'BINDING SITE FOR RESIDUE HEM A 1004' 
AC2 Software A HEM 1002 ? 16 'BINDING SITE FOR RESIDUE HEM A 1002' 
AC3 Software A HEM 1001 ? 19 'BINDING SITE FOR RESIDUE HEM A 1001' 
AC4 Software A HEM 1003 ? 14 'BINDING SITE FOR RESIDUE HEM A 1003' 
# 
loop_
_struct_site_gen.id 
_struct_site_gen.site_id 
_struct_site_gen.pdbx_num_res 
_struct_site_gen.label_comp_id 
_struct_site_gen.label_asym_id 
_struct_site_gen.label_seq_id 
_struct_site_gen.pdbx_auth_ins_code 
_struct_site_gen.auth_comp_id 
_struct_site_gen.auth_asym_id 
_struct_site_gen.auth_seq_id 
_struct_site_gen.label_atom_id 
_struct_site_gen.label_alt_id 
_struct_site_gen.symmetry 
_struct_site_gen.details 
1  AC1 23 MET A 11  ? MET A 11   . ? 1_555 ? 
2  AC1 23 ASP A 12  ? ASP A 12   . ? 1_555 ? 
3  AC1 23 LYS A 13  ? LYS A 13   . ? 1_555 ? 
4  AC1 23 THR A 14  ? THR A 14   . ? 1_555 ? 
5  AC1 23 GLN A 16  ? GLN A 16   . ? 1_555 ? 
6  AC1 23 PRO A 17  ? PRO A 17   . ? 1_555 ? 
7  AC1 23 VAL A 18  ? VAL A 18   . ? 1_555 ? 
8  AC1 23 GLY A 39  ? GLY A 39   . ? 4_466 ? 
9  AC1 23 TYR A 65  ? TYR A 65   . ? 1_555 ? 
10 AC1 23 TYR A 66  ? TYR A 66   . ? 1_555 ? 
11 AC1 23 MET A 69  ? MET A 69   . ? 1_555 ? 
12 AC1 23 HIS A 70  ? HIS A 70   . ? 1_555 ? 
13 AC1 23 HIS A 83  ? HIS A 83   . ? 1_555 ? 
14 AC1 23 LEU A 97  ? LEU A 97   . ? 1_555 ? 
15 AC1 23 THR A 98  ? THR A 98   . ? 1_555 ? 
16 AC1 23 GLY A 99  ? GLY A 99   . ? 1_555 ? 
17 AC1 23 CYS A 100 ? CYS A 100  . ? 1_555 ? 
18 AC1 23 CYS A 105 ? CYS A 105  . ? 1_555 ? 
19 AC1 23 HIS A 106 ? HIS A 106  . ? 1_555 ? 
20 AC1 23 HOH F .   ? HOH A 1025 . ? 1_555 ? 
21 AC1 23 HOH F .   ? HOH A 1034 . ? 1_555 ? 
22 AC1 23 HOH F .   ? HOH A 1070 . ? 1_555 ? 
23 AC1 23 HOH F .   ? HOH A 1111 . ? 1_555 ? 
24 AC2 16 HIS A 35  ? HIS A 35   . ? 1_555 ? 
25 AC2 16 ASP A 42  ? ASP A 42   . ? 1_555 ? 
26 AC2 16 GLN A 44  ? GLN A 44   . ? 1_555 ? 
27 AC2 16 LYS A 45  ? LYS A 45   . ? 1_555 ? 
28 AC2 16 CYS A 46  ? CYS A 46   . ? 1_555 ? 
29 AC2 16 CYS A 51  ? CYS A 51   . ? 1_555 ? 
30 AC2 16 HIS A 52  ? HIS A 52   . ? 1_555 ? 
31 AC2 16 HIS A 67  ? HIS A 67   . ? 1_555 ? 
32 AC2 16 ALA A 68  ? ALA A 68   . ? 1_555 ? 
33 AC2 16 THR A 74  ? THR A 74   . ? 1_555 ? 
34 AC2 16 LYS A 75  ? LYS A 75   . ? 1_555 ? 
35 AC2 16 PHE A 76  ? PHE A 76   . ? 1_555 ? 
36 AC2 16 HOH F .   ? HOH A 1035 . ? 1_555 ? 
37 AC2 16 HOH F .   ? HOH A 1053 . ? 1_555 ? 
38 AC2 16 HOH F .   ? HOH A 1059 . ? 1_555 ? 
39 AC2 16 HOH F .   ? HOH A 1089 . ? 1_555 ? 
40 AC3 19 PRO A 2   ? PRO A 2    . ? 1_555 ? 
41 AC3 19 LYS A 3   ? LYS A 3    . ? 1_555 ? 
42 AC3 19 PRO A 5   ? PRO A 5    . ? 1_555 ? 
43 AC3 19 MET A 11  ? MET A 11   . ? 1_555 ? 
44 AC3 19 PHE A 20  ? PHE A 20   . ? 1_555 ? 
45 AC3 19 HIS A 22  ? HIS A 22   . ? 1_555 ? 
46 AC3 19 HIS A 25  ? HIS A 25   . ? 1_555 ? 
47 AC3 19 VAL A 28  ? VAL A 28   . ? 1_555 ? 
48 AC3 19 CYS A 30  ? CYS A 30   . ? 1_555 ? 
49 AC3 19 CYS A 33  ? CYS A 33   . ? 1_555 ? 
50 AC3 19 HIS A 34  ? HIS A 34   . ? 1_555 ? 
51 AC3 19 LYS A 45  ? LYS A 45   . ? 1_555 ? 
52 AC3 19 CYS A 46  ? CYS A 46   . ? 1_555 ? 
53 AC3 19 HOH F .   ? HOH A 1007 . ? 1_555 ? 
54 AC3 19 HOH F .   ? HOH A 1020 . ? 1_555 ? 
55 AC3 19 HOH F .   ? HOH A 1069 . ? 1_555 ? 
56 AC3 19 HOH F .   ? HOH A 1087 . ? 1_555 ? 
57 AC3 19 HOH F .   ? HOH A 1144 . ? 1_555 ? 
58 AC3 19 HOH F .   ? HOH A 1199 . ? 1_555 ? 
59 AC4 14 ASN A 21  ? ASN A 21   . ? 1_555 ? 
60 AC4 14 THR A 24  ? THR A 24   . ? 1_555 ? 
61 AC4 14 HIS A 25  ? HIS A 25   . ? 1_555 ? 
62 AC4 14 CYS A 79  ? CYS A 79   . ? 1_555 ? 
63 AC4 14 CYS A 82  ? CYS A 82   . ? 1_555 ? 
64 AC4 14 HIS A 83  ? HIS A 83   . ? 1_555 ? 
65 AC4 14 LYS A 93  ? LYS A 93   . ? 1_555 ? 
66 AC4 14 LEU A 97  ? LEU A 97   . ? 1_555 ? 
67 AC4 14 LYS A 104 ? LYS A 104  . ? 1_555 ? 
68 AC4 14 HOH F .   ? HOH A 1022 . ? 1_555 ? 
69 AC4 14 HOH F .   ? HOH A 1027 . ? 1_555 ? 
70 AC4 14 HOH F .   ? HOH A 1046 . ? 1_555 ? 
71 AC4 14 HOH F .   ? HOH A 1094 . ? 1_555 ? 
72 AC4 14 HOH F .   ? HOH A 1105 . ? 1_555 ? 
# 
_pdbx_entry_details.entry_id                   2FFN 
_pdbx_entry_details.compound_details           ? 
_pdbx_entry_details.source_details             ? 
_pdbx_entry_details.nonpolymer_details         ? 
_pdbx_entry_details.sequence_details           ? 
_pdbx_entry_details.has_ligand_of_interest     ? 
_pdbx_entry_details.has_protein_modification   Y 
# 
loop_
_pdbx_validate_close_contact.id 
_pdbx_validate_close_contact.PDB_model_num 
_pdbx_validate_close_contact.auth_atom_id_1 
_pdbx_validate_close_contact.auth_asym_id_1 
_pdbx_validate_close_contact.auth_comp_id_1 
_pdbx_validate_close_contact.auth_seq_id_1 
_pdbx_validate_close_contact.PDB_ins_code_1 
_pdbx_validate_close_contact.label_alt_id_1 
_pdbx_validate_close_contact.auth_atom_id_2 
_pdbx_validate_close_contact.auth_asym_id_2 
_pdbx_validate_close_contact.auth_comp_id_2 
_pdbx_validate_close_contact.auth_seq_id_2 
_pdbx_validate_close_contact.PDB_ins_code_2 
_pdbx_validate_close_contact.label_alt_id_2 
_pdbx_validate_close_contact.dist 
1 1 SG A CYS 100 ? ? CBB A HEM 1004 ? ? 2.00 
2 1 SG A CYS 30  ? ? CBB A HEM 1001 ? ? 2.03 
# 
_pdbx_validate_rmsd_bond.id                        1 
_pdbx_validate_rmsd_bond.PDB_model_num             1 
_pdbx_validate_rmsd_bond.auth_atom_id_1            CD 
_pdbx_validate_rmsd_bond.auth_asym_id_1            A 
_pdbx_validate_rmsd_bond.auth_comp_id_1            GLU 
_pdbx_validate_rmsd_bond.auth_seq_id_1             41 
_pdbx_validate_rmsd_bond.PDB_ins_code_1            ? 
_pdbx_validate_rmsd_bond.label_alt_id_1            ? 
_pdbx_validate_rmsd_bond.auth_atom_id_2            OE2 
_pdbx_validate_rmsd_bond.auth_asym_id_2            A 
_pdbx_validate_rmsd_bond.auth_comp_id_2            GLU 
_pdbx_validate_rmsd_bond.auth_seq_id_2             41 
_pdbx_validate_rmsd_bond.PDB_ins_code_2            ? 
_pdbx_validate_rmsd_bond.label_alt_id_2            ? 
_pdbx_validate_rmsd_bond.bond_value                1.326 
_pdbx_validate_rmsd_bond.bond_target_value         1.252 
_pdbx_validate_rmsd_bond.bond_deviation            0.074 
_pdbx_validate_rmsd_bond.bond_standard_deviation   0.011 
_pdbx_validate_rmsd_bond.linker_flag               N 
# 
loop_
_pdbx_validate_torsion.id 
_pdbx_validate_torsion.PDB_model_num 
_pdbx_validate_torsion.auth_comp_id 
_pdbx_validate_torsion.auth_asym_id 
_pdbx_validate_torsion.auth_seq_id 
_pdbx_validate_torsion.PDB_ins_code 
_pdbx_validate_torsion.label_alt_id 
_pdbx_validate_torsion.phi 
_pdbx_validate_torsion.psi 
1 1 GLN A 16 ? ? -118.33 68.96   
2 1 CYS A 51 ? ? -103.05 -123.41 
# 
loop_
_pdbx_distant_solvent_atoms.id 
_pdbx_distant_solvent_atoms.PDB_model_num 
_pdbx_distant_solvent_atoms.auth_atom_id 
_pdbx_distant_solvent_atoms.label_alt_id 
_pdbx_distant_solvent_atoms.auth_asym_id 
_pdbx_distant_solvent_atoms.auth_comp_id 
_pdbx_distant_solvent_atoms.auth_seq_id 
_pdbx_distant_solvent_atoms.PDB_ins_code 
_pdbx_distant_solvent_atoms.neighbor_macromolecule_distance 
_pdbx_distant_solvent_atoms.neighbor_ligand_distance 
1 1 O ? A HOH 1212 ? 6.24 . 
2 1 O ? A HOH 1241 ? 6.55 . 
# 
loop_
_chem_comp_atom.comp_id 
_chem_comp_atom.atom_id 
_chem_comp_atom.type_symbol 
_chem_comp_atom.pdbx_aromatic_flag 
_chem_comp_atom.pdbx_stereo_config 
_chem_comp_atom.pdbx_ordinal 
ALA N    N  N N 1   
ALA CA   C  N S 2   
ALA C    C  N N 3   
ALA O    O  N N 4   
ALA CB   C  N N 5   
ALA OXT  O  N N 6   
ALA H    H  N N 7   
ALA H2   H  N N 8   
ALA HA   H  N N 9   
ALA HB1  H  N N 10  
ALA HB2  H  N N 11  
ALA HB3  H  N N 12  
ALA HXT  H  N N 13  
ASN N    N  N N 14  
ASN CA   C  N S 15  
ASN C    C  N N 16  
ASN O    O  N N 17  
ASN CB   C  N N 18  
ASN CG   C  N N 19  
ASN OD1  O  N N 20  
ASN ND2  N  N N 21  
ASN OXT  O  N N 22  
ASN H    H  N N 23  
ASN H2   H  N N 24  
ASN HA   H  N N 25  
ASN HB2  H  N N 26  
ASN HB3  H  N N 27  
ASN HD21 H  N N 28  
ASN HD22 H  N N 29  
ASN HXT  H  N N 30  
ASP N    N  N N 31  
ASP CA   C  N S 32  
ASP C    C  N N 33  
ASP O    O  N N 34  
ASP CB   C  N N 35  
ASP CG   C  N N 36  
ASP OD1  O  N N 37  
ASP OD2  O  N N 38  
ASP OXT  O  N N 39  
ASP H    H  N N 40  
ASP H2   H  N N 41  
ASP HA   H  N N 42  
ASP HB2  H  N N 43  
ASP HB3  H  N N 44  
ASP HD2  H  N N 45  
ASP HXT  H  N N 46  
CYS N    N  N N 47  
CYS CA   C  N R 48  
CYS C    C  N N 49  
CYS O    O  N N 50  
CYS CB   C  N N 51  
CYS SG   S  N N 52  
CYS OXT  O  N N 53  
CYS H    H  N N 54  
CYS H2   H  N N 55  
CYS HA   H  N N 56  
CYS HB2  H  N N 57  
CYS HB3  H  N N 58  
CYS HG   H  N N 59  
CYS HXT  H  N N 60  
GLN N    N  N N 61  
GLN CA   C  N S 62  
GLN C    C  N N 63  
GLN O    O  N N 64  
GLN CB   C  N N 65  
GLN CG   C  N N 66  
GLN CD   C  N N 67  
GLN OE1  O  N N 68  
GLN NE2  N  N N 69  
GLN OXT  O  N N 70  
GLN H    H  N N 71  
GLN H2   H  N N 72  
GLN HA   H  N N 73  
GLN HB2  H  N N 74  
GLN HB3  H  N N 75  
GLN HG2  H  N N 76  
GLN HG3  H  N N 77  
GLN HE21 H  N N 78  
GLN HE22 H  N N 79  
GLN HXT  H  N N 80  
GLU N    N  N N 81  
GLU CA   C  N S 82  
GLU C    C  N N 83  
GLU O    O  N N 84  
GLU CB   C  N N 85  
GLU CG   C  N N 86  
GLU CD   C  N N 87  
GLU OE1  O  N N 88  
GLU OE2  O  N N 89  
GLU OXT  O  N N 90  
GLU H    H  N N 91  
GLU H2   H  N N 92  
GLU HA   H  N N 93  
GLU HB2  H  N N 94  
GLU HB3  H  N N 95  
GLU HG2  H  N N 96  
GLU HG3  H  N N 97  
GLU HE2  H  N N 98  
GLU HXT  H  N N 99  
GLY N    N  N N 100 
GLY CA   C  N N 101 
GLY C    C  N N 102 
GLY O    O  N N 103 
GLY OXT  O  N N 104 
GLY H    H  N N 105 
GLY H2   H  N N 106 
GLY HA2  H  N N 107 
GLY HA3  H  N N 108 
GLY HXT  H  N N 109 
HEM CHA  C  N N 110 
HEM CHB  C  N N 111 
HEM CHC  C  N N 112 
HEM CHD  C  N N 113 
HEM C1A  C  Y N 114 
HEM C2A  C  Y N 115 
HEM C3A  C  Y N 116 
HEM C4A  C  Y N 117 
HEM CMA  C  N N 118 
HEM CAA  C  N N 119 
HEM CBA  C  N N 120 
HEM CGA  C  N N 121 
HEM O1A  O  N N 122 
HEM O2A  O  N N 123 
HEM C1B  C  N N 124 
HEM C2B  C  N N 125 
HEM C3B  C  N N 126 
HEM C4B  C  N N 127 
HEM CMB  C  N N 128 
HEM CAB  C  N N 129 
HEM CBB  C  N N 130 
HEM C1C  C  Y N 131 
HEM C2C  C  Y N 132 
HEM C3C  C  Y N 133 
HEM C4C  C  Y N 134 
HEM CMC  C  N N 135 
HEM CAC  C  N N 136 
HEM CBC  C  N N 137 
HEM C1D  C  N N 138 
HEM C2D  C  N N 139 
HEM C3D  C  N N 140 
HEM C4D  C  N N 141 
HEM CMD  C  N N 142 
HEM CAD  C  N N 143 
HEM CBD  C  N N 144 
HEM CGD  C  N N 145 
HEM O1D  O  N N 146 
HEM O2D  O  N N 147 
HEM NA   N  Y N 148 
HEM NB   N  N N 149 
HEM NC   N  Y N 150 
HEM ND   N  N N 151 
HEM FE   FE N N 152 
HEM HHB  H  N N 153 
HEM HHC  H  N N 154 
HEM HHD  H  N N 155 
HEM HMA  H  N N 156 
HEM HMAA H  N N 157 
HEM HMAB H  N N 158 
HEM HAA  H  N N 159 
HEM HAAA H  N N 160 
HEM HBA  H  N N 161 
HEM HBAA H  N N 162 
HEM HMB  H  N N 163 
HEM HMBA H  N N 164 
HEM HMBB H  N N 165 
HEM HAB  H  N N 166 
HEM HBB  H  N N 167 
HEM HBBA H  N N 168 
HEM HMC  H  N N 169 
HEM HMCA H  N N 170 
HEM HMCB H  N N 171 
HEM HAC  H  N N 172 
HEM HBC  H  N N 173 
HEM HBCA H  N N 174 
HEM HMD  H  N N 175 
HEM HMDA H  N N 176 
HEM HMDB H  N N 177 
HEM HAD  H  N N 178 
HEM HADA H  N N 179 
HEM HBD  H  N N 180 
HEM HBDA H  N N 181 
HEM H2A  H  N N 182 
HEM H2D  H  N N 183 
HEM HHA  H  N N 184 
HIS N    N  N N 185 
HIS CA   C  N S 186 
HIS C    C  N N 187 
HIS O    O  N N 188 
HIS CB   C  N N 189 
HIS CG   C  Y N 190 
HIS ND1  N  Y N 191 
HIS CD2  C  Y N 192 
HIS CE1  C  Y N 193 
HIS NE2  N  Y N 194 
HIS OXT  O  N N 195 
HIS H    H  N N 196 
HIS H2   H  N N 197 
HIS HA   H  N N 198 
HIS HB2  H  N N 199 
HIS HB3  H  N N 200 
HIS HD1  H  N N 201 
HIS HD2  H  N N 202 
HIS HE1  H  N N 203 
HIS HE2  H  N N 204 
HIS HXT  H  N N 205 
HOH O    O  N N 206 
HOH H1   H  N N 207 
HOH H2   H  N N 208 
LEU N    N  N N 209 
LEU CA   C  N S 210 
LEU C    C  N N 211 
LEU O    O  N N 212 
LEU CB   C  N N 213 
LEU CG   C  N N 214 
LEU CD1  C  N N 215 
LEU CD2  C  N N 216 
LEU OXT  O  N N 217 
LEU H    H  N N 218 
LEU H2   H  N N 219 
LEU HA   H  N N 220 
LEU HB2  H  N N 221 
LEU HB3  H  N N 222 
LEU HG   H  N N 223 
LEU HD11 H  N N 224 
LEU HD12 H  N N 225 
LEU HD13 H  N N 226 
LEU HD21 H  N N 227 
LEU HD22 H  N N 228 
LEU HD23 H  N N 229 
LEU HXT  H  N N 230 
LYS N    N  N N 231 
LYS CA   C  N S 232 
LYS C    C  N N 233 
LYS O    O  N N 234 
LYS CB   C  N N 235 
LYS CG   C  N N 236 
LYS CD   C  N N 237 
LYS CE   C  N N 238 
LYS NZ   N  N N 239 
LYS OXT  O  N N 240 
LYS H    H  N N 241 
LYS H2   H  N N 242 
LYS HA   H  N N 243 
LYS HB2  H  N N 244 
LYS HB3  H  N N 245 
LYS HG2  H  N N 246 
LYS HG3  H  N N 247 
LYS HD2  H  N N 248 
LYS HD3  H  N N 249 
LYS HE2  H  N N 250 
LYS HE3  H  N N 251 
LYS HZ1  H  N N 252 
LYS HZ2  H  N N 253 
LYS HZ3  H  N N 254 
LYS HXT  H  N N 255 
MET N    N  N N 256 
MET CA   C  N S 257 
MET C    C  N N 258 
MET O    O  N N 259 
MET CB   C  N N 260 
MET CG   C  N N 261 
MET SD   S  N N 262 
MET CE   C  N N 263 
MET OXT  O  N N 264 
MET H    H  N N 265 
MET H2   H  N N 266 
MET HA   H  N N 267 
MET HB2  H  N N 268 
MET HB3  H  N N 269 
MET HG2  H  N N 270 
MET HG3  H  N N 271 
MET HE1  H  N N 272 
MET HE2  H  N N 273 
MET HE3  H  N N 274 
MET HXT  H  N N 275 
PHE N    N  N N 276 
PHE CA   C  N S 277 
PHE C    C  N N 278 
PHE O    O  N N 279 
PHE CB   C  N N 280 
PHE CG   C  Y N 281 
PHE CD1  C  Y N 282 
PHE CD2  C  Y N 283 
PHE CE1  C  Y N 284 
PHE CE2  C  Y N 285 
PHE CZ   C  Y N 286 
PHE OXT  O  N N 287 
PHE H    H  N N 288 
PHE H2   H  N N 289 
PHE HA   H  N N 290 
PHE HB2  H  N N 291 
PHE HB3  H  N N 292 
PHE HD1  H  N N 293 
PHE HD2  H  N N 294 
PHE HE1  H  N N 295 
PHE HE2  H  N N 296 
PHE HZ   H  N N 297 
PHE HXT  H  N N 298 
PRO N    N  N N 299 
PRO CA   C  N S 300 
PRO C    C  N N 301 
PRO O    O  N N 302 
PRO CB   C  N N 303 
PRO CG   C  N N 304 
PRO CD   C  N N 305 
PRO OXT  O  N N 306 
PRO H    H  N N 307 
PRO HA   H  N N 308 
PRO HB2  H  N N 309 
PRO HB3  H  N N 310 
PRO HG2  H  N N 311 
PRO HG3  H  N N 312 
PRO HD2  H  N N 313 
PRO HD3  H  N N 314 
PRO HXT  H  N N 315 
SER N    N  N N 316 
SER CA   C  N S 317 
SER C    C  N N 318 
SER O    O  N N 319 
SER CB   C  N N 320 
SER OG   O  N N 321 
SER OXT  O  N N 322 
SER H    H  N N 323 
SER H2   H  N N 324 
SER HA   H  N N 325 
SER HB2  H  N N 326 
SER HB3  H  N N 327 
SER HG   H  N N 328 
SER HXT  H  N N 329 
THR N    N  N N 330 
THR CA   C  N S 331 
THR C    C  N N 332 
THR O    O  N N 333 
THR CB   C  N R 334 
THR OG1  O  N N 335 
THR CG2  C  N N 336 
THR OXT  O  N N 337 
THR H    H  N N 338 
THR H2   H  N N 339 
THR HA   H  N N 340 
THR HB   H  N N 341 
THR HG1  H  N N 342 
THR HG21 H  N N 343 
THR HG22 H  N N 344 
THR HG23 H  N N 345 
THR HXT  H  N N 346 
TYR N    N  N N 347 
TYR CA   C  N S 348 
TYR C    C  N N 349 
TYR O    O  N N 350 
TYR CB   C  N N 351 
TYR CG   C  Y N 352 
TYR CD1  C  Y N 353 
TYR CD2  C  Y N 354 
TYR CE1  C  Y N 355 
TYR CE2  C  Y N 356 
TYR CZ   C  Y N 357 
TYR OH   O  N N 358 
TYR OXT  O  N N 359 
TYR H    H  N N 360 
TYR H2   H  N N 361 
TYR HA   H  N N 362 
TYR HB2  H  N N 363 
TYR HB3  H  N N 364 
TYR HD1  H  N N 365 
TYR HD2  H  N N 366 
TYR HE1  H  N N 367 
TYR HE2  H  N N 368 
TYR HH   H  N N 369 
TYR HXT  H  N N 370 
VAL N    N  N N 371 
VAL CA   C  N S 372 
VAL C    C  N N 373 
VAL O    O  N N 374 
VAL CB   C  N N 375 
VAL CG1  C  N N 376 
VAL CG2  C  N N 377 
VAL OXT  O  N N 378 
VAL H    H  N N 379 
VAL H2   H  N N 380 
VAL HA   H  N N 381 
VAL HB   H  N N 382 
VAL HG11 H  N N 383 
VAL HG12 H  N N 384 
VAL HG13 H  N N 385 
VAL HG21 H  N N 386 
VAL HG22 H  N N 387 
VAL HG23 H  N N 388 
VAL HXT  H  N N 389 
# 
loop_
_chem_comp_bond.comp_id 
_chem_comp_bond.atom_id_1 
_chem_comp_bond.atom_id_2 
_chem_comp_bond.value_order 
_chem_comp_bond.pdbx_aromatic_flag 
_chem_comp_bond.pdbx_stereo_config 
_chem_comp_bond.pdbx_ordinal 
ALA N   CA   sing N N 1   
ALA N   H    sing N N 2   
ALA N   H2   sing N N 3   
ALA CA  C    sing N N 4   
ALA CA  CB   sing N N 5   
ALA CA  HA   sing N N 6   
ALA C   O    doub N N 7   
ALA C   OXT  sing N N 8   
ALA CB  HB1  sing N N 9   
ALA CB  HB2  sing N N 10  
ALA CB  HB3  sing N N 11  
ALA OXT HXT  sing N N 12  
ASN N   CA   sing N N 13  
ASN N   H    sing N N 14  
ASN N   H2   sing N N 15  
ASN CA  C    sing N N 16  
ASN CA  CB   sing N N 17  
ASN CA  HA   sing N N 18  
ASN C   O    doub N N 19  
ASN C   OXT  sing N N 20  
ASN CB  CG   sing N N 21  
ASN CB  HB2  sing N N 22  
ASN CB  HB3  sing N N 23  
ASN CG  OD1  doub N N 24  
ASN CG  ND2  sing N N 25  
ASN ND2 HD21 sing N N 26  
ASN ND2 HD22 sing N N 27  
ASN OXT HXT  sing N N 28  
ASP N   CA   sing N N 29  
ASP N   H    sing N N 30  
ASP N   H2   sing N N 31  
ASP CA  C    sing N N 32  
ASP CA  CB   sing N N 33  
ASP CA  HA   sing N N 34  
ASP C   O    doub N N 35  
ASP C   OXT  sing N N 36  
ASP CB  CG   sing N N 37  
ASP CB  HB2  sing N N 38  
ASP CB  HB3  sing N N 39  
ASP CG  OD1  doub N N 40  
ASP CG  OD2  sing N N 41  
ASP OD2 HD2  sing N N 42  
ASP OXT HXT  sing N N 43  
CYS N   CA   sing N N 44  
CYS N   H    sing N N 45  
CYS N   H2   sing N N 46  
CYS CA  C    sing N N 47  
CYS CA  CB   sing N N 48  
CYS CA  HA   sing N N 49  
CYS C   O    doub N N 50  
CYS C   OXT  sing N N 51  
CYS CB  SG   sing N N 52  
CYS CB  HB2  sing N N 53  
CYS CB  HB3  sing N N 54  
CYS SG  HG   sing N N 55  
CYS OXT HXT  sing N N 56  
GLN N   CA   sing N N 57  
GLN N   H    sing N N 58  
GLN N   H2   sing N N 59  
GLN CA  C    sing N N 60  
GLN CA  CB   sing N N 61  
GLN CA  HA   sing N N 62  
GLN C   O    doub N N 63  
GLN C   OXT  sing N N 64  
GLN CB  CG   sing N N 65  
GLN CB  HB2  sing N N 66  
GLN CB  HB3  sing N N 67  
GLN CG  CD   sing N N 68  
GLN CG  HG2  sing N N 69  
GLN CG  HG3  sing N N 70  
GLN CD  OE1  doub N N 71  
GLN CD  NE2  sing N N 72  
GLN NE2 HE21 sing N N 73  
GLN NE2 HE22 sing N N 74  
GLN OXT HXT  sing N N 75  
GLU N   CA   sing N N 76  
GLU N   H    sing N N 77  
GLU N   H2   sing N N 78  
GLU CA  C    sing N N 79  
GLU CA  CB   sing N N 80  
GLU CA  HA   sing N N 81  
GLU C   O    doub N N 82  
GLU C   OXT  sing N N 83  
GLU CB  CG   sing N N 84  
GLU CB  HB2  sing N N 85  
GLU CB  HB3  sing N N 86  
GLU CG  CD   sing N N 87  
GLU CG  HG2  sing N N 88  
GLU CG  HG3  sing N N 89  
GLU CD  OE1  doub N N 90  
GLU CD  OE2  sing N N 91  
GLU OE2 HE2  sing N N 92  
GLU OXT HXT  sing N N 93  
GLY N   CA   sing N N 94  
GLY N   H    sing N N 95  
GLY N   H2   sing N N 96  
GLY CA  C    sing N N 97  
GLY CA  HA2  sing N N 98  
GLY CA  HA3  sing N N 99  
GLY C   O    doub N N 100 
GLY C   OXT  sing N N 101 
GLY OXT HXT  sing N N 102 
HEM CHA C1A  sing N N 103 
HEM CHA C4D  doub N N 104 
HEM CHA HHA  sing N N 105 
HEM CHB C4A  sing N N 106 
HEM CHB C1B  doub N N 107 
HEM CHB HHB  sing N N 108 
HEM CHC C4B  sing N N 109 
HEM CHC C1C  doub N N 110 
HEM CHC HHC  sing N N 111 
HEM CHD C4C  doub N N 112 
HEM CHD C1D  sing N N 113 
HEM CHD HHD  sing N N 114 
HEM C1A C2A  doub Y N 115 
HEM C1A NA   sing Y N 116 
HEM C2A C3A  sing Y N 117 
HEM C2A CAA  sing N N 118 
HEM C3A C4A  doub Y N 119 
HEM C3A CMA  sing N N 120 
HEM C4A NA   sing Y N 121 
HEM CMA HMA  sing N N 122 
HEM CMA HMAA sing N N 123 
HEM CMA HMAB sing N N 124 
HEM CAA CBA  sing N N 125 
HEM CAA HAA  sing N N 126 
HEM CAA HAAA sing N N 127 
HEM CBA CGA  sing N N 128 
HEM CBA HBA  sing N N 129 
HEM CBA HBAA sing N N 130 
HEM CGA O1A  doub N N 131 
HEM CGA O2A  sing N N 132 
HEM C1B C2B  sing N N 133 
HEM C1B NB   sing N N 134 
HEM C2B C3B  doub N N 135 
HEM C2B CMB  sing N N 136 
HEM C3B C4B  sing N N 137 
HEM C3B CAB  sing N N 138 
HEM C4B NB   doub N N 139 
HEM CMB HMB  sing N N 140 
HEM CMB HMBA sing N N 141 
HEM CMB HMBB sing N N 142 
HEM CAB CBB  doub N N 143 
HEM CAB HAB  sing N N 144 
HEM CBB HBB  sing N N 145 
HEM CBB HBBA sing N N 146 
HEM C1C C2C  sing Y N 147 
HEM C1C NC   sing Y N 148 
HEM C2C C3C  doub Y N 149 
HEM C2C CMC  sing N N 150 
HEM C3C C4C  sing Y N 151 
HEM C3C CAC  sing N N 152 
HEM C4C NC   sing Y N 153 
HEM CMC HMC  sing N N 154 
HEM CMC HMCA sing N N 155 
HEM CMC HMCB sing N N 156 
HEM CAC CBC  doub N N 157 
HEM CAC HAC  sing N N 158 
HEM CBC HBC  sing N N 159 
HEM CBC HBCA sing N N 160 
HEM C1D C2D  sing N N 161 
HEM C1D ND   doub N N 162 
HEM C2D C3D  doub N N 163 
HEM C2D CMD  sing N N 164 
HEM C3D C4D  sing N N 165 
HEM C3D CAD  sing N N 166 
HEM C4D ND   sing N N 167 
HEM CMD HMD  sing N N 168 
HEM CMD HMDA sing N N 169 
HEM CMD HMDB sing N N 170 
HEM CAD CBD  sing N N 171 
HEM CAD HAD  sing N N 172 
HEM CAD HADA sing N N 173 
HEM CBD CGD  sing N N 174 
HEM CBD HBD  sing N N 175 
HEM CBD HBDA sing N N 176 
HEM CGD O1D  doub N N 177 
HEM CGD O2D  sing N N 178 
HEM O2A H2A  sing N N 179 
HEM O2D H2D  sing N N 180 
HEM FE  NA   sing N N 181 
HEM FE  NB   sing N N 182 
HEM FE  NC   sing N N 183 
HEM FE  ND   sing N N 184 
HIS N   CA   sing N N 185 
HIS N   H    sing N N 186 
HIS N   H2   sing N N 187 
HIS CA  C    sing N N 188 
HIS CA  CB   sing N N 189 
HIS CA  HA   sing N N 190 
HIS C   O    doub N N 191 
HIS C   OXT  sing N N 192 
HIS CB  CG   sing N N 193 
HIS CB  HB2  sing N N 194 
HIS CB  HB3  sing N N 195 
HIS CG  ND1  sing Y N 196 
HIS CG  CD2  doub Y N 197 
HIS ND1 CE1  doub Y N 198 
HIS ND1 HD1  sing N N 199 
HIS CD2 NE2  sing Y N 200 
HIS CD2 HD2  sing N N 201 
HIS CE1 NE2  sing Y N 202 
HIS CE1 HE1  sing N N 203 
HIS NE2 HE2  sing N N 204 
HIS OXT HXT  sing N N 205 
HOH O   H1   sing N N 206 
HOH O   H2   sing N N 207 
LEU N   CA   sing N N 208 
LEU N   H    sing N N 209 
LEU N   H2   sing N N 210 
LEU CA  C    sing N N 211 
LEU CA  CB   sing N N 212 
LEU CA  HA   sing N N 213 
LEU C   O    doub N N 214 
LEU C   OXT  sing N N 215 
LEU CB  CG   sing N N 216 
LEU CB  HB2  sing N N 217 
LEU CB  HB3  sing N N 218 
LEU CG  CD1  sing N N 219 
LEU CG  CD2  sing N N 220 
LEU CG  HG   sing N N 221 
LEU CD1 HD11 sing N N 222 
LEU CD1 HD12 sing N N 223 
LEU CD1 HD13 sing N N 224 
LEU CD2 HD21 sing N N 225 
LEU CD2 HD22 sing N N 226 
LEU CD2 HD23 sing N N 227 
LEU OXT HXT  sing N N 228 
LYS N   CA   sing N N 229 
LYS N   H    sing N N 230 
LYS N   H2   sing N N 231 
LYS CA  C    sing N N 232 
LYS CA  CB   sing N N 233 
LYS CA  HA   sing N N 234 
LYS C   O    doub N N 235 
LYS C   OXT  sing N N 236 
LYS CB  CG   sing N N 237 
LYS CB  HB2  sing N N 238 
LYS CB  HB3  sing N N 239 
LYS CG  CD   sing N N 240 
LYS CG  HG2  sing N N 241 
LYS CG  HG3  sing N N 242 
LYS CD  CE   sing N N 243 
LYS CD  HD2  sing N N 244 
LYS CD  HD3  sing N N 245 
LYS CE  NZ   sing N N 246 
LYS CE  HE2  sing N N 247 
LYS CE  HE3  sing N N 248 
LYS NZ  HZ1  sing N N 249 
LYS NZ  HZ2  sing N N 250 
LYS NZ  HZ3  sing N N 251 
LYS OXT HXT  sing N N 252 
MET N   CA   sing N N 253 
MET N   H    sing N N 254 
MET N   H2   sing N N 255 
MET CA  C    sing N N 256 
MET CA  CB   sing N N 257 
MET CA  HA   sing N N 258 
MET C   O    doub N N 259 
MET C   OXT  sing N N 260 
MET CB  CG   sing N N 261 
MET CB  HB2  sing N N 262 
MET CB  HB3  sing N N 263 
MET CG  SD   sing N N 264 
MET CG  HG2  sing N N 265 
MET CG  HG3  sing N N 266 
MET SD  CE   sing N N 267 
MET CE  HE1  sing N N 268 
MET CE  HE2  sing N N 269 
MET CE  HE3  sing N N 270 
MET OXT HXT  sing N N 271 
PHE N   CA   sing N N 272 
PHE N   H    sing N N 273 
PHE N   H2   sing N N 274 
PHE CA  C    sing N N 275 
PHE CA  CB   sing N N 276 
PHE CA  HA   sing N N 277 
PHE C   O    doub N N 278 
PHE C   OXT  sing N N 279 
PHE CB  CG   sing N N 280 
PHE CB  HB2  sing N N 281 
PHE CB  HB3  sing N N 282 
PHE CG  CD1  doub Y N 283 
PHE CG  CD2  sing Y N 284 
PHE CD1 CE1  sing Y N 285 
PHE CD1 HD1  sing N N 286 
PHE CD2 CE2  doub Y N 287 
PHE CD2 HD2  sing N N 288 
PHE CE1 CZ   doub Y N 289 
PHE CE1 HE1  sing N N 290 
PHE CE2 CZ   sing Y N 291 
PHE CE2 HE2  sing N N 292 
PHE CZ  HZ   sing N N 293 
PHE OXT HXT  sing N N 294 
PRO N   CA   sing N N 295 
PRO N   CD   sing N N 296 
PRO N   H    sing N N 297 
PRO CA  C    sing N N 298 
PRO CA  CB   sing N N 299 
PRO CA  HA   sing N N 300 
PRO C   O    doub N N 301 
PRO C   OXT  sing N N 302 
PRO CB  CG   sing N N 303 
PRO CB  HB2  sing N N 304 
PRO CB  HB3  sing N N 305 
PRO CG  CD   sing N N 306 
PRO CG  HG2  sing N N 307 
PRO CG  HG3  sing N N 308 
PRO CD  HD2  sing N N 309 
PRO CD  HD3  sing N N 310 
PRO OXT HXT  sing N N 311 
SER N   CA   sing N N 312 
SER N   H    sing N N 313 
SER N   H2   sing N N 314 
SER CA  C    sing N N 315 
SER CA  CB   sing N N 316 
SER CA  HA   sing N N 317 
SER C   O    doub N N 318 
SER C   OXT  sing N N 319 
SER CB  OG   sing N N 320 
SER CB  HB2  sing N N 321 
SER CB  HB3  sing N N 322 
SER OG  HG   sing N N 323 
SER OXT HXT  sing N N 324 
THR N   CA   sing N N 325 
THR N   H    sing N N 326 
THR N   H2   sing N N 327 
THR CA  C    sing N N 328 
THR CA  CB   sing N N 329 
THR CA  HA   sing N N 330 
THR C   O    doub N N 331 
THR C   OXT  sing N N 332 
THR CB  OG1  sing N N 333 
THR CB  CG2  sing N N 334 
THR CB  HB   sing N N 335 
THR OG1 HG1  sing N N 336 
THR CG2 HG21 sing N N 337 
THR CG2 HG22 sing N N 338 
THR CG2 HG23 sing N N 339 
THR OXT HXT  sing N N 340 
TYR N   CA   sing N N 341 
TYR N   H    sing N N 342 
TYR N   H2   sing N N 343 
TYR CA  C    sing N N 344 
TYR CA  CB   sing N N 345 
TYR CA  HA   sing N N 346 
TYR C   O    doub N N 347 
TYR C   OXT  sing N N 348 
TYR CB  CG   sing N N 349 
TYR CB  HB2  sing N N 350 
TYR CB  HB3  sing N N 351 
TYR CG  CD1  doub Y N 352 
TYR CG  CD2  sing Y N 353 
TYR CD1 CE1  sing Y N 354 
TYR CD1 HD1  sing N N 355 
TYR CD2 CE2  doub Y N 356 
TYR CD2 HD2  sing N N 357 
TYR CE1 CZ   doub Y N 358 
TYR CE1 HE1  sing N N 359 
TYR CE2 CZ   sing Y N 360 
TYR CE2 HE2  sing N N 361 
TYR CZ  OH   sing N N 362 
TYR OH  HH   sing N N 363 
TYR OXT HXT  sing N N 364 
VAL N   CA   sing N N 365 
VAL N   H    sing N N 366 
VAL N   H2   sing N N 367 
VAL CA  C    sing N N 368 
VAL CA  CB   sing N N 369 
VAL CA  HA   sing N N 370 
VAL C   O    doub N N 371 
VAL C   OXT  sing N N 372 
VAL CB  CG1  sing N N 373 
VAL CB  CG2  sing N N 374 
VAL CB  HB   sing N N 375 
VAL CG1 HG11 sing N N 376 
VAL CG1 HG12 sing N N 377 
VAL CG1 HG13 sing N N 378 
VAL CG2 HG21 sing N N 379 
VAL CG2 HG22 sing N N 380 
VAL CG2 HG23 sing N N 381 
VAL OXT HXT  sing N N 382 
# 
_atom_sites.entry_id                    2FFN 
_atom_sites.fract_transf_matrix[1][1]   0.00559162 
_atom_sites.fract_transf_matrix[1][2]   -0.01233935 
_atom_sites.fract_transf_matrix[1][3]   0.01361837 
_atom_sites.fract_transf_matrix[2][1]   -0.00838381 
_atom_sites.fract_transf_matrix[2][2]   -0.01052989 
_atom_sites.fract_transf_matrix[2][3]   -0.00609860 
_atom_sites.fract_transf_matrix[3][1]   0.02233351 
_atom_sites.fract_transf_matrix[3][2]   -0.00817875 
_atom_sites.fract_transf_matrix[3][3]   -0.01658061 
_atom_sites.fract_transf_vector[1]      0.587815 
_atom_sites.fract_transf_vector[2]      0.667621 
_atom_sites.fract_transf_vector[3]      0.752884 
# 
loop_
_atom_type.symbol 
C  
FE 
N  
O  
S  
# 
loop_
_atom_site.group_PDB 
_atom_site.id 
_atom_site.type_symbol 
_atom_site.label_atom_id 
_atom_site.label_alt_id 
_atom_site.label_comp_id 
_atom_site.label_asym_id 
_atom_site.label_entity_id 
_atom_site.label_seq_id 
_atom_site.pdbx_PDB_ins_code 
_atom_site.Cartn_x 
_atom_site.Cartn_y 
_atom_site.Cartn_z 
_atom_site.occupancy 
_atom_site.B_iso_or_equiv 
_atom_site.pdbx_formal_charge 
_atom_site.auth_seq_id 
_atom_site.auth_comp_id 
_atom_site.auth_asym_id 
_atom_site.auth_atom_id 
_atom_site.pdbx_PDB_model_num 
ATOM   1    N  N   . ALA A 1 1   ? -3.834  -21.958 -2.223  1.00 54.00 ? 1    ALA A N   1 
ATOM   2    C  CA  . ALA A 1 1   ? -3.806  -20.483 -2.000  1.00 53.36 ? 1    ALA A CA  1 
ATOM   3    C  C   . ALA A 1 1   ? -3.257  -19.763 -3.230  1.00 52.22 ? 1    ALA A C   1 
ATOM   4    O  O   . ALA A 1 1   ? -2.376  -20.278 -3.919  1.00 52.62 ? 1    ALA A O   1 
ATOM   5    C  CB  . ALA A 1 1   ? -2.949  -20.158 -0.780  1.00 53.93 ? 1    ALA A CB  1 
ATOM   6    N  N   . PRO A 1 2   ? -3.780  -18.560 -3.522  1.00 50.62 ? 2    PRO A N   1 
ATOM   7    C  CA  . PRO A 1 2   ? -3.331  -17.774 -4.680  1.00 48.94 ? 2    PRO A CA  1 
ATOM   8    C  C   . PRO A 1 2   ? -1.825  -17.538 -4.677  1.00 46.31 ? 2    PRO A C   1 
ATOM   9    O  O   . PRO A 1 2   ? -1.204  -17.461 -3.618  1.00 46.56 ? 2    PRO A O   1 
ATOM   10   C  CB  . PRO A 1 2   ? -4.116  -16.468 -4.556  1.00 49.87 ? 2    PRO A CB  1 
ATOM   11   C  CG  . PRO A 1 2   ? -5.322  -16.834 -3.757  1.00 50.20 ? 2    PRO A CG  1 
ATOM   12   C  CD  . PRO A 1 2   ? -4.850  -17.871 -2.780  1.00 50.69 ? 2    PRO A CD  1 
ATOM   13   N  N   . LYS A 1 3   ? -1.241  -17.427 -5.864  1.00 43.78 ? 3    LYS A N   1 
ATOM   14   C  CA  . LYS A 1 3   ? 0.187   -17.164 -5.989  1.00 40.29 ? 3    LYS A CA  1 
ATOM   15   C  C   . LYS A 1 3   ? 0.443   -15.678 -6.226  1.00 35.86 ? 3    LYS A C   1 
ATOM   16   O  O   . LYS A 1 3   ? -0.416  -14.969 -6.749  1.00 34.72 ? 3    LYS A O   1 
ATOM   17   C  CB  . LYS A 1 3   ? 0.778   -17.975 -7.145  1.00 43.61 ? 3    LYS A CB  1 
ATOM   18   C  CG  . LYS A 1 3   ? 0.674   -19.482 -6.969  1.00 47.37 ? 3    LYS A CG  1 
ATOM   19   C  CD  . LYS A 1 3   ? 1.477   -20.216 -8.033  1.00 51.01 ? 3    LYS A CD  1 
ATOM   20   C  CE  . LYS A 1 3   ? 1.509   -21.715 -7.771  1.00 52.95 ? 3    LYS A CE  1 
ATOM   21   N  NZ  . LYS A 1 3   ? 2.367   -22.436 -8.756  1.00 54.19 ? 3    LYS A NZ  1 
ATOM   22   N  N   . ALA A 1 4   ? 1.626   -15.213 -5.840  1.00 31.39 ? 4    ALA A N   1 
ATOM   23   C  CA  . ALA A 1 4   ? 2.001   -13.820 -6.049  1.00 27.41 ? 4    ALA A CA  1 
ATOM   24   C  C   . ALA A 1 4   ? 2.240   -13.551 -7.532  1.00 25.52 ? 4    ALA A C   1 
ATOM   25   O  O   . ALA A 1 4   ? 2.911   -14.326 -8.215  1.00 25.08 ? 4    ALA A O   1 
ATOM   26   C  CB  . ALA A 1 4   ? 3.253   -13.495 -5.252  1.00 27.73 ? 4    ALA A CB  1 
ATOM   27   N  N   . PRO A 1 5   ? 1.677   -12.450 -8.052  1.00 22.82 ? 5    PRO A N   1 
ATOM   28   C  CA  . PRO A 1 5   ? 1.848   -12.105 -9.467  1.00 20.47 ? 5    PRO A CA  1 
ATOM   29   C  C   . PRO A 1 5   ? 3.260   -11.609 -9.766  1.00 19.09 ? 5    PRO A C   1 
ATOM   30   O  O   . PRO A 1 5   ? 4.081   -11.458 -8.860  1.00 18.68 ? 5    PRO A O   1 
ATOM   31   C  CB  . PRO A 1 5   ? 0.795   -11.025 -9.705  1.00 21.60 ? 5    PRO A CB  1 
ATOM   32   C  CG  . PRO A 1 5   ? 0.586   -10.408 -8.367  1.00 21.00 ? 5    PRO A CG  1 
ATOM   33   C  CD  . PRO A 1 5   ? 0.764   -11.517 -7.365  1.00 22.93 ? 5    PRO A CD  1 
ATOM   34   N  N   . ALA A 1 6   ? 3.535   -11.359 -11.040 1.00 17.14 ? 6    ALA A N   1 
ATOM   35   C  CA  . ALA A 1 6   ? 4.843   -10.874 -11.455 1.00 16.71 ? 6    ALA A CA  1 
ATOM   36   C  C   . ALA A 1 6   ? 5.100   -9.486  -10.877 1.00 16.57 ? 6    ALA A C   1 
ATOM   37   O  O   . ALA A 1 6   ? 4.160   -8.752  -10.559 1.00 16.09 ? 6    ALA A O   1 
ATOM   38   C  CB  . ALA A 1 6   ? 4.922   -10.831 -12.978 1.00 17.27 ? 6    ALA A CB  1 
ATOM   39   N  N   . ASP A 1 7   ? 6.376   -9.134  -10.738 1.00 15.72 ? 7    ASP A N   1 
ATOM   40   C  CA  . ASP A 1 7   ? 6.761   -7.776  -10.365 1.00 15.67 ? 7    ASP A CA  1 
ATOM   41   C  C   . ASP A 1 7   ? 6.358   -6.797  -11.462 1.00 15.44 ? 7    ASP A C   1 
ATOM   42   O  O   . ASP A 1 7   ? 5.918   -7.206  -12.537 1.00 15.33 ? 7    ASP A O   1 
ATOM   43   C  CB  . ASP A 1 7   ? 8.273   -7.687  -10.146 1.00 15.69 ? 7    ASP A CB  1 
ATOM   44   C  CG  . ASP A 1 7   ? 8.723   -8.385  -8.880  1.00 16.75 ? 7    ASP A CG  1 
ATOM   45   O  OD1 . ASP A 1 7   ? 7.858   -8.741  -8.051  1.00 16.30 ? 7    ASP A OD1 1 
ATOM   46   O  OD2 . ASP A 1 7   ? 9.949   -8.568  -8.716  1.00 17.30 ? 7    ASP A OD2 1 
ATOM   47   N  N   . GLY A 1 8   ? 6.507   -5.506  -11.180 1.00 15.75 ? 8    GLY A N   1 
ATOM   48   C  CA  . GLY A 1 8   ? 6.229   -4.491  -12.180 1.00 15.65 ? 8    GLY A CA  1 
ATOM   49   C  C   . GLY A 1 8   ? 4.754   -4.158  -12.277 1.00 17.26 ? 8    GLY A C   1 
ATOM   50   O  O   . GLY A 1 8   ? 4.308   -3.552  -13.249 1.00 15.82 ? 8    GLY A O   1 
ATOM   51   N  N   . LEU A 1 9   ? 3.994   -4.562  -11.264 1.00 16.88 ? 9    LEU A N   1 
ATOM   52   C  CA  . LEU A 1 9   ? 2.558   -4.309  -11.228 1.00 18.47 ? 9    LEU A CA  1 
ATOM   53   C  C   . LEU A 1 9   ? 2.314   -2.819  -11.020 1.00 16.60 ? 9    LEU A C   1 
ATOM   54   O  O   . LEU A 1 9   ? 2.822   -2.226  -10.071 1.00 17.16 ? 9    LEU A O   1 
ATOM   55   C  CB  . LEU A 1 9   ? 1.930   -5.117  -10.087 1.00 20.37 ? 9    LEU A CB  1 
ATOM   56   C  CG  . LEU A 1 9   ? 0.413   -5.123  -9.909  1.00 23.13 ? 9    LEU A CG  1 
ATOM   57   C  CD1 . LEU A 1 9   ? 0.021   -6.313  -9.047  1.00 23.91 ? 9    LEU A CD1 1 
ATOM   58   C  CD2 . LEU A 1 9   ? -0.050  -3.822  -9.271  1.00 23.20 ? 9    LEU A CD2 1 
ATOM   59   N  N   . LYS A 1 10  ? 1.542   -2.207  -11.908 1.00 16.68 ? 10   LYS A N   1 
ATOM   60   C  CA  . LYS A 1 10  ? 1.275   -0.784  -11.775 1.00 17.32 ? 10   LYS A CA  1 
ATOM   61   C  C   . LYS A 1 10  ? -0.057  -0.527  -11.085 1.00 16.28 ? 10   LYS A C   1 
ATOM   62   O  O   . LYS A 1 10  ? -1.100  -1.007  -11.525 1.00 16.28 ? 10   LYS A O   1 
ATOM   63   C  CB  . LYS A 1 10  ? 1.289   -0.107  -13.148 1.00 20.73 ? 10   LYS A CB  1 
ATOM   64   C  CG  . LYS A 1 10  ? 0.974   1.377   -13.089 1.00 24.24 ? 10   LYS A CG  1 
ATOM   65   C  CD  . LYS A 1 10  ? 0.982   2.002   -14.469 1.00 27.47 ? 10   LYS A CD  1 
ATOM   66   C  CE  . LYS A 1 10  ? 2.399   2.244   -14.958 1.00 28.54 ? 10   LYS A CE  1 
ATOM   67   N  NZ  . LYS A 1 10  ? 2.411   2.951   -16.270 1.00 29.84 ? 10   LYS A NZ  1 
ATOM   68   N  N   . MET A 1 11  ? -0.015  0.224   -9.989  1.00 14.81 ? 11   MET A N   1 
ATOM   69   C  CA  . MET A 1 11  ? -1.231  0.742   -9.376  1.00 13.47 ? 11   MET A CA  1 
ATOM   70   C  C   . MET A 1 11  ? -1.479  2.097   -10.011 1.00 14.40 ? 11   MET A C   1 
ATOM   71   O  O   . MET A 1 11  ? -0.679  3.017   -9.850  1.00 11.88 ? 11   MET A O   1 
ATOM   72   C  CB  . MET A 1 11  ? -1.035  0.888   -7.864  1.00 13.96 ? 11   MET A CB  1 
ATOM   73   C  CG  . MET A 1 11  ? -0.577  -0.413  -7.209  1.00 12.58 ? 11   MET A CG  1 
ATOM   74   S  SD  . MET A 1 11  ? -0.081  -0.319  -5.471  1.00 11.27 ? 11   MET A SD  1 
ATOM   75   C  CE  . MET A 1 11  ? -1.647  -0.098  -4.637  1.00 12.28 ? 11   MET A CE  1 
ATOM   76   N  N   . ASP A 1 12  ? -2.573  2.209   -10.757 1.00 13.51 ? 12   ASP A N   1 
ATOM   77   C  CA  . ASP A 1 12  ? -2.823  3.417   -11.526 1.00 14.68 ? 12   ASP A CA  1 
ATOM   78   C  C   . ASP A 1 12  ? -4.270  3.876   -11.467 1.00 14.24 ? 12   ASP A C   1 
ATOM   79   O  O   . ASP A 1 12  ? -4.869  4.215   -12.490 1.00 13.42 ? 12   ASP A O   1 
ATOM   80   C  CB  . ASP A 1 12  ? -2.401  3.219   -12.985 1.00 15.38 ? 12   ASP A CB  1 
ATOM   81   C  CG  . ASP A 1 12  ? -2.957  1.947   -13.594 1.00 17.08 ? 12   ASP A CG  1 
ATOM   82   O  OD1 . ASP A 1 12  ? -3.968  1.415   -13.085 1.00 17.08 ? 12   ASP A OD1 1 
ATOM   83   O  OD2 . ASP A 1 12  ? -2.378  1.480   -14.599 1.00 20.86 ? 12   ASP A OD2 1 
ATOM   84   N  N   . LYS A 1 13  ? -4.826  3.897   -10.261 1.00 13.32 ? 13   LYS A N   1 
ATOM   85   C  CA  . LYS A 1 13  ? -6.158  4.440   -10.050 1.00 13.24 ? 13   LYS A CA  1 
ATOM   86   C  C   . LYS A 1 13  ? -6.123  5.967   -10.093 1.00 12.29 ? 13   LYS A C   1 
ATOM   87   O  O   . LYS A 1 13  ? -7.153  6.613   -10.277 1.00 11.71 ? 13   LYS A O   1 
ATOM   88   C  CB  . LYS A 1 13  ? -6.703  3.973   -8.697  1.00 15.17 ? 13   LYS A CB  1 
ATOM   89   C  CG  . LYS A 1 13  ? -6.680  2.466   -8.505  1.00 19.48 ? 13   LYS A CG  1 
ATOM   90   C  CD  . LYS A 1 13  ? -8.014  1.824   -8.856  1.00 23.66 ? 13   LYS A CD  1 
ATOM   91   C  CE  . LYS A 1 13  ? -8.227  1.704   -10.351 1.00 27.26 ? 13   LYS A CE  1 
ATOM   92   N  NZ  . LYS A 1 13  ? -9.481  0.951   -10.652 1.00 28.82 ? 13   LYS A NZ  1 
ATOM   93   N  N   . THR A 1 14  ? -4.934  6.535   -9.924  1.00 11.56 ? 14   THR A N   1 
ATOM   94   C  CA  . THR A 1 14  ? -4.785  7.980   -9.761  1.00 12.36 ? 14   THR A CA  1 
ATOM   95   C  C   . THR A 1 14  ? -3.806  8.532   -10.791 1.00 12.98 ? 14   THR A C   1 
ATOM   96   O  O   . THR A 1 14  ? -3.255  7.783   -11.599 1.00 12.36 ? 14   THR A O   1 
ATOM   97   C  CB  . THR A 1 14  ? -4.245  8.330   -8.365  1.00 10.97 ? 14   THR A CB  1 
ATOM   98   O  OG1 . THR A 1 14  ? -2.847  8.015   -8.302  1.00 11.65 ? 14   THR A OG1 1 
ATOM   99   C  CG2 . THR A 1 14  ? -4.992  7.531   -7.299  1.00 11.26 ? 14   THR A CG2 1 
ATOM   100  N  N   . LYS A 1 15  ? -3.586  9.843   -10.760 1.00 14.25 ? 15   LYS A N   1 
ATOM   101  C  CA  . LYS A 1 15  ? -2.637  10.463  -11.675 1.00 15.79 ? 15   LYS A CA  1 
ATOM   102  C  C   . LYS A 1 15  ? -1.196  10.395  -11.170 1.00 15.02 ? 15   LYS A C   1 
ATOM   103  O  O   . LYS A 1 15  ? -0.278  10.863  -11.840 1.00 16.27 ? 15   LYS A O   1 
ATOM   104  C  CB  . LYS A 1 15  ? -3.044  11.914  -11.943 1.00 17.85 ? 15   LYS A CB  1 
ATOM   105  C  CG  . LYS A 1 15  ? -4.378  12.023  -12.662 1.00 21.27 ? 15   LYS A CG  1 
ATOM   106  C  CD  . LYS A 1 15  ? -4.670  13.441  -13.098 1.00 24.24 ? 15   LYS A CD  1 
ATOM   107  C  CE  . LYS A 1 15  ? -5.966  13.519  -13.880 1.00 24.82 ? 15   LYS A CE  1 
ATOM   108  N  NZ  . LYS A 1 15  ? -6.164  14.880  -14.448 1.00 26.12 ? 15   LYS A NZ  1 
ATOM   109  N  N   . GLN A 1 16  ? -1.002  9.804   -9.994  1.00 14.83 ? 16   GLN A N   1 
ATOM   110  C  CA  . GLN A 1 16  ? 0.341   9.536   -9.479  1.00 15.66 ? 16   GLN A CA  1 
ATOM   111  C  C   . GLN A 1 16  ? 0.510   8.023   -9.314  1.00 14.03 ? 16   GLN A C   1 
ATOM   112  O  O   . GLN A 1 16  ? 0.597   7.515   -8.196  1.00 12.69 ? 16   GLN A O   1 
ATOM   113  C  CB  . GLN A 1 16  ? 0.541   10.225  -8.125  1.00 17.47 ? 16   GLN A CB  1 
ATOM   114  C  CG  . GLN A 1 16  ? 0.135   11.690  -8.094  1.00 19.90 ? 16   GLN A CG  1 
ATOM   115  C  CD  . GLN A 1 16  ? 0.965   12.551  -9.025  1.00 22.92 ? 16   GLN A CD  1 
ATOM   116  O  OE1 . GLN A 1 16  ? 2.128   12.255  -9.294  1.00 22.97 ? 16   GLN A OE1 1 
ATOM   117  N  NE2 . GLN A 1 16  ? 0.367   13.627  -9.522  1.00 25.18 ? 16   GLN A NE2 1 
ATOM   118  N  N   . PRO A 1 17  ? 0.565   7.285   -10.432 1.00 13.77 ? 17   PRO A N   1 
ATOM   119  C  CA  . PRO A 1 17  ? 0.718   5.825   -10.398 1.00 13.08 ? 17   PRO A CA  1 
ATOM   120  C  C   . PRO A 1 17  ? 2.018   5.343   -9.763  1.00 12.54 ? 17   PRO A C   1 
ATOM   121  O  O   . PRO A 1 17  ? 3.048   6.005   -9.856  1.00 12.54 ? 17   PRO A O   1 
ATOM   122  C  CB  . PRO A 1 17  ? 0.610   5.421   -11.869 1.00 14.91 ? 17   PRO A CB  1 
ATOM   123  C  CG  . PRO A 1 17  ? 1.073   6.628   -12.615 1.00 16.35 ? 17   PRO A CG  1 
ATOM   124  C  CD  . PRO A 1 17  ? 0.611   7.809   -11.808 1.00 14.70 ? 17   PRO A CD  1 
ATOM   125  N  N   . VAL A 1 18  ? 1.951   4.178   -9.124  1.00 11.83 ? 18   VAL A N   1 
ATOM   126  C  CA  . VAL A 1 18  ? 3.084   3.606   -8.396  1.00 12.71 ? 18   VAL A CA  1 
ATOM   127  C  C   . VAL A 1 18  ? 3.226   2.129   -8.773  1.00 12.94 ? 18   VAL A C   1 
ATOM   128  O  O   . VAL A 1 18  ? 2.228   1.427   -8.934  1.00 12.91 ? 18   VAL A O   1 
ATOM   129  C  CB  . VAL A 1 18  ? 2.865   3.725   -6.868  1.00 12.09 ? 18   VAL A CB  1 
ATOM   130  C  CG1 . VAL A 1 18  ? 4.056   3.153   -6.115  1.00 13.10 ? 18   VAL A CG1 1 
ATOM   131  C  CG2 . VAL A 1 18  ? 2.649   5.192   -6.496  1.00 10.83 ? 18   VAL A CG2 1 
ATOM   132  N  N   . VAL A 1 19  ? 4.461   1.662   -8.920  1.00 12.94 ? 19   VAL A N   1 
ATOM   133  C  CA  . VAL A 1 19  ? 4.704   0.267   -9.281  1.00 13.13 ? 19   VAL A CA  1 
ATOM   134  C  C   . VAL A 1 19  ? 4.971   -0.553  -8.028  1.00 13.01 ? 19   VAL A C   1 
ATOM   135  O  O   . VAL A 1 19  ? 5.757   -0.147  -7.167  1.00 13.94 ? 19   VAL A O   1 
ATOM   136  C  CB  . VAL A 1 19  ? 5.917   0.134   -10.232 1.00 14.20 ? 19   VAL A CB  1 
ATOM   137  C  CG1 . VAL A 1 19  ? 6.163   -1.329  -10.573 1.00 14.62 ? 19   VAL A CG1 1 
ATOM   138  C  CG2 . VAL A 1 19  ? 5.665   0.932   -11.505 1.00 12.79 ? 19   VAL A CG2 1 
ATOM   139  N  N   . PHE A 1 20  ? 4.314   -1.701  -7.924  1.00 11.29 ? 20   PHE A N   1 
ATOM   140  C  CA  . PHE A 1 20  ? 4.507   -2.567  -6.769  1.00 11.68 ? 20   PHE A CA  1 
ATOM   141  C  C   . PHE A 1 20  ? 5.122   -3.901  -7.173  1.00 11.46 ? 20   PHE A C   1 
ATOM   142  O  O   . PHE A 1 20  ? 4.621   -4.588  -8.060  1.00 11.45 ? 20   PHE A O   1 
ATOM   143  C  CB  . PHE A 1 20  ? 3.175   -2.811  -6.054  1.00 11.93 ? 20   PHE A CB  1 
ATOM   144  C  CG  . PHE A 1 20  ? 3.311   -3.694  -4.850  1.00 10.56 ? 20   PHE A CG  1 
ATOM   145  C  CD1 . PHE A 1 20  ? 3.670   -3.160  -3.617  1.00 12.08 ? 20   PHE A CD1 1 
ATOM   146  C  CD2 . PHE A 1 20  ? 3.079   -5.063  -4.947  1.00 11.04 ? 20   PHE A CD2 1 
ATOM   147  C  CE1 . PHE A 1 20  ? 3.857   -3.987  -2.511  1.00 10.36 ? 20   PHE A CE1 1 
ATOM   148  C  CE2 . PHE A 1 20  ? 3.263   -5.896  -3.846  1.00 9.81  ? 20   PHE A CE2 1 
ATOM   149  C  CZ  . PHE A 1 20  ? 3.630   -5.352  -2.622  1.00 10.22 ? 20   PHE A CZ  1 
ATOM   150  N  N   . ASN A 1 21  ? 6.212   -4.260  -6.506  1.00 11.04 ? 21   ASN A N   1 
ATOM   151  C  CA  . ASN A 1 21  ? 6.897   -5.516  -6.764  1.00 11.69 ? 21   ASN A CA  1 
ATOM   152  C  C   . ASN A 1 21  ? 6.711   -6.454  -5.578  1.00 11.61 ? 21   ASN A C   1 
ATOM   153  O  O   . ASN A 1 21  ? 7.134   -6.146  -4.466  1.00 11.45 ? 21   ASN A O   1 
ATOM   154  C  CB  . ASN A 1 21  ? 8.387   -5.254  -6.980  1.00 13.90 ? 21   ASN A CB  1 
ATOM   155  C  CG  . ASN A 1 21  ? 8.647   -4.293  -8.120  1.00 12.60 ? 21   ASN A CG  1 
ATOM   156  O  OD1 . ASN A 1 21  ? 8.232   -4.533  -9.255  1.00 15.03 ? 21   ASN A OD1 1 
ATOM   157  N  ND2 . ASN A 1 21  ? 9.333   -3.195  -7.824  1.00 14.73 ? 21   ASN A ND2 1 
ATOM   158  N  N   . HIS A 1 22  ? 6.084   -7.601  -5.812  1.00 12.29 ? 22   HIS A N   1 
ATOM   159  C  CA  . HIS A 1 22  ? 5.907   -8.568  -4.740  1.00 12.55 ? 22   HIS A CA  1 
ATOM   160  C  C   . HIS A 1 22  ? 7.240   -9.114  -4.241  1.00 12.70 ? 22   HIS A C   1 
ATOM   161  O  O   . HIS A 1 22  ? 7.383   -9.402  -3.056  1.00 11.97 ? 22   HIS A O   1 
ATOM   162  C  CB  . HIS A 1 22  ? 4.997   -9.716  -5.197  1.00 11.50 ? 22   HIS A CB  1 
ATOM   163  C  CG  . HIS A 1 22  ? 3.536   -9.398  -5.090  1.00 10.39 ? 22   HIS A CG  1 
ATOM   164  N  ND1 . HIS A 1 22  ? 2.867   -8.651  -6.039  1.00 12.60 ? 22   HIS A ND1 1 
ATOM   165  C  CD2 . HIS A 1 22  ? 2.632   -9.681  -4.127  1.00 10.83 ? 22   HIS A CD2 1 
ATOM   166  C  CE1 . HIS A 1 22  ? 1.611   -8.488  -5.657  1.00 11.74 ? 22   HIS A CE1 1 
ATOM   167  N  NE2 . HIS A 1 22  ? 1.441   -9.101  -4.501  1.00 10.96 ? 22   HIS A NE2 1 
ATOM   168  N  N   . SER A 1 23  ? 8.219   -9.239  -5.134  1.00 14.51 ? 23   SER A N   1 
ATOM   169  C  CA  . SER A 1 23  ? 9.480   -9.892  -4.778  1.00 14.37 ? 23   SER A CA  1 
ATOM   170  C  C   . SER A 1 23  ? 10.245  -9.186  -3.658  1.00 16.00 ? 23   SER A C   1 
ATOM   171  O  O   . SER A 1 23  ? 10.952  -9.832  -2.886  1.00 17.46 ? 23   SER A O   1 
ATOM   172  C  CB  . SER A 1 23  ? 10.384  -10.030 -6.012  1.00 15.13 ? 23   SER A CB  1 
ATOM   173  O  OG  . SER A 1 23  ? 10.919  -8.786  -6.415  1.00 14.62 ? 23   SER A OG  1 
ATOM   174  N  N   . THR A 1 24  ? 10.108  -7.868  -3.558  1.00 15.55 ? 24   THR A N   1 
ATOM   175  C  CA  . THR A 1 24  ? 10.804  -7.133  -2.507  1.00 14.94 ? 24   THR A CA  1 
ATOM   176  C  C   . THR A 1 24  ? 10.023  -7.113  -1.196  1.00 15.16 ? 24   THR A C   1 
ATOM   177  O  O   . THR A 1 24  ? 10.496  -6.583  -0.189  1.00 14.49 ? 24   THR A O   1 
ATOM   178  C  CB  . THR A 1 24  ? 11.109  -5.684  -2.941  1.00 16.18 ? 24   THR A CB  1 
ATOM   179  O  OG1 . THR A 1 24  ? 9.899   -5.027  -3.341  1.00 15.05 ? 24   THR A OG1 1 
ATOM   180  C  CG2 . THR A 1 24  ? 12.091  -5.682  -4.100  1.00 15.40 ? 24   THR A CG2 1 
ATOM   181  N  N   . HIS A 1 25  ? 8.830   -7.699  -1.211  1.00 14.40 ? 25   HIS A N   1 
ATOM   182  C  CA  . HIS A 1 25  ? 7.968   -7.716  -0.033  1.00 14.67 ? 25   HIS A CA  1 
ATOM   183  C  C   . HIS A 1 25  ? 7.711   -9.135  0.488   1.00 15.62 ? 25   HIS A C   1 
ATOM   184  O  O   . HIS A 1 25  ? 6.735   -9.376  1.196   1.00 14.16 ? 25   HIS A O   1 
ATOM   185  C  CB  . HIS A 1 25  ? 6.638   -7.017  -0.359  1.00 13.81 ? 25   HIS A CB  1 
ATOM   186  C  CG  . HIS A 1 25  ? 6.774   -5.545  -0.581  1.00 12.99 ? 25   HIS A CG  1 
ATOM   187  N  ND1 . HIS A 1 25  ? 7.070   -4.996  -1.808  1.00 13.00 ? 25   HIS A ND1 1 
ATOM   188  C  CD2 . HIS A 1 25  ? 6.675   -4.497  0.281   1.00 12.61 ? 25   HIS A CD2 1 
ATOM   189  C  CE1 . HIS A 1 25  ? 7.150   -3.682  -1.699  1.00 12.26 ? 25   HIS A CE1 1 
ATOM   190  N  NE2 . HIS A 1 25  ? 6.914   -3.356  -0.440  1.00 11.34 ? 25   HIS A NE2 1 
ATOM   191  N  N   . LYS A 1 26  ? 8.597   -10.068 0.146   1.00 18.07 ? 26   LYS A N   1 
ATOM   192  C  CA  . LYS A 1 26  ? 8.422   -11.466 0.534   1.00 21.64 ? 26   LYS A CA  1 
ATOM   193  C  C   . LYS A 1 26  ? 8.486   -11.679 2.041   1.00 20.59 ? 26   LYS A C   1 
ATOM   194  O  O   . LYS A 1 26  ? 7.938   -12.652 2.563   1.00 22.69 ? 26   LYS A O   1 
ATOM   195  C  CB  . LYS A 1 26  ? 9.474   -12.345 -0.144  1.00 24.82 ? 26   LYS A CB  1 
ATOM   196  C  CG  . LYS A 1 26  ? 9.260   -12.523 -1.632  1.00 28.78 ? 26   LYS A CG  1 
ATOM   197  C  CD  . LYS A 1 26  ? 10.206  -13.564 -2.205  1.00 33.73 ? 26   LYS A CD  1 
ATOM   198  C  CE  . LYS A 1 26  ? 10.068  -13.649 -3.717  1.00 37.21 ? 26   LYS A CE  1 
ATOM   199  N  NZ  . LYS A 1 26  ? 10.944  -14.701 -4.303  1.00 39.54 ? 26   LYS A NZ  1 
ATOM   200  N  N   . ALA A 1 27  ? 9.156   -10.769 2.735   1.00 20.63 ? 27   ALA A N   1 
ATOM   201  C  CA  . ALA A 1 27  ? 9.289   -10.853 4.184   1.00 21.50 ? 27   ALA A CA  1 
ATOM   202  C  C   . ALA A 1 27  ? 7.986   -10.464 4.874   1.00 21.65 ? 27   ALA A C   1 
ATOM   203  O  O   . ALA A 1 27  ? 7.846   -10.623 6.086   1.00 23.97 ? 27   ALA A O   1 
ATOM   204  C  CB  . ALA A 1 27  ? 10.422  -9.949  4.655   1.00 21.89 ? 27   ALA A CB  1 
ATOM   205  N  N   . VAL A 1 28  ? 7.036   -9.953  4.098   1.00 19.87 ? 28   VAL A N   1 
ATOM   206  C  CA  . VAL A 1 28  ? 5.728   -9.600  4.632   1.00 18.71 ? 28   VAL A CA  1 
ATOM   207  C  C   . VAL A 1 28  ? 4.725   -10.704 4.319   1.00 18.96 ? 28   VAL A C   1 
ATOM   208  O  O   . VAL A 1 28  ? 4.734   -11.282 3.233   1.00 18.28 ? 28   VAL A O   1 
ATOM   209  C  CB  . VAL A 1 28  ? 5.222   -8.265  4.039   1.00 17.71 ? 28   VAL A CB  1 
ATOM   210  C  CG1 . VAL A 1 28  ? 3.884   -7.889  4.656   1.00 17.32 ? 28   VAL A CG1 1 
ATOM   211  C  CG2 . VAL A 1 28  ? 6.248   -7.172  4.287   1.00 17.66 ? 28   VAL A CG2 1 
ATOM   212  N  N   . LYS A 1 29  ? 3.867   -11.005 5.285   1.00 19.47 ? 29   LYS A N   1 
ATOM   213  C  CA  . LYS A 1 29  ? 2.887   -12.069 5.122   1.00 20.09 ? 29   LYS A CA  1 
ATOM   214  C  C   . LYS A 1 29  ? 1.821   -11.616 4.126   1.00 17.49 ? 29   LYS A C   1 
ATOM   215  O  O   . LYS A 1 29  ? 1.390   -10.465 4.161   1.00 16.42 ? 29   LYS A O   1 
ATOM   216  C  CB  . LYS A 1 29  ? 2.254   -12.387 6.478   1.00 24.27 ? 29   LYS A CB  1 
ATOM   217  C  CG  . LYS A 1 29  ? 1.449   -13.667 6.519   1.00 31.04 ? 29   LYS A CG  1 
ATOM   218  C  CD  . LYS A 1 29  ? 1.130   -14.050 7.959   1.00 34.73 ? 29   LYS A CD  1 
ATOM   219  C  CE  . LYS A 1 29  ? 0.086   -15.155 8.022   1.00 37.37 ? 29   LYS A CE  1 
ATOM   220  N  NZ  . LYS A 1 29  ? -1.234  -14.694 7.504   1.00 38.26 ? 29   LYS A NZ  1 
ATOM   221  N  N   . CYS A 1 30  ? 1.404   -12.519 3.239   1.00 15.53 ? 30   CYS A N   1 
ATOM   222  C  CA  . CYS A 1 30  ? 0.409   -12.186 2.215   1.00 15.35 ? 30   CYS A CA  1 
ATOM   223  C  C   . CYS A 1 30  ? -0.786  -11.465 2.825   1.00 15.71 ? 30   CYS A C   1 
ATOM   224  O  O   . CYS A 1 30  ? -1.268  -10.465 2.284   1.00 12.35 ? 30   CYS A O   1 
ATOM   225  C  CB  . CYS A 1 30  ? -0.104  -13.451 1.514   1.00 16.24 ? 30   CYS A CB  1 
ATOM   226  S  SG  . CYS A 1 30  ? 1.135   -14.460 0.640   1.00 17.05 ? 30   CYS A SG  1 
ATOM   227  N  N   . GLY A 1 31  ? -1.264  -11.988 3.949   1.00 15.75 ? 31   GLY A N   1 
ATOM   228  C  CA  . GLY A 1 31  ? -2.472  -11.465 4.562   1.00 15.98 ? 31   GLY A CA  1 
ATOM   229  C  C   . GLY A 1 31  ? -2.310  -10.151 5.305   1.00 16.50 ? 31   GLY A C   1 
ATOM   230  O  O   . GLY A 1 31  ? -3.301  -9.563  5.740   1.00 16.02 ? 31   GLY A O   1 
ATOM   231  N  N   . ASP A 1 32  ? -1.076  -9.681  5.458   1.00 16.51 ? 32   ASP A N   1 
ATOM   232  C  CA  . ASP A 1 32  ? -0.846  -8.358  6.033   1.00 16.78 ? 32   ASP A CA  1 
ATOM   233  C  C   . ASP A 1 32  ? -1.301  -7.256  5.083   1.00 15.20 ? 32   ASP A C   1 
ATOM   234  O  O   . ASP A 1 32  ? -1.609  -6.149  5.515   1.00 15.01 ? 32   ASP A O   1 
ATOM   235  C  CB  . ASP A 1 32  ? 0.637   -8.158  6.362   1.00 18.34 ? 32   ASP A CB  1 
ATOM   236  C  CG  . ASP A 1 32  ? 1.021   -8.754  7.699   1.00 23.60 ? 32   ASP A CG  1 
ATOM   237  O  OD1 . ASP A 1 32  ? 0.211   -9.519  8.261   1.00 25.30 ? 32   ASP A OD1 1 
ATOM   238  O  OD2 . ASP A 1 32  ? 2.131   -8.453  8.186   1.00 23.76 ? 32   ASP A OD2 1 
ATOM   239  N  N   . CYS A 1 33  ? -1.328  -7.561  3.788   1.00 12.56 ? 33   CYS A N   1 
ATOM   240  C  CA  . CYS A 1 33  ? -1.777  -6.601  2.787   1.00 11.73 ? 33   CYS A CA  1 
ATOM   241  C  C   . CYS A 1 33  ? -3.117  -7.012  2.205   1.00 11.13 ? 33   CYS A C   1 
ATOM   242  O  O   . CYS A 1 33  ? -4.038  -6.199  2.105   1.00 9.70  ? 33   CYS A O   1 
ATOM   243  C  CB  . CYS A 1 33  ? -0.747  -6.485  1.663   1.00 12.89 ? 33   CYS A CB  1 
ATOM   244  S  SG  . CYS A 1 33  ? 0.877   -5.885  2.225   1.00 13.27 ? 33   CYS A SG  1 
ATOM   245  N  N   . HIS A 1 34  ? -3.214  -8.279  1.814   1.00 10.34 ? 34   HIS A N   1 
ATOM   246  C  CA  . HIS A 1 34  ? -4.480  -8.852  1.371   1.00 11.26 ? 34   HIS A CA  1 
ATOM   247  C  C   . HIS A 1 34  ? -5.208  -9.365  2.603   1.00 11.19 ? 34   HIS A C   1 
ATOM   248  O  O   . HIS A 1 34  ? -5.298  -10.571 2.848   1.00 12.01 ? 34   HIS A O   1 
ATOM   249  C  CB  . HIS A 1 34  ? -4.217  -9.987  0.385   1.00 11.38 ? 34   HIS A CB  1 
ATOM   250  C  CG  . HIS A 1 34  ? -3.383  -9.575  -0.788  1.00 10.68 ? 34   HIS A CG  1 
ATOM   251  N  ND1 . HIS A 1 34  ? -3.867  -8.762  -1.791  1.00 10.37 ? 34   HIS A ND1 1 
ATOM   252  C  CD2 . HIS A 1 34  ? -2.096  -9.843  -1.104  1.00 10.76 ? 34   HIS A CD2 1 
ATOM   253  C  CE1 . HIS A 1 34  ? -2.907  -8.551  -2.679  1.00 10.39 ? 34   HIS A CE1 1 
ATOM   254  N  NE2 . HIS A 1 34  ? -1.825  -9.194  -2.286  1.00 10.78 ? 34   HIS A NE2 1 
ATOM   255  N  N   . HIS A 1 35  ? -5.724  -8.418  3.374   1.00 10.16 ? 35   HIS A N   1 
ATOM   256  C  CA  . HIS A 1 35  ? -6.153  -8.661  4.738   1.00 10.54 ? 35   HIS A CA  1 
ATOM   257  C  C   . HIS A 1 35  ? -7.522  -9.327  4.792   1.00 11.32 ? 35   HIS A C   1 
ATOM   258  O  O   . HIS A 1 35  ? -8.260  -9.355  3.805   1.00 12.05 ? 35   HIS A O   1 
ATOM   259  C  CB  . HIS A 1 35  ? -6.191  -7.333  5.510   1.00 10.92 ? 35   HIS A CB  1 
ATOM   260  C  CG  . HIS A 1 35  ? -7.135  -6.324  4.928   1.00 9.83  ? 35   HIS A CG  1 
ATOM   261  N  ND1 . HIS A 1 35  ? -8.500  -6.416  5.074   1.00 10.64 ? 35   HIS A ND1 1 
ATOM   262  C  CD2 . HIS A 1 35  ? -6.908  -5.210  4.189   1.00 12.18 ? 35   HIS A CD2 1 
ATOM   263  C  CE1 . HIS A 1 35  ? -9.079  -5.407  4.450   1.00 11.21 ? 35   HIS A CE1 1 
ATOM   264  N  NE2 . HIS A 1 35  ? -8.135  -4.658  3.902   1.00 11.03 ? 35   HIS A NE2 1 
ATOM   265  N  N   . PRO A 1 36  ? -7.873  -9.884  5.956   1.00 10.91 ? 36   PRO A N   1 
ATOM   266  C  CA  . PRO A 1 36  ? -9.176  -10.538 6.098   1.00 11.78 ? 36   PRO A CA  1 
ATOM   267  C  C   . PRO A 1 36  ? -10.312 -9.536  5.908   1.00 11.94 ? 36   PRO A C   1 
ATOM   268  O  O   . PRO A 1 36  ? -10.234 -8.400  6.382   1.00 10.23 ? 36   PRO A O   1 
ATOM   269  C  CB  . PRO A 1 36  ? -9.145  -11.092 7.524   1.00 11.64 ? 36   PRO A CB  1 
ATOM   270  C  CG  . PRO A 1 36  ? -7.686  -11.236 7.839   1.00 11.08 ? 36   PRO A CG  1 
ATOM   271  C  CD  . PRO A 1 36  ? -7.023  -10.088 7.142   1.00 12.65 ? 36   PRO A CD  1 
ATOM   272  N  N   . VAL A 1 37  ? -11.352 -9.964  5.204   1.00 11.68 ? 37   VAL A N   1 
ATOM   273  C  CA  . VAL A 1 37  ? -12.624 -9.258  5.188   1.00 14.06 ? 37   VAL A CA  1 
ATOM   274  C  C   . VAL A 1 37  ? -13.695 -10.316 5.422   1.00 14.54 ? 37   VAL A C   1 
ATOM   275  O  O   . VAL A 1 37  ? -13.704 -11.348 4.752   1.00 15.65 ? 37   VAL A O   1 
ATOM   276  C  CB  . VAL A 1 37  ? -12.873 -8.563  3.825   1.00 15.58 ? 37   VAL A CB  1 
ATOM   277  C  CG1 . VAL A 1 37  ? -14.224 -7.857  3.835   1.00 15.09 ? 37   VAL A CG1 1 
ATOM   278  C  CG2 . VAL A 1 37  ? -11.764 -7.562  3.540   1.00 15.07 ? 37   VAL A CG2 1 
ATOM   279  N  N   . ASN A 1 38  ? -14.575 -10.073 6.388   1.00 15.71 ? 38   ASN A N   1 
ATOM   280  C  CA  . ASN A 1 38  ? -15.566 -11.068 6.780   1.00 16.95 ? 38   ASN A CA  1 
ATOM   281  C  C   . ASN A 1 38  ? -14.902 -12.399 7.112   1.00 17.22 ? 38   ASN A C   1 
ATOM   282  O  O   . ASN A 1 38  ? -15.487 -13.466 6.918   1.00 17.06 ? 38   ASN A O   1 
ATOM   283  C  CB  . ASN A 1 38  ? -16.598 -11.250 5.666   1.00 19.07 ? 38   ASN A CB  1 
ATOM   284  C  CG  . ASN A 1 38  ? -17.486 -10.037 5.504   1.00 21.29 ? 38   ASN A CG  1 
ATOM   285  O  OD1 . ASN A 1 38  ? -17.869 -9.405  6.487   1.00 23.85 ? 38   ASN A OD1 1 
ATOM   286  N  ND2 . ASN A 1 38  ? -17.816 -9.699  4.263   1.00 22.23 ? 38   ASN A ND2 1 
ATOM   287  N  N   . GLY A 1 39  ? -13.669 -12.323 7.602   1.00 16.19 ? 39   GLY A N   1 
ATOM   288  C  CA  . GLY A 1 39  ? -13.002 -13.499 8.130   1.00 17.37 ? 39   GLY A CA  1 
ATOM   289  C  C   . GLY A 1 39  ? -12.122 -14.247 7.148   1.00 17.28 ? 39   GLY A C   1 
ATOM   290  O  O   . GLY A 1 39  ? -11.462 -15.212 7.527   1.00 17.85 ? 39   GLY A O   1 
ATOM   291  N  N   . LYS A 1 40  ? -12.107 -13.816 5.890   1.00 18.64 ? 40   LYS A N   1 
ATOM   292  C  CA  . LYS A 1 40  ? -11.271 -14.462 4.879   1.00 19.22 ? 40   LYS A CA  1 
ATOM   293  C  C   . LYS A 1 40  ? -10.357 -13.450 4.204   1.00 18.80 ? 40   LYS A C   1 
ATOM   294  O  O   . LYS A 1 40  ? -10.779 -12.333 3.895   1.00 17.21 ? 40   LYS A O   1 
ATOM   295  C  CB  . LYS A 1 40  ? -12.139 -15.136 3.815   1.00 23.34 ? 40   LYS A CB  1 
ATOM   296  C  CG  . LYS A 1 40  ? -12.996 -16.278 4.329   1.00 27.55 ? 40   LYS A CG  1 
ATOM   297  C  CD  . LYS A 1 40  ? -13.712 -16.976 3.181   1.00 31.65 ? 40   LYS A CD  1 
ATOM   298  C  CE  . LYS A 1 40  ? -14.600 -18.099 3.696   1.00 34.43 ? 40   LYS A CE  1 
ATOM   299  N  NZ  . LYS A 1 40  ? -15.421 -18.710 2.612   1.00 36.38 ? 40   LYS A NZ  1 
ATOM   300  N  N   . GLU A 1 41  ? -9.106  -13.845 3.971   1.00 18.11 ? 41   GLU A N   1 
ATOM   301  C  CA  . GLU A 1 41  ? -8.160  -12.986 3.266   1.00 18.16 ? 41   GLU A CA  1 
ATOM   302  C  C   . GLU A 1 41  ? -8.710  -12.680 1.886   1.00 17.82 ? 41   GLU A C   1 
ATOM   303  O  O   . GLU A 1 41  ? -9.168  -13.575 1.176   1.00 15.38 ? 41   GLU A O   1 
ATOM   304  C  CB  . GLU A 1 41  ? -6.796  -13.671 3.131   1.00 19.66 ? 41   GLU A CB  1 
ATOM   305  C  CG  . GLU A 1 41  ? -6.110  -13.950 4.456   1.00 22.06 ? 41   GLU A CG  1 
ATOM   306  C  CD  . GLU A 1 41  ? -4.747  -14.598 4.293   1.00 22.18 ? 41   GLU A CD  1 
ATOM   307  O  OE1 . GLU A 1 41  ? -4.441  -15.185 3.253   1.00 24.21 ? 41   GLU A OE1 1 
ATOM   308  O  OE2 . GLU A 1 41  ? -3.922  -14.497 5.325   1.00 22.21 ? 41   GLU A OE2 1 
ATOM   309  N  N   . ASP A 1 42  ? -8.664  -11.410 1.509   1.00 16.89 ? 42   ASP A N   1 
ATOM   310  C  CA  . ASP A 1 42  ? -9.256  -10.979 0.253   1.00 17.63 ? 42   ASP A CA  1 
ATOM   311  C  C   . ASP A 1 42  ? -8.162  -10.546 -0.711  1.00 17.69 ? 42   ASP A C   1 
ATOM   312  O  O   . ASP A 1 42  ? -7.403  -9.622  -0.420  1.00 17.96 ? 42   ASP A O   1 
ATOM   313  C  CB  . ASP A 1 42  ? -10.222 -9.821  0.503   1.00 17.89 ? 42   ASP A CB  1 
ATOM   314  C  CG  . ASP A 1 42  ? -11.282 -9.709  -0.572  1.00 19.14 ? 42   ASP A CG  1 
ATOM   315  O  OD1 . ASP A 1 42  ? -10.932 -9.379  -1.722  1.00 21.11 ? 42   ASP A OD1 1 
ATOM   316  O  OD2 . ASP A 1 42  ? -12.467 -9.957  -0.264  1.00 19.82 ? 42   ASP A OD2 1 
ATOM   317  N  N   . TYR A 1 43  ? -8.083  -11.216 -1.858  1.00 15.56 ? 43   TYR A N   1 
ATOM   318  C  CA  . TYR A 1 43  ? -7.052  -10.909 -2.841  1.00 14.28 ? 43   TYR A CA  1 
ATOM   319  C  C   . TYR A 1 43  ? -7.569  -10.083 -4.013  1.00 14.28 ? 43   TYR A C   1 
ATOM   320  O  O   . TYR A 1 43  ? -6.897  -9.964  -5.037  1.00 13.84 ? 43   TYR A O   1 
ATOM   321  C  CB  . TYR A 1 43  ? -6.418  -12.204 -3.351  1.00 15.41 ? 43   TYR A CB  1 
ATOM   322  C  CG  . TYR A 1 43  ? -5.592  -12.902 -2.298  1.00 16.16 ? 43   TYR A CG  1 
ATOM   323  C  CD1 . TYR A 1 43  ? -4.219  -12.685 -2.206  1.00 16.89 ? 43   TYR A CD1 1 
ATOM   324  C  CD2 . TYR A 1 43  ? -6.187  -13.768 -1.380  1.00 17.65 ? 43   TYR A CD2 1 
ATOM   325  C  CE1 . TYR A 1 43  ? -3.456  -13.308 -1.225  1.00 18.61 ? 43   TYR A CE1 1 
ATOM   326  C  CE2 . TYR A 1 43  ? -5.432  -14.399 -0.391  1.00 18.90 ? 43   TYR A CE2 1 
ATOM   327  C  CZ  . TYR A 1 43  ? -4.068  -14.163 -0.322  1.00 19.00 ? 43   TYR A CZ  1 
ATOM   328  O  OH  . TYR A 1 43  ? -3.312  -14.781 0.646   1.00 20.90 ? 43   TYR A OH  1 
ATOM   329  N  N   . GLN A 1 44  ? -8.757  -9.511  -3.860  1.00 12.93 ? 44   GLN A N   1 
ATOM   330  C  CA  . GLN A 1 44  ? -9.298  -8.614  -4.877  1.00 14.35 ? 44   GLN A CA  1 
ATOM   331  C  C   . GLN A 1 44  ? -8.486  -7.331  -4.917  1.00 13.96 ? 44   GLN A C   1 
ATOM   332  O  O   . GLN A 1 44  ? -7.819  -6.986  -3.942  1.00 14.92 ? 44   GLN A O   1 
ATOM   333  C  CB  . GLN A 1 44  ? -10.755 -8.278  -4.570  1.00 15.40 ? 44   GLN A CB  1 
ATOM   334  C  CG  . GLN A 1 44  ? -11.700 -9.458  -4.709  1.00 18.40 ? 44   GLN A CG  1 
ATOM   335  C  CD  . GLN A 1 44  ? -13.114 -9.100  -4.332  1.00 20.44 ? 44   GLN A CD  1 
ATOM   336  O  OE1 . GLN A 1 44  ? -13.465 -9.082  -3.153  1.00 21.83 ? 44   GLN A OE1 1 
ATOM   337  N  NE2 . GLN A 1 44  ? -13.938 -8.805  -5.331  1.00 18.96 ? 44   GLN A NE2 1 
ATOM   338  N  N   . LYS A 1 45  ? -8.539  -6.627  -6.044  1.00 13.65 ? 45   LYS A N   1 
ATOM   339  C  CA  . LYS A 1 45  ? -7.833  -5.355  -6.152  1.00 13.88 ? 45   LYS A CA  1 
ATOM   340  C  C   . LYS A 1 45  ? -8.309  -4.460  -5.014  1.00 13.08 ? 45   LYS A C   1 
ATOM   341  O  O   . LYS A 1 45  ? -9.474  -4.509  -4.622  1.00 13.16 ? 45   LYS A O   1 
ATOM   342  C  CB  . LYS A 1 45  ? -8.116  -4.705  -7.516  1.00 16.20 ? 45   LYS A CB  1 
ATOM   343  C  CG  . LYS A 1 45  ? -7.647  -5.547  -8.701  1.00 19.78 ? 45   LYS A CG  1 
ATOM   344  C  CD  . LYS A 1 45  ? -7.489  -4.728  -9.978  1.00 22.77 ? 45   LYS A CD  1 
ATOM   345  C  CE  . LYS A 1 45  ? -6.223  -3.877  -9.950  1.00 27.13 ? 45   LYS A CE  1 
ATOM   346  N  NZ  . LYS A 1 45  ? -5.979  -3.153  -11.232 1.00 30.01 ? 45   LYS A NZ  1 
ATOM   347  N  N   . CYS A 1 46  ? -7.397  -3.662  -4.473  1.00 12.29 ? 46   CYS A N   1 
ATOM   348  C  CA  . CYS A 1 46  ? -7.698  -2.853  -3.304  1.00 11.69 ? 46   CYS A CA  1 
ATOM   349  C  C   . CYS A 1 46  ? -8.878  -1.915  -3.534  1.00 11.75 ? 46   CYS A C   1 
ATOM   350  O  O   . CYS A 1 46  ? -9.677  -1.690  -2.625  1.00 11.68 ? 46   CYS A O   1 
ATOM   351  C  CB  . CYS A 1 46  ? -6.477  -2.022  -2.894  1.00 10.35 ? 46   CYS A CB  1 
ATOM   352  S  SG  . CYS A 1 46  ? -4.961  -2.999  -2.682  1.00 11.76 ? 46   CYS A SG  1 
ATOM   353  N  N   . ALA A 1 47  ? -8.976  -1.358  -4.737  1.00 10.19 ? 47   ALA A N   1 
ATOM   354  C  CA  . ALA A 1 47  ? -10.000 -0.364  -5.026  1.00 11.10 ? 47   ALA A CA  1 
ATOM   355  C  C   . ALA A 1 47  ? -11.289 -0.957  -5.598  1.00 11.60 ? 47   ALA A C   1 
ATOM   356  O  O   . ALA A 1 47  ? -12.120 -0.225  -6.135  1.00 11.66 ? 47   ALA A O   1 
ATOM   357  C  CB  . ALA A 1 47  ? -9.445  0.696   -5.976  1.00 11.12 ? 47   ALA A CB  1 
ATOM   358  N  N   . THR A 1 48  ? -11.462 -2.271  -5.469  1.00 12.35 ? 48   THR A N   1 
ATOM   359  C  CA  . THR A 1 48  ? -12.708 -2.926  -5.868  1.00 11.91 ? 48   THR A CA  1 
ATOM   360  C  C   . THR A 1 48  ? -13.899 -2.208  -5.238  1.00 12.46 ? 48   THR A C   1 
ATOM   361  O  O   . THR A 1 48  ? -13.815 -1.724  -4.109  1.00 12.58 ? 48   THR A O   1 
ATOM   362  C  CB  . THR A 1 48  ? -12.725 -4.402  -5.406  1.00 12.05 ? 48   THR A CB  1 
ATOM   363  O  OG1 . THR A 1 48  ? -11.654 -5.113  -6.038  1.00 11.98 ? 48   THR A OG1 1 
ATOM   364  C  CG2 . THR A 1 48  ? -14.045 -5.068  -5.768  1.00 11.33 ? 48   THR A CG2 1 
ATOM   365  N  N   . ALA A 1 49  ? -15.007 -2.142  -5.973  1.00 13.43 ? 49   ALA A N   1 
ATOM   366  C  CA  . ALA A 1 49  ? -16.225 -1.522  -5.461  1.00 13.59 ? 49   ALA A CA  1 
ATOM   367  C  C   . ALA A 1 49  ? -16.574 -2.093  -4.090  1.00 13.44 ? 49   ALA A C   1 
ATOM   368  O  O   . ALA A 1 49  ? -16.553 -3.308  -3.894  1.00 14.47 ? 49   ALA A O   1 
ATOM   369  C  CB  . ALA A 1 49  ? -17.378 -1.756  -6.434  1.00 15.34 ? 49   ALA A CB  1 
ATOM   370  N  N   . GLY A 1 50  ? -16.894 -1.212  -3.148  1.00 13.86 ? 50   GLY A N   1 
ATOM   371  C  CA  . GLY A 1 50  ? -17.239 -1.653  -1.807  1.00 13.65 ? 50   GLY A CA  1 
ATOM   372  C  C   . GLY A 1 50  ? -16.021 -1.815  -0.919  1.00 13.72 ? 50   GLY A C   1 
ATOM   373  O  O   . GLY A 1 50  ? -16.147 -2.009  0.293   1.00 14.85 ? 50   GLY A O   1 
ATOM   374  N  N   . CYS A 1 51  ? -14.839 -1.747  -1.523  1.00 12.64 ? 51   CYS A N   1 
ATOM   375  C  CA  . CYS A 1 51  ? -13.587 -1.808  -0.776  1.00 11.51 ? 51   CYS A CA  1 
ATOM   376  C  C   . CYS A 1 51  ? -12.997 -0.405  -0.661  1.00 11.64 ? 51   CYS A C   1 
ATOM   377  O  O   . CYS A 1 51  ? -13.658 0.502   -0.163  1.00 12.77 ? 51   CYS A O   1 
ATOM   378  C  CB  . CYS A 1 51  ? -12.601 -2.750  -1.477  1.00 9.89  ? 51   CYS A CB  1 
ATOM   379  S  SG  . CYS A 1 51  ? -13.216 -4.467  -1.638  1.00 11.90 ? 51   CYS A SG  1 
ATOM   380  N  N   . HIS A 1 52  ? -11.764 -0.212  -1.118  1.00 11.37 ? 52   HIS A N   1 
ATOM   381  C  CA  . HIS A 1 52  ? -11.168 1.120   -1.062  1.00 11.68 ? 52   HIS A CA  1 
ATOM   382  C  C   . HIS A 1 52  ? -11.415 1.891   -2.352  1.00 12.37 ? 52   HIS A C   1 
ATOM   383  O  O   . HIS A 1 52  ? -10.485 2.218   -3.088  1.00 11.58 ? 52   HIS A O   1 
ATOM   384  C  CB  . HIS A 1 52  ? -9.670  1.014   -0.775  1.00 11.92 ? 52   HIS A CB  1 
ATOM   385  C  CG  . HIS A 1 52  ? -9.361  0.233   0.465   1.00 10.15 ? 52   HIS A CG  1 
ATOM   386  N  ND1 . HIS A 1 52  ? -9.533  0.750   1.732   1.00 10.03 ? 52   HIS A ND1 1 
ATOM   387  C  CD2 . HIS A 1 52  ? -8.956  -1.047  0.629   1.00 8.88  ? 52   HIS A CD2 1 
ATOM   388  C  CE1 . HIS A 1 52  ? -9.249  -0.185  2.624   1.00 10.74 ? 52   HIS A CE1 1 
ATOM   389  N  NE2 . HIS A 1 52  ? -8.898  -1.283  1.982   1.00 10.76 ? 52   HIS A NE2 1 
ATOM   390  N  N   . ASP A 1 53  ? -12.685 2.196   -2.604  1.00 12.83 ? 53   ASP A N   1 
ATOM   391  C  CA  . ASP A 1 53  ? -13.103 2.733   -3.890  1.00 14.09 ? 53   ASP A CA  1 
ATOM   392  C  C   . ASP A 1 53  ? -13.395 4.232   -3.849  1.00 14.98 ? 53   ASP A C   1 
ATOM   393  O  O   . ASP A 1 53  ? -13.825 4.814   -4.846  1.00 15.06 ? 53   ASP A O   1 
ATOM   394  C  CB  . ASP A 1 53  ? -14.333 1.968   -4.406  1.00 14.70 ? 53   ASP A CB  1 
ATOM   395  C  CG  . ASP A 1 53  ? -15.526 2.063   -3.467  1.00 17.78 ? 53   ASP A CG  1 
ATOM   396  O  OD1 . ASP A 1 53  ? -15.412 2.721   -2.411  1.00 15.31 ? 53   ASP A OD1 1 
ATOM   397  O  OD2 . ASP A 1 53  ? -16.587 1.487   -3.790  1.00 17.81 ? 53   ASP A OD2 1 
ATOM   398  N  N   . ASN A 1 54  ? -13.155 4.864   -2.704  1.00 13.68 ? 54   ASN A N   1 
ATOM   399  C  CA  . ASN A 1 54  ? -13.332 6.309   -2.609  1.00 14.05 ? 54   ASN A CA  1 
ATOM   400  C  C   . ASN A 1 54  ? -12.047 7.040   -3.001  1.00 14.42 ? 54   ASN A C   1 
ATOM   401  O  O   . ASN A 1 54  ? -11.069 7.044   -2.254  1.00 13.46 ? 54   ASN A O   1 
ATOM   402  C  CB  . ASN A 1 54  ? -13.747 6.703   -1.185  1.00 15.50 ? 54   ASN A CB  1 
ATOM   403  C  CG  . ASN A 1 54  ? -14.218 8.144   -1.095  1.00 16.90 ? 54   ASN A CG  1 
ATOM   404  O  OD1 . ASN A 1 54  ? -14.027 8.926   -2.025  1.00 19.05 ? 54   ASN A OD1 1 
ATOM   405  N  ND2 . ASN A 1 54  ? -14.842 8.502   0.025   1.00 15.34 ? 54   ASN A ND2 1 
ATOM   406  N  N   . MET A 1 55  ? -12.063 7.662   -4.177  1.00 14.78 ? 55   MET A N   1 
ATOM   407  C  CA  . MET A 1 55  ? -10.889 8.346   -4.714  1.00 14.50 ? 55   MET A CA  1 
ATOM   408  C  C   . MET A 1 55  ? -10.762 9.792   -4.228  1.00 15.23 ? 55   MET A C   1 
ATOM   409  O  O   . MET A 1 55  ? -10.020 10.586  -4.809  1.00 15.21 ? 55   MET A O   1 
ATOM   410  C  CB  . MET A 1 55  ? -10.919 8.321   -6.249  1.00 14.68 ? 55   MET A CB  1 
ATOM   411  C  CG  . MET A 1 55  ? -10.756 6.934   -6.865  1.00 15.50 ? 55   MET A CG  1 
ATOM   412  S  SD  . MET A 1 55  ? -9.148  6.201   -6.446  1.00 16.97 ? 55   MET A SD  1 
ATOM   413  C  CE  . MET A 1 55  ? -9.574  4.470   -6.275  1.00 14.36 ? 55   MET A CE  1 
ATOM   414  N  N   . ASP A 1 56  ? -11.490 10.128  -3.166  1.00 14.10 ? 56   ASP A N   1 
ATOM   415  C  CA  . ASP A 1 56  ? -11.301 11.398  -2.464  1.00 15.66 ? 56   ASP A CA  1 
ATOM   416  C  C   . ASP A 1 56  ? -10.108 11.247  -1.520  1.00 14.05 ? 56   ASP A C   1 
ATOM   417  O  O   . ASP A 1 56  ? -10.212 10.588  -0.488  1.00 13.18 ? 56   ASP A O   1 
ATOM   418  C  CB  . ASP A 1 56  ? -12.565 11.740  -1.660  1.00 15.96 ? 56   ASP A CB  1 
ATOM   419  C  CG  . ASP A 1 56  ? -12.408 12.988  -0.799  1.00 19.70 ? 56   ASP A CG  1 
ATOM   420  O  OD1 . ASP A 1 56  ? -13.330 13.274  -0.003  1.00 22.02 ? 56   ASP A OD1 1 
ATOM   421  O  OD2 . ASP A 1 56  ? -11.375 13.681  -0.903  1.00 17.84 ? 56   ASP A OD2 1 
ATOM   422  N  N   . LYS A 1 57  ? -8.983  11.865  -1.874  1.00 14.03 ? 57   LYS A N   1 
ATOM   423  C  CA  . LYS A 1 57  ? -7.737  11.650  -1.143  1.00 15.47 ? 57   LYS A CA  1 
ATOM   424  C  C   . LYS A 1 57  ? -7.753  12.221  0.273   1.00 15.87 ? 57   LYS A C   1 
ATOM   425  O  O   . LYS A 1 57  ? -6.820  12.000  1.044   1.00 15.38 ? 57   LYS A O   1 
ATOM   426  C  CB  . LYS A 1 57  ? -6.554  12.233  -1.922  1.00 16.39 ? 57   LYS A CB  1 
ATOM   427  C  CG  . LYS A 1 57  ? -6.504  13.750  -1.968  1.00 17.80 ? 57   LYS A CG  1 
ATOM   428  C  CD  . LYS A 1 57  ? -5.226  14.207  -2.652  1.00 20.83 ? 57   LYS A CD  1 
ATOM   429  C  CE  . LYS A 1 57  ? -5.136  15.721  -2.737  1.00 21.56 ? 57   LYS A CE  1 
ATOM   430  N  NZ  . LYS A 1 57  ? -3.993  16.130  -3.599  1.00 22.40 ? 57   LYS A NZ  1 
ATOM   431  N  N   . LYS A 1 58  ? -8.813  12.951  0.612   1.00 16.09 ? 58   LYS A N   1 
ATOM   432  C  CA  . LYS A 1 58  ? -8.974  13.487  1.958   1.00 16.74 ? 58   LYS A CA  1 
ATOM   433  C  C   . LYS A 1 58  ? -9.743  12.544  2.877   1.00 16.20 ? 58   LYS A C   1 
ATOM   434  O  O   . LYS A 1 58  ? -9.738  12.714  4.096   1.00 14.62 ? 58   LYS A O   1 
ATOM   435  C  CB  . LYS A 1 58  ? -9.690  14.842  1.909   1.00 19.68 ? 58   LYS A CB  1 
ATOM   436  C  CG  . LYS A 1 58  ? -8.873  15.958  1.282   1.00 25.16 ? 58   LYS A CG  1 
ATOM   437  C  CD  . LYS A 1 58  ? -9.603  17.291  1.348   1.00 29.74 ? 58   LYS A CD  1 
ATOM   438  C  CE  . LYS A 1 58  ? -8.755  18.412  0.766   1.00 33.62 ? 58   LYS A CE  1 
ATOM   439  N  NZ  . LYS A 1 58  ? -9.408  19.744  0.908   1.00 36.44 ? 58   LYS A NZ  1 
ATOM   440  N  N   . ASP A 1 59  ? -10.412 11.553  2.297   1.00 13.97 ? 59   ASP A N   1 
ATOM   441  C  CA  . ASP A 1 59  ? -11.243 10.653  3.086   1.00 14.45 ? 59   ASP A CA  1 
ATOM   442  C  C   . ASP A 1 59  ? -10.389 9.733   3.944   1.00 13.55 ? 59   ASP A C   1 
ATOM   443  O  O   . ASP A 1 59  ? -9.376  9.210   3.482   1.00 13.27 ? 59   ASP A O   1 
ATOM   444  C  CB  . ASP A 1 59  ? -12.141 9.814   2.177   1.00 15.68 ? 59   ASP A CB  1 
ATOM   445  C  CG  . ASP A 1 59  ? -13.004 8.842   2.956   1.00 17.88 ? 59   ASP A CG  1 
ATOM   446  O  OD1 . ASP A 1 59  ? -13.872 9.303   3.724   1.00 23.04 ? 59   ASP A OD1 1 
ATOM   447  O  OD2 . ASP A 1 59  ? -12.813 7.619   2.806   1.00 18.53 ? 59   ASP A OD2 1 
ATOM   448  N  N   . LYS A 1 60  ? -10.800 9.538   5.195   1.00 13.51 ? 60   LYS A N   1 
ATOM   449  C  CA  . LYS A 1 60  ? -10.072 8.664   6.108   1.00 13.82 ? 60   LYS A CA  1 
ATOM   450  C  C   . LYS A 1 60  ? -10.924 7.469   6.538   1.00 14.00 ? 60   LYS A C   1 
ATOM   451  O  O   . LYS A 1 60  ? -10.616 6.799   7.525   1.00 13.38 ? 60   LYS A O   1 
ATOM   452  C  CB  . LYS A 1 60  ? -9.623  9.445   7.349   1.00 15.53 ? 60   LYS A CB  1 
ATOM   453  C  CG  . LYS A 1 60  ? -8.849  10.734  7.050   1.00 19.23 ? 60   LYS A CG  1 
ATOM   454  C  CD  . LYS A 1 60  ? -7.488  10.460  6.421   1.00 19.57 ? 60   LYS A CD  1 
ATOM   455  C  CE  . LYS A 1 60  ? -6.687  11.750  6.238   1.00 21.23 ? 60   LYS A CE  1 
ATOM   456  N  NZ  . LYS A 1 60  ? -5.469  11.544  5.399   1.00 20.00 ? 60   LYS A NZ  1 
ATOM   457  N  N   . SER A 1 61  ? -11.993 7.198   5.795   1.00 13.54 ? 61   SER A N   1 
ATOM   458  C  CA  . SER A 1 61  ? -12.836 6.048   6.100   1.00 14.70 ? 61   SER A CA  1 
ATOM   459  C  C   . SER A 1 61  ? -12.210 4.762   5.565   1.00 14.22 ? 61   SER A C   1 
ATOM   460  O  O   . SER A 1 61  ? -11.154 4.787   4.935   1.00 13.84 ? 61   SER A O   1 
ATOM   461  C  CB  . SER A 1 61  ? -14.232 6.230   5.498   1.00 13.37 ? 61   SER A CB  1 
ATOM   462  O  OG  . SER A 1 61  ? -14.247 5.919   4.117   1.00 13.32 ? 61   SER A OG  1 
ATOM   463  N  N   . ALA A 1 62  ? -12.871 3.640   5.820   1.00 15.11 ? 62   ALA A N   1 
ATOM   464  C  CA  . ALA A 1 62  ? -12.376 2.343   5.376   1.00 14.23 ? 62   ALA A CA  1 
ATOM   465  C  C   . ALA A 1 62  ? -12.461 2.233   3.857   1.00 15.08 ? 62   ALA A C   1 
ATOM   466  O  O   . ALA A 1 62  ? -12.034 1.237   3.271   1.00 15.16 ? 62   ALA A O   1 
ATOM   467  C  CB  . ALA A 1 62  ? -13.182 1.227   6.029   1.00 16.00 ? 62   ALA A CB  1 
ATOM   468  N  N   . LYS A 1 63  ? -13.017 3.261   3.223   1.00 14.08 ? 63   LYS A N   1 
ATOM   469  C  CA  . LYS A 1 63  ? -13.146 3.277   1.771   1.00 14.20 ? 63   LYS A CA  1 
ATOM   470  C  C   . LYS A 1 63  ? -12.139 4.198   1.086   1.00 11.83 ? 63   LYS A C   1 
ATOM   471  O  O   . LYS A 1 63  ? -12.030 4.189   -0.138  1.00 11.09 ? 63   LYS A O   1 
ATOM   472  C  CB  . LYS A 1 63  ? -14.559 3.701   1.370   1.00 16.54 ? 63   LYS A CB  1 
ATOM   473  C  CG  . LYS A 1 63  ? -15.661 2.811   1.926   1.00 20.38 ? 63   LYS A CG  1 
ATOM   474  C  CD  . LYS A 1 63  ? -16.984 3.117   1.247   1.00 24.40 ? 63   LYS A CD  1 
ATOM   475  C  CE  . LYS A 1 63  ? -18.112 2.266   1.805   1.00 27.58 ? 63   LYS A CE  1 
ATOM   476  N  NZ  . LYS A 1 63  ? -18.063 0.871   1.299   1.00 29.97 ? 63   LYS A NZ  1 
ATOM   477  N  N   . GLY A 1 64  ? -11.412 4.992   1.867   1.00 11.36 ? 64   GLY A N   1 
ATOM   478  C  CA  . GLY A 1 64  ? -10.468 5.934   1.282   1.00 10.63 ? 64   GLY A CA  1 
ATOM   479  C  C   . GLY A 1 64  ? -9.240  5.252   0.706   1.00 11.10 ? 64   GLY A C   1 
ATOM   480  O  O   . GLY A 1 64  ? -8.447  4.658   1.437   1.00 11.80 ? 64   GLY A O   1 
ATOM   481  N  N   . TYR A 1 65  ? -9.077  5.339   -0.610  1.00 10.61 ? 65   TYR A N   1 
ATOM   482  C  CA  . TYR A 1 65  ? -7.964  4.681   -1.286  1.00 10.24 ? 65   TYR A CA  1 
ATOM   483  C  C   . TYR A 1 65  ? -6.627  5.297   -0.859  1.00 9.64  ? 65   TYR A C   1 
ATOM   484  O  O   . TYR A 1 65  ? -5.703  4.582   -0.471  1.00 9.96  ? 65   TYR A O   1 
ATOM   485  C  CB  . TYR A 1 65  ? -8.155  4.796   -2.804  1.00 10.17 ? 65   TYR A CB  1 
ATOM   486  C  CG  . TYR A 1 65  ? -7.094  4.106   -3.635  1.00 10.03 ? 65   TYR A CG  1 
ATOM   487  C  CD1 . TYR A 1 65  ? -6.085  4.842   -4.258  1.00 9.94  ? 65   TYR A CD1 1 
ATOM   488  C  CD2 . TYR A 1 65  ? -7.125  2.727   -3.841  1.00 10.24 ? 65   TYR A CD2 1 
ATOM   489  C  CE1 . TYR A 1 65  ? -5.123  4.217   -5.047  1.00 8.94  ? 65   TYR A CE1 1 
ATOM   490  C  CE2 . TYR A 1 65  ? -6.161  2.093   -4.628  1.00 9.91  ? 65   TYR A CE2 1 
ATOM   491  C  CZ  . TYR A 1 65  ? -5.173  2.849   -5.238  1.00 7.86  ? 65   TYR A CZ  1 
ATOM   492  O  OH  . TYR A 1 65  ? -4.223  2.234   -6.021  1.00 10.32 ? 65   TYR A OH  1 
ATOM   493  N  N   . TYR A 1 66  ? -6.530  6.622   -0.919  1.00 8.77  ? 66   TYR A N   1 
ATOM   494  C  CA  . TYR A 1 66  ? -5.305  7.319   -0.528  1.00 10.09 ? 66   TYR A CA  1 
ATOM   495  C  C   . TYR A 1 66  ? -4.945  6.994   0.920   1.00 10.69 ? 66   TYR A C   1 
ATOM   496  O  O   . TYR A 1 66  ? -3.778  6.748   1.252   1.00 10.55 ? 66   TYR A O   1 
ATOM   497  C  CB  . TYR A 1 66  ? -5.488  8.834   -0.683  1.00 11.32 ? 66   TYR A CB  1 
ATOM   498  C  CG  . TYR A 1 66  ? -4.270  9.641   -0.273  1.00 12.76 ? 66   TYR A CG  1 
ATOM   499  C  CD1 . TYR A 1 66  ? -4.011  9.915   1.066   1.00 14.08 ? 66   TYR A CD1 1 
ATOM   500  C  CD2 . TYR A 1 66  ? -3.372  10.122  -1.231  1.00 13.89 ? 66   TYR A CD2 1 
ATOM   501  C  CE1 . TYR A 1 66  ? -2.882  10.636  1.451   1.00 15.15 ? 66   TYR A CE1 1 
ATOM   502  C  CE2 . TYR A 1 66  ? -2.238  10.843  -0.856  1.00 13.69 ? 66   TYR A CE2 1 
ATOM   503  C  CZ  . TYR A 1 66  ? -2.003  11.098  0.484   1.00 14.63 ? 66   TYR A CZ  1 
ATOM   504  O  OH  . TYR A 1 66  ? -0.883  11.801  0.859   1.00 14.03 ? 66   TYR A OH  1 
ATOM   505  N  N   . HIS A 1 67  ? -5.963  6.998   1.772   1.00 10.27 ? 67   HIS A N   1 
ATOM   506  C  CA  . HIS A 1 67  ? -5.815  6.692   3.191   1.00 10.30 ? 67   HIS A CA  1 
ATOM   507  C  C   . HIS A 1 67  ? -5.144  5.335   3.423   1.00 11.05 ? 67   HIS A C   1 
ATOM   508  O  O   . HIS A 1 67  ? -4.220  5.222   4.230   1.00 10.85 ? 67   HIS A O   1 
ATOM   509  C  CB  . HIS A 1 67  ? -7.199  6.715   3.849   1.00 11.10 ? 67   HIS A CB  1 
ATOM   510  C  CG  . HIS A 1 67  ? -7.219  6.178   5.250   1.00 11.63 ? 67   HIS A CG  1 
ATOM   511  N  ND1 . HIS A 1 67  ? -6.544  6.780   6.285   1.00 10.17 ? 67   HIS A ND1 1 
ATOM   512  C  CD2 . HIS A 1 67  ? -7.853  5.105   5.778   1.00 11.37 ? 67   HIS A CD2 1 
ATOM   513  C  CE1 . HIS A 1 67  ? -6.761  6.103   7.400   1.00 10.61 ? 67   HIS A CE1 1 
ATOM   514  N  NE2 . HIS A 1 67  ? -7.551  5.083   7.121   1.00 10.62 ? 67   HIS A NE2 1 
ATOM   515  N  N   . ALA A 1 68  ? -5.606  4.312   2.708   1.00 10.46 ? 68   ALA A N   1 
ATOM   516  C  CA  . ALA A 1 68  ? -5.143  2.945   2.938   1.00 11.30 ? 68   ALA A CA  1 
ATOM   517  C  C   . ALA A 1 68  ? -3.700  2.770   2.472   1.00 11.66 ? 68   ALA A C   1 
ATOM   518  O  O   . ALA A 1 68  ? -3.035  1.796   2.820   1.00 10.36 ? 68   ALA A O   1 
ATOM   519  C  CB  . ALA A 1 68  ? -6.059  1.955   2.208   1.00 13.39 ? 68   ALA A CB  1 
ATOM   520  N  N   . MET A 1 69  ? -3.222  3.724   1.681   1.00 10.35 ? 69   MET A N   1 
ATOM   521  C  CA  . MET A 1 69  ? -1.885  3.655   1.099   1.00 12.47 ? 69   MET A CA  1 
ATOM   522  C  C   . MET A 1 69  ? -0.866  4.518   1.857   1.00 11.42 ? 69   MET A C   1 
ATOM   523  O  O   . MET A 1 69  ? 0.346   4.278   1.768   1.00 10.47 ? 69   MET A O   1 
ATOM   524  C  CB  . MET A 1 69  ? -1.943  4.111   -0.364  1.00 13.81 ? 69   MET A CB  1 
ATOM   525  C  CG  . MET A 1 69  ? -1.790  3.019   -1.423  1.00 18.07 ? 69   MET A CG  1 
ATOM   526  S  SD  . MET A 1 69  ? -2.466  1.395   -1.048  1.00 13.38 ? 69   MET A SD  1 
ATOM   527  C  CE  . MET A 1 69  ? -4.181  1.526   -1.686  1.00 18.08 ? 69   MET A CE  1 
ATOM   528  N  N   . HIS A 1 70  ? -1.342  5.527   2.586   1.00 10.98 ? 70   HIS A N   1 
ATOM   529  C  CA  . HIS A 1 70  ? -0.444  6.574   3.097   1.00 11.15 ? 70   HIS A CA  1 
ATOM   530  C  C   . HIS A 1 70  ? -0.434  6.788   4.606   1.00 12.33 ? 70   HIS A C   1 
ATOM   531  O  O   . HIS A 1 70  ? 0.557   7.277   5.156   1.00 13.43 ? 70   HIS A O   1 
ATOM   532  C  CB  . HIS A 1 70  ? -0.765  7.919   2.435   1.00 11.46 ? 70   HIS A CB  1 
ATOM   533  C  CG  . HIS A 1 70  ? -0.448  7.968   0.976   1.00 10.95 ? 70   HIS A CG  1 
ATOM   534  N  ND1 . HIS A 1 70  ? -1.344  7.559   0.017   1.00 10.28 ? 70   HIS A ND1 1 
ATOM   535  C  CD2 . HIS A 1 70  ? 0.660   8.376   0.315   1.00 10.43 ? 70   HIS A CD2 1 
ATOM   536  C  CE1 . HIS A 1 70  ? -0.801  7.709   -1.178  1.00 10.93 ? 70   HIS A CE1 1 
ATOM   537  N  NE2 . HIS A 1 70  ? 0.417   8.203   -1.026  1.00 9.97  ? 70   HIS A NE2 1 
ATOM   538  N  N   . ASP A 1 71  ? -1.524  6.451   5.281   1.00 12.61 ? 71   ASP A N   1 
ATOM   539  C  CA  . ASP A 1 71  ? -1.699  6.918   6.649   1.00 13.05 ? 71   ASP A CA  1 
ATOM   540  C  C   . ASP A 1 71  ? -1.162  5.988   7.728   1.00 14.33 ? 71   ASP A C   1 
ATOM   541  O  O   . ASP A 1 71  ? -0.956  4.792   7.503   1.00 12.15 ? 71   ASP A O   1 
ATOM   542  C  CB  . ASP A 1 71  ? -3.173  7.241   6.902   1.00 15.28 ? 71   ASP A CB  1 
ATOM   543  C  CG  . ASP A 1 71  ? -3.640  8.465   6.127   1.00 17.30 ? 71   ASP A CG  1 
ATOM   544  O  OD1 . ASP A 1 71  ? -2.788  9.124   5.507   1.00 21.83 ? 71   ASP A OD1 1 
ATOM   545  O  OD2 . ASP A 1 71  ? -4.861  8.758   6.125   1.00 17.39 ? 71   ASP A OD2 1 
ATOM   546  N  N   . LYS A 1 72  ? -0.920  6.567   8.900   1.00 15.14 ? 72   LYS A N   1 
ATOM   547  C  CA  . LYS A 1 72  ? -0.440  5.820   10.063  1.00 15.64 ? 72   LYS A CA  1 
ATOM   548  C  C   . LYS A 1 72  ? -1.624  5.479   10.964  1.00 14.09 ? 72   LYS A C   1 
ATOM   549  O  O   . LYS A 1 72  ? -2.712  6.017   10.791  1.00 14.00 ? 72   LYS A O   1 
ATOM   550  C  CB  . LYS A 1 72  ? 0.571   6.671   10.845  1.00 19.53 ? 72   LYS A CB  1 
ATOM   551  C  CG  . LYS A 1 72  ? 1.805   7.069   10.052  1.00 24.96 ? 72   LYS A CG  1 
ATOM   552  C  CD  . LYS A 1 72  ? 2.442   8.343   10.597  1.00 29.64 ? 72   LYS A CD  1 
ATOM   553  C  CE  . LYS A 1 72  ? 3.128   8.111   11.933  1.00 32.12 ? 72   LYS A CE  1 
ATOM   554  N  NZ  . LYS A 1 72  ? 3.958   9.285   12.328  1.00 34.10 ? 72   LYS A NZ  1 
ATOM   555  N  N   . GLY A 1 73  ? -1.406  4.579   11.917  1.00 12.98 ? 73   GLY A N   1 
ATOM   556  C  CA  . GLY A 1 73  ? -2.435  4.284   12.896  1.00 13.38 ? 73   GLY A CA  1 
ATOM   557  C  C   . GLY A 1 73  ? -3.583  3.467   12.339  1.00 13.12 ? 73   GLY A C   1 
ATOM   558  O  O   . GLY A 1 73  ? -4.654  3.386   12.944  1.00 13.73 ? 73   GLY A O   1 
ATOM   559  N  N   . THR A 1 74  ? -3.362  2.859   11.179  1.00 12.82 ? 74   THR A N   1 
ATOM   560  C  CA  . THR A 1 74  ? -4.382  2.040   10.531  1.00 12.09 ? 74   THR A CA  1 
ATOM   561  C  C   . THR A 1 74  ? -4.326  0.593   11.001  1.00 11.83 ? 74   THR A C   1 
ATOM   562  O  O   . THR A 1 74  ? -3.286  0.115   11.447  1.00 12.48 ? 74   THR A O   1 
ATOM   563  C  CB  . THR A 1 74  ? -4.216  2.074   9.000   1.00 11.22 ? 74   THR A CB  1 
ATOM   564  O  OG1 . THR A 1 74  ? -2.867  1.744   8.664   1.00 10.45 ? 74   THR A OG1 1 
ATOM   565  C  CG2 . THR A 1 74  ? -4.544  3.451   8.456   1.00 12.57 ? 74   THR A CG2 1 
ATOM   566  N  N   . LYS A 1 75  ? -5.451  -0.105  10.885  1.00 11.25 ? 75   LYS A N   1 
ATOM   567  C  CA  . LYS A 1 75  ? -5.570  -1.459  11.414  1.00 12.16 ? 75   LYS A CA  1 
ATOM   568  C  C   . LYS A 1 75  ? -4.575  -2.425  10.786  1.00 13.36 ? 75   LYS A C   1 
ATOM   569  O  O   . LYS A 1 75  ? -4.063  -3.325  11.453  1.00 13.18 ? 75   LYS A O   1 
ATOM   570  C  CB  . LYS A 1 75  ? -6.992  -1.978  11.202  1.00 12.84 ? 75   LYS A CB  1 
ATOM   571  C  CG  . LYS A 1 75  ? -7.227  -3.354  11.795  1.00 15.47 ? 75   LYS A CG  1 
ATOM   572  C  CD  . LYS A 1 75  ? -8.702  -3.694  11.792  1.00 16.73 ? 75   LYS A CD  1 
ATOM   573  C  CE  . LYS A 1 75  ? -8.945  -5.092  12.328  1.00 19.54 ? 75   LYS A CE  1 
ATOM   574  N  NZ  . LYS A 1 75  ? -10.401 -5.360  12.459  1.00 18.87 ? 75   LYS A NZ  1 
ATOM   575  N  N   . PHE A 1 76  ? -4.317  -2.248  9.496   1.00 12.53 ? 76   PHE A N   1 
ATOM   576  C  CA  . PHE A 1 76  ? -3.227  -2.946  8.826   1.00 12.13 ? 76   PHE A CA  1 
ATOM   577  C  C   . PHE A 1 76  ? -2.251  -1.864  8.383   1.00 12.52 ? 76   PHE A C   1 
ATOM   578  O  O   . PHE A 1 76  ? -2.670  -0.775  8.013   1.00 11.36 ? 76   PHE A O   1 
ATOM   579  C  CB  . PHE A 1 76  ? -3.768  -3.714  7.617   1.00 13.50 ? 76   PHE A CB  1 
ATOM   580  C  CG  . PHE A 1 76  ? -5.039  -4.460  7.903   1.00 15.08 ? 76   PHE A CG  1 
ATOM   581  C  CD1 . PHE A 1 76  ? -5.014  -5.639  8.640   1.00 15.57 ? 76   PHE A CD1 1 
ATOM   582  C  CD2 . PHE A 1 76  ? -6.269  -3.943  7.504   1.00 15.96 ? 76   PHE A CD2 1 
ATOM   583  C  CE1 . PHE A 1 76  ? -6.199  -6.303  8.965   1.00 15.21 ? 76   PHE A CE1 1 
ATOM   584  C  CE2 . PHE A 1 76  ? -7.458  -4.598  7.825   1.00 16.50 ? 76   PHE A CE2 1 
ATOM   585  C  CZ  . PHE A 1 76  ? -7.424  -5.772  8.563   1.00 16.47 ? 76   PHE A CZ  1 
ATOM   586  N  N   . LYS A 1 77  ? -0.954  -2.143  8.434   1.00 13.09 ? 77   LYS A N   1 
ATOM   587  C  CA  . LYS A 1 77  ? 0.020   -1.120  8.067   1.00 12.47 ? 77   LYS A CA  1 
ATOM   588  C  C   . LYS A 1 77  ? -0.124  -0.742  6.592   1.00 12.07 ? 77   LYS A C   1 
ATOM   589  O  O   . LYS A 1 77  ? -0.284  -1.607  5.728   1.00 13.17 ? 77   LYS A O   1 
ATOM   590  C  CB  . LYS A 1 77  ? 1.442   -1.615  8.357   1.00 15.47 ? 77   LYS A CB  1 
ATOM   591  C  CG  . LYS A 1 77  ? 1.648   -2.002  9.820   1.00 17.86 ? 77   LYS A CG  1 
ATOM   592  C  CD  . LYS A 1 77  ? 3.113   -2.027  10.225  1.00 19.55 ? 77   LYS A CD  1 
ATOM   593  C  CE  . LYS A 1 77  ? 3.263   -2.455  11.682  1.00 19.99 ? 77   LYS A CE  1 
ATOM   594  N  NZ  . LYS A 1 77  ? 2.960   -1.358  12.649  1.00 17.41 ? 77   LYS A NZ  1 
ATOM   595  N  N   . SER A 1 78  ? -0.093  0.558   6.316   1.00 10.31 ? 78   SER A N   1 
ATOM   596  C  CA  . SER A 1 78  ? -0.166  1.062   4.943   1.00 11.25 ? 78   SER A CA  1 
ATOM   597  C  C   . SER A 1 78  ? 1.230   1.077   4.333   1.00 10.68 ? 78   SER A C   1 
ATOM   598  O  O   . SER A 1 78  ? 2.228   0.884   5.040   1.00 12.00 ? 78   SER A O   1 
ATOM   599  C  CB  . SER A 1 78  ? -0.737  2.483   4.930   1.00 10.56 ? 78   SER A CB  1 
ATOM   600  O  OG  . SER A 1 78  ? 0.203   3.399   5.475   1.00 11.47 ? 78   SER A OG  1 
ATOM   601  N  N   . CYS A 1 79  ? 1.295   1.309   3.020   1.00 10.90 ? 79   CYS A N   1 
ATOM   602  C  CA  . CYS A 1 79  ? 2.566   1.477   2.318   1.00 11.35 ? 79   CYS A CA  1 
ATOM   603  C  C   . CYS A 1 79  ? 3.503   2.367   3.134   1.00 12.22 ? 79   CYS A C   1 
ATOM   604  O  O   . CYS A 1 79  ? 4.586   1.953   3.551   1.00 9.72  ? 79   CYS A O   1 
ATOM   605  C  CB  . CYS A 1 79  ? 2.350   2.116   0.932   1.00 11.66 ? 79   CYS A CB  1 
ATOM   606  S  SG  . CYS A 1 79  ? 1.174   1.251   -0.165  1.00 12.35 ? 79   CYS A SG  1 
ATOM   607  N  N   . VAL A 1 80  ? 3.092   3.610   3.337   1.00 12.35 ? 80   VAL A N   1 
ATOM   608  C  CA  . VAL A 1 80  ? 3.974   4.579   3.974   1.00 12.35 ? 80   VAL A CA  1 
ATOM   609  C  C   . VAL A 1 80  ? 4.173   4.193   5.437   1.00 12.82 ? 80   VAL A C   1 
ATOM   610  O  O   . VAL A 1 80  ? 5.272   4.315   5.988   1.00 12.14 ? 80   VAL A O   1 
ATOM   611  C  CB  . VAL A 1 80  ? 3.398   6.011   3.917   1.00 12.24 ? 80   VAL A CB  1 
ATOM   612  C  CG1 . VAL A 1 80  ? 4.350   6.989   4.589   1.00 12.61 ? 80   VAL A CG1 1 
ATOM   613  C  CG2 . VAL A 1 80  ? 3.193   6.408   2.449   1.00 13.55 ? 80   VAL A CG2 1 
ATOM   614  N  N   . GLY A 1 81  ? 3.104   3.705   6.060   1.00 14.03 ? 81   GLY A N   1 
ATOM   615  C  CA  . GLY A 1 81  ? 3.155   3.361   7.471   1.00 14.19 ? 81   GLY A CA  1 
ATOM   616  C  C   . GLY A 1 81  ? 4.233   2.347   7.779   1.00 15.49 ? 81   GLY A C   1 
ATOM   617  O  O   . GLY A 1 81  ? 5.036   2.546   8.689   1.00 15.67 ? 81   GLY A O   1 
ATOM   618  N  N   . CYS A 1 82  ? 4.249   1.254   7.023   1.00 14.21 ? 82   CYS A N   1 
ATOM   619  C  CA  . CYS A 1 82  ? 5.260   0.225   7.216   1.00 14.55 ? 82   CYS A CA  1 
ATOM   620  C  C   . CYS A 1 82  ? 6.649   0.735   6.837   1.00 15.29 ? 82   CYS A C   1 
ATOM   621  O  O   . CYS A 1 82  ? 7.634   0.451   7.523   1.00 14.84 ? 82   CYS A O   1 
ATOM   622  C  CB  . CYS A 1 82  ? 4.929   -1.009  6.381   1.00 14.26 ? 82   CYS A CB  1 
ATOM   623  S  SG  . CYS A 1 82  ? 6.172   -2.324  6.567   1.00 14.69 ? 82   CYS A SG  1 
ATOM   624  N  N   . HIS A 1 83  ? 6.727   1.483   5.741   1.00 13.29 ? 83   HIS A N   1 
ATOM   625  C  CA  . HIS A 1 83  ? 8.007   2.005   5.278   1.00 13.49 ? 83   HIS A CA  1 
ATOM   626  C  C   . HIS A 1 83  ? 8.636   2.954   6.299   1.00 13.87 ? 83   HIS A C   1 
ATOM   627  O  O   . HIS A 1 83  ? 9.856   2.983   6.454   1.00 15.85 ? 83   HIS A O   1 
ATOM   628  C  CB  . HIS A 1 83  ? 7.837   2.726   3.935   1.00 11.21 ? 83   HIS A CB  1 
ATOM   629  C  CG  . HIS A 1 83  ? 7.709   1.795   2.759   1.00 10.44 ? 83   HIS A CG  1 
ATOM   630  N  ND1 . HIS A 1 83  ? 7.837   2.230   1.457   1.00 9.93  ? 83   HIS A ND1 1 
ATOM   631  C  CD2 . HIS A 1 83  ? 7.471   0.471   2.695   1.00 10.87 ? 83   HIS A CD2 1 
ATOM   632  C  CE1 . HIS A 1 83  ? 7.682   1.204   0.638   1.00 10.35 ? 83   HIS A CE1 1 
ATOM   633  N  NE2 . HIS A 1 83  ? 7.458   0.119   1.363   1.00 10.72 ? 83   HIS A NE2 1 
ATOM   634  N  N   . LEU A 1 84  ? 7.808   3.728   6.996   1.00 13.83 ? 84   LEU A N   1 
ATOM   635  C  CA  . LEU A 1 84  ? 8.316   4.636   8.021   1.00 14.47 ? 84   LEU A CA  1 
ATOM   636  C  C   . LEU A 1 84  ? 9.066   3.848   9.091   1.00 16.32 ? 84   LEU A C   1 
ATOM   637  O  O   . LEU A 1 84  ? 10.142  4.256   9.546   1.00 15.04 ? 84   LEU A O   1 
ATOM   638  C  CB  . LEU A 1 84  ? 7.164   5.416   8.666   1.00 15.67 ? 84   LEU A CB  1 
ATOM   639  C  CG  . LEU A 1 84  ? 6.649   6.648   7.918   1.00 17.47 ? 84   LEU A CG  1 
ATOM   640  C  CD1 . LEU A 1 84  ? 5.314   7.076   8.501   1.00 17.87 ? 84   LEU A CD1 1 
ATOM   641  C  CD2 . LEU A 1 84  ? 7.667   7.780   8.023   1.00 16.13 ? 84   LEU A CD2 1 
ATOM   642  N  N   . GLU A 1 85  ? 8.503   2.709   9.480   1.00 15.71 ? 85   GLU A N   1 
ATOM   643  C  CA  . GLU A 1 85  ? 9.122   1.864   10.493  1.00 18.67 ? 85   GLU A CA  1 
ATOM   644  C  C   . GLU A 1 85  ? 10.383  1.194   9.961   1.00 17.95 ? 85   GLU A C   1 
ATOM   645  O  O   . GLU A 1 85  ? 11.358  1.015   10.692  1.00 17.55 ? 85   GLU A O   1 
ATOM   646  C  CB  . GLU A 1 85  ? 8.126   0.808   10.965  1.00 19.85 ? 85   GLU A CB  1 
ATOM   647  C  CG  . GLU A 1 85  ? 6.842   1.414   11.495  1.00 24.07 ? 85   GLU A CG  1 
ATOM   648  C  CD  . GLU A 1 85  ? 5.898   0.380   12.060  1.00 26.53 ? 85   GLU A CD  1 
ATOM   649  O  OE1 . GLU A 1 85  ? 4.669   0.595   11.983  1.00 27.64 ? 85   GLU A OE1 1 
ATOM   650  O  OE2 . GLU A 1 85  ? 6.384   -0.643  12.585  1.00 28.42 ? 85   GLU A OE2 1 
ATOM   651  N  N   . THR A 1 86  ? 10.361  0.836   8.682   1.00 16.03 ? 86   THR A N   1 
ATOM   652  C  CA  . THR A 1 86  ? 11.512  0.210   8.046   1.00 15.34 ? 86   THR A CA  1 
ATOM   653  C  C   . THR A 1 86  ? 12.692  1.180   7.945   1.00 14.88 ? 86   THR A C   1 
ATOM   654  O  O   . THR A 1 86  ? 13.845  0.785   8.123   1.00 14.59 ? 86   THR A O   1 
ATOM   655  C  CB  . THR A 1 86  ? 11.146  -0.300  6.632   1.00 16.60 ? 86   THR A CB  1 
ATOM   656  O  OG1 . THR A 1 86  ? 10.026  -1.190  6.725   1.00 19.12 ? 86   THR A OG1 1 
ATOM   657  C  CG2 . THR A 1 86  ? 12.319  -1.044  6.009   1.00 16.49 ? 86   THR A CG2 1 
ATOM   658  N  N   . ALA A 1 87  ? 12.400  2.449   7.672   1.00 13.77 ? 87   ALA A N   1 
ATOM   659  C  CA  . ALA A 1 87  ? 13.444  3.457   7.493   1.00 13.64 ? 87   ALA A CA  1 
ATOM   660  C  C   . ALA A 1 87  ? 14.031  3.878   8.839   1.00 13.77 ? 87   ALA A C   1 
ATOM   661  O  O   . ALA A 1 87  ? 15.205  4.242   8.931   1.00 12.57 ? 87   ALA A O   1 
ATOM   662  C  CB  . ALA A 1 87  ? 12.875  4.679   6.772   1.00 13.52 ? 87   ALA A CB  1 
ATOM   663  N  N   . GLY A 1 88  ? 13.200  3.841   9.875   1.00 13.18 ? 88   GLY A N   1 
ATOM   664  C  CA  . GLY A 1 88  ? 13.643  4.258   11.192  1.00 13.34 ? 88   GLY A CA  1 
ATOM   665  C  C   . GLY A 1 88  ? 14.221  5.660   11.170  1.00 14.35 ? 88   GLY A C   1 
ATOM   666  O  O   . GLY A 1 88  ? 13.600  6.596   10.655  1.00 13.44 ? 88   GLY A O   1 
ATOM   667  N  N   . ALA A 1 89  ? 15.422  5.801   11.726  1.00 14.16 ? 89   ALA A N   1 
ATOM   668  C  CA  . ALA A 1 89  ? 16.078  7.097   11.830  1.00 13.61 ? 89   ALA A CA  1 
ATOM   669  C  C   . ALA A 1 89  ? 16.960  7.383   10.621  1.00 13.71 ? 89   ALA A C   1 
ATOM   670  O  O   . ALA A 1 89  ? 17.650  8.403   10.570  1.00 13.79 ? 89   ALA A O   1 
ATOM   671  C  CB  . ALA A 1 89  ? 16.908  7.157   13.111  1.00 14.24 ? 89   ALA A CB  1 
ATOM   672  N  N   . ASP A 1 90  ? 16.933  6.478   9.647   1.00 12.85 ? 90   ASP A N   1 
ATOM   673  C  CA  . ASP A 1 90  ? 17.787  6.588   8.467   1.00 14.07 ? 90   ASP A CA  1 
ATOM   674  C  C   . ASP A 1 90  ? 17.161  7.553   7.455   1.00 14.37 ? 90   ASP A C   1 
ATOM   675  O  O   . ASP A 1 90  ? 16.194  7.208   6.782   1.00 13.49 ? 90   ASP A O   1 
ATOM   676  C  CB  . ASP A 1 90  ? 17.972  5.198   7.838   1.00 14.10 ? 90   ASP A CB  1 
ATOM   677  C  CG  . ASP A 1 90  ? 18.962  5.193   6.682   1.00 14.75 ? 90   ASP A CG  1 
ATOM   678  O  OD1 . ASP A 1 90  ? 19.600  4.144   6.455   1.00 12.88 ? 90   ASP A OD1 1 
ATOM   679  O  OD2 . ASP A 1 90  ? 19.103  6.229   5.997   1.00 14.47 ? 90   ASP A OD2 1 
ATOM   680  N  N   . ALA A 1 91  ? 17.717  8.757   7.351   1.00 13.85 ? 91   ALA A N   1 
ATOM   681  C  CA  . ALA A 1 91  ? 17.091  9.809   6.552   1.00 15.03 ? 91   ALA A CA  1 
ATOM   682  C  C   . ALA A 1 91  ? 17.127  9.511   5.058   1.00 13.85 ? 91   ALA A C   1 
ATOM   683  O  O   . ALA A 1 91  ? 16.235  9.926   4.318   1.00 13.82 ? 91   ALA A O   1 
ATOM   684  C  CB  . ALA A 1 91  ? 17.759  11.157  6.833   1.00 16.83 ? 91   ALA A CB  1 
ATOM   685  N  N   . ALA A 1 92  ? 18.155  8.796   4.612   1.00 14.01 ? 92   ALA A N   1 
ATOM   686  C  CA  . ALA A 1 92  ? 18.233  8.391   3.212   1.00 14.74 ? 92   ALA A CA  1 
ATOM   687  C  C   . ALA A 1 92  ? 17.152  7.365   2.895   1.00 13.98 ? 92   ALA A C   1 
ATOM   688  O  O   . ALA A 1 92  ? 16.517  7.430   1.845   1.00 15.39 ? 92   ALA A O   1 
ATOM   689  C  CB  . ALA A 1 92  ? 19.611  7.808   2.900   1.00 14.00 ? 92   ALA A CB  1 
ATOM   690  N  N   . LYS A 1 93  ? 16.940  6.417   3.801   1.00 13.33 ? 93   LYS A N   1 
ATOM   691  C  CA  . LYS A 1 93  ? 15.879  5.442   3.602   1.00 13.03 ? 93   LYS A CA  1 
ATOM   692  C  C   . LYS A 1 93  ? 14.505  6.095   3.766   1.00 13.79 ? 93   LYS A C   1 
ATOM   693  O  O   . LYS A 1 93  ? 13.548  5.700   3.102   1.00 14.20 ? 93   LYS A O   1 
ATOM   694  C  CB  . LYS A 1 93  ? 16.042  4.262   4.572   1.00 14.05 ? 93   LYS A CB  1 
ATOM   695  C  CG  . LYS A 1 93  ? 17.155  3.289   4.177   1.00 15.54 ? 93   LYS A CG  1 
ATOM   696  C  CD  . LYS A 1 93  ? 16.758  2.438   2.963   1.00 16.09 ? 93   LYS A CD  1 
ATOM   697  C  CE  . LYS A 1 93  ? 17.939  1.666   2.381   1.00 18.24 ? 93   LYS A CE  1 
ATOM   698  N  NZ  . LYS A 1 93  ? 17.536  0.850   1.191   1.00 17.31 ? 93   LYS A NZ  1 
ATOM   699  N  N   . LYS A 1 94  ? 14.411  7.104   4.631   1.00 14.55 ? 94   LYS A N   1 
ATOM   700  C  CA  . LYS A 1 94  ? 13.165  7.859   4.781   1.00 14.59 ? 94   LYS A CA  1 
ATOM   701  C  C   . LYS A 1 94  ? 12.782  8.505   3.455   1.00 15.82 ? 94   LYS A C   1 
ATOM   702  O  O   . LYS A 1 94  ? 11.625  8.452   3.029   1.00 14.79 ? 94   LYS A O   1 
ATOM   703  C  CB  . LYS A 1 94  ? 13.309  8.950   5.851   1.00 15.69 ? 94   LYS A CB  1 
ATOM   704  C  CG  . LYS A 1 94  ? 13.117  8.456   7.274   1.00 20.09 ? 94   LYS A CG  1 
ATOM   705  C  CD  . LYS A 1 94  ? 12.707  9.582   8.211   1.00 25.40 ? 94   LYS A CD  1 
ATOM   706  C  CE  . LYS A 1 94  ? 13.871  10.034  9.077   1.00 29.59 ? 94   LYS A CE  1 
ATOM   707  N  NZ  . LYS A 1 94  ? 13.425  10.423  10.446  1.00 32.97 ? 94   LYS A NZ  1 
ATOM   708  N  N   . LYS A 1 95  ? 13.765  9.114   2.803   1.00 14.39 ? 95   LYS A N   1 
ATOM   709  C  CA  . LYS A 1 95  ? 13.548  9.733   1.504   1.00 16.59 ? 95   LYS A CA  1 
ATOM   710  C  C   . LYS A 1 95  ? 13.165  8.682   0.455   1.00 15.71 ? 95   LYS A C   1 
ATOM   711  O  O   . LYS A 1 95  ? 12.194  8.855   -0.282  1.00 14.05 ? 95   LYS A O   1 
ATOM   712  C  CB  . LYS A 1 95  ? 14.814  10.479  1.074   1.00 17.51 ? 95   LYS A CB  1 
ATOM   713  C  CG  . LYS A 1 95  ? 14.800  10.979  -0.356  1.00 21.51 ? 95   LYS A CG  1 
ATOM   714  C  CD  . LYS A 1 95  ? 13.770  12.071  -0.562  1.00 23.96 ? 95   LYS A CD  1 
ATOM   715  C  CE  . LYS A 1 95  ? 13.933  12.683  -1.940  1.00 26.00 ? 95   LYS A CE  1 
ATOM   716  N  NZ  . LYS A 1 95  ? 12.966  13.781  -2.196  1.00 27.30 ? 95   LYS A NZ  1 
ATOM   717  N  N   . GLU A 1 96  ? 13.924  7.589   0.402   1.00 14.51 ? 96   GLU A N   1 
ATOM   718  C  CA  . GLU A 1 96  ? 13.692  6.532   -0.583  1.00 15.54 ? 96   GLU A CA  1 
ATOM   719  C  C   . GLU A 1 96  ? 12.347  5.838   -0.423  1.00 14.37 ? 96   GLU A C   1 
ATOM   720  O  O   . GLU A 1 96  ? 11.705  5.476   -1.413  1.00 12.14 ? 96   GLU A O   1 
ATOM   721  C  CB  . GLU A 1 96  ? 14.783  5.467   -0.495  1.00 19.69 ? 96   GLU A CB  1 
ATOM   722  C  CG  . GLU A 1 96  ? 16.156  5.934   -0.917  1.00 26.12 ? 96   GLU A CG  1 
ATOM   723  C  CD  . GLU A 1 96  ? 17.187  4.829   -0.827  1.00 30.07 ? 96   GLU A CD  1 
ATOM   724  O  OE1 . GLU A 1 96  ? 16.803  3.678   -0.522  1.00 30.88 ? 96   GLU A OE1 1 
ATOM   725  O  OE2 . GLU A 1 96  ? 18.380  5.110   -1.065  1.00 33.38 ? 96   GLU A OE2 1 
ATOM   726  N  N   . LEU A 1 97  ? 11.933  5.631   0.825   1.00 11.87 ? 97   LEU A N   1 
ATOM   727  C  CA  . LEU A 1 97  ? 10.797  4.766   1.105   1.00 12.20 ? 97   LEU A CA  1 
ATOM   728  C  C   . LEU A 1 97  ? 9.543   5.516   1.545   1.00 12.49 ? 97   LEU A C   1 
ATOM   729  O  O   . LEU A 1 97  ? 8.440   4.978   1.444   1.00 11.50 ? 97   LEU A O   1 
ATOM   730  C  CB  . LEU A 1 97  ? 11.182  3.723   2.161   1.00 13.46 ? 97   LEU A CB  1 
ATOM   731  C  CG  . LEU A 1 97  ? 12.317  2.768   1.769   1.00 13.56 ? 97   LEU A CG  1 
ATOM   732  C  CD1 . LEU A 1 97  ? 12.633  1.846   2.939   1.00 16.51 ? 97   LEU A CD1 1 
ATOM   733  C  CD2 . LEU A 1 97  ? 11.917  1.954   0.548   1.00 14.53 ? 97   LEU A CD2 1 
ATOM   734  N  N   . THR A 1 98  ? 9.696   6.750   2.025   1.00 12.18 ? 98   THR A N   1 
ATOM   735  C  CA  . THR A 1 98  ? 8.531   7.514   2.472   1.00 12.25 ? 98   THR A CA  1 
ATOM   736  C  C   . THR A 1 98  ? 8.385   8.897   1.837   1.00 13.25 ? 98   THR A C   1 
ATOM   737  O  O   . THR A 1 98  ? 7.399   9.592   2.085   1.00 12.00 ? 98   THR A O   1 
ATOM   738  C  CB  . THR A 1 98  ? 8.512   7.679   4.013   1.00 14.43 ? 98   THR A CB  1 
ATOM   739  O  OG1 . THR A 1 98  ? 9.561   8.565   4.425   1.00 16.12 ? 98   THR A OG1 1 
ATOM   740  C  CG2 . THR A 1 98  ? 8.699   6.332   4.691   1.00 13.97 ? 98   THR A CG2 1 
ATOM   741  N  N   . GLY A 1 99  ? 9.356   9.289   1.016   1.00 13.42 ? 99   GLY A N   1 
ATOM   742  C  CA  . GLY A 1 99  ? 9.323   10.612  0.415   1.00 12.38 ? 99   GLY A CA  1 
ATOM   743  C  C   . GLY A 1 99  ? 8.138   10.820  -0.511  1.00 13.61 ? 99   GLY A C   1 
ATOM   744  O  O   . GLY A 1 99  ? 7.732   9.917   -1.241  1.00 11.57 ? 99   GLY A O   1 
ATOM   745  N  N   . CYS A 1 100 ? 7.582   12.027  -0.487  1.00 14.20 ? 100  CYS A N   1 
ATOM   746  C  CA  . CYS A 1 100 ? 6.425   12.357  -1.310  1.00 15.22 ? 100  CYS A CA  1 
ATOM   747  C  C   . CYS A 1 100 ? 6.838   12.652  -2.749  1.00 17.05 ? 100  CYS A C   1 
ATOM   748  O  O   . CYS A 1 100 ? 6.018   12.585  -3.668  1.00 17.02 ? 100  CYS A O   1 
ATOM   749  C  CB  . CYS A 1 100 ? 5.689   13.560  -0.717  1.00 14.28 ? 100  CYS A CB  1 
ATOM   750  S  SG  . CYS A 1 100 ? 5.125   13.326  0.998   1.00 14.39 ? 100  CYS A SG  1 
ATOM   751  N  N   . LYS A 1 101 ? 8.111   12.981  -2.935  1.00 17.75 ? 101  LYS A N   1 
ATOM   752  C  CA  . LYS A 1 101 ? 8.693   13.125  -4.262  1.00 18.89 ? 101  LYS A CA  1 
ATOM   753  C  C   . LYS A 1 101 ? 10.108  12.562  -4.238  1.00 18.08 ? 101  LYS A C   1 
ATOM   754  O  O   . LYS A 1 101 ? 10.714  12.438  -3.175  1.00 19.10 ? 101  LYS A O   1 
ATOM   755  C  CB  . LYS A 1 101 ? 8.742   14.599  -4.663  1.00 23.27 ? 101  LYS A CB  1 
ATOM   756  C  CG  . LYS A 1 101 ? 9.535   15.467  -3.697  1.00 26.87 ? 101  LYS A CG  1 
ATOM   757  C  CD  . LYS A 1 101 ? 9.626   16.908  -4.173  1.00 32.29 ? 101  LYS A CD  1 
ATOM   758  C  CE  . LYS A 1 101 ? 10.503  17.027  -5.410  1.00 34.40 ? 101  LYS A CE  1 
ATOM   759  N  NZ  . LYS A 1 101 ? 10.551  18.425  -5.922  1.00 37.84 ? 101  LYS A NZ  1 
ATOM   760  N  N   . GLY A 1 102 ? 10.630  12.220  -5.412  1.00 17.27 ? 102  GLY A N   1 
ATOM   761  C  CA  . GLY A 1 102 ? 11.991  11.716  -5.488  1.00 17.50 ? 102  GLY A CA  1 
ATOM   762  C  C   . GLY A 1 102 ? 12.196  10.454  -4.673  1.00 17.00 ? 102  GLY A C   1 
ATOM   763  O  O   . GLY A 1 102 ? 13.304  10.178  -4.211  1.00 17.42 ? 102  GLY A O   1 
ATOM   764  N  N   . SER A 1 103 ? 11.123  9.688   -4.494  1.00 15.72 ? 103  SER A N   1 
ATOM   765  C  CA  . SER A 1 103 ? 11.189  8.425   -3.768  1.00 14.20 ? 103  SER A CA  1 
ATOM   766  C  C   . SER A 1 103 ? 10.976  7.252   -4.714  1.00 13.77 ? 103  SER A C   1 
ATOM   767  O  O   . SER A 1 103 ? 10.698  7.442   -5.897  1.00 14.35 ? 103  SER A O   1 
ATOM   768  C  CB  . SER A 1 103 ? 10.126  8.391   -2.664  1.00 14.33 ? 103  SER A CB  1 
ATOM   769  O  OG  . SER A 1 103 ? 8.818   8.359   -3.221  1.00 13.29 ? 103  SER A OG  1 
ATOM   770  N  N   . LYS A 1 104 ? 11.106  6.040   -4.185  1.00 13.40 ? 104  LYS A N   1 
ATOM   771  C  CA  . LYS A 1 104 ? 10.908  4.838   -4.980  1.00 14.31 ? 104  LYS A CA  1 
ATOM   772  C  C   . LYS A 1 104 ? 9.438   4.657   -5.346  1.00 14.72 ? 104  LYS A C   1 
ATOM   773  O  O   . LYS A 1 104 ? 9.108   3.863   -6.226  1.00 14.35 ? 104  LYS A O   1 
ATOM   774  C  CB  . LYS A 1 104 ? 11.410  3.607   -4.219  1.00 16.94 ? 104  LYS A CB  1 
ATOM   775  C  CG  . LYS A 1 104 ? 12.880  3.694   -3.838  1.00 19.74 ? 104  LYS A CG  1 
ATOM   776  C  CD  . LYS A 1 104 ? 13.616  2.406   -4.162  1.00 24.30 ? 104  LYS A CD  1 
ATOM   777  C  CE  . LYS A 1 104 ? 15.127  2.595   -4.087  1.00 28.65 ? 104  LYS A CE  1 
ATOM   778  N  NZ  . LYS A 1 104 ? 15.658  3.399   -5.226  1.00 30.75 ? 104  LYS A NZ  1 
ATOM   779  N  N   . CYS A 1 105 ? 8.554   5.392   -4.680  1.00 12.52 ? 105  CYS A N   1 
ATOM   780  C  CA  . CYS A 1 105 ? 7.134   5.346   -5.028  1.00 12.58 ? 105  CYS A CA  1 
ATOM   781  C  C   . CYS A 1 105 ? 6.724   6.429   -6.008  1.00 12.96 ? 105  CYS A C   1 
ATOM   782  O  O   . CYS A 1 105 ? 6.071   6.143   -7.012  1.00 13.35 ? 105  CYS A O   1 
ATOM   783  C  CB  . CYS A 1 105 ? 6.261   5.473   -3.781  1.00 13.03 ? 105  CYS A CB  1 
ATOM   784  S  SG  . CYS A 1 105 ? 6.395   4.086   -2.608  1.00 12.48 ? 105  CYS A SG  1 
ATOM   785  N  N   . HIS A 1 106 ? 7.084   7.673   -5.700  1.00 13.35 ? 106  HIS A N   1 
ATOM   786  C  CA  . HIS A 1 106 ? 6.739   8.803   -6.561  1.00 14.82 ? 106  HIS A CA  1 
ATOM   787  C  C   . HIS A 1 106 ? 7.995   9.471   -7.116  1.00 17.17 ? 106  HIS A C   1 
ATOM   788  O  O   . HIS A 1 106 ? 8.853   9.921   -6.359  1.00 15.62 ? 106  HIS A O   1 
ATOM   789  C  CB  . HIS A 1 106 ? 5.922   9.848   -5.789  1.00 12.50 ? 106  HIS A CB  1 
ATOM   790  C  CG  . HIS A 1 106 ? 4.594   9.356   -5.306  1.00 12.49 ? 106  HIS A CG  1 
ATOM   791  N  ND1 . HIS A 1 106 ? 3.632   8.837   -6.152  1.00 12.20 ? 106  HIS A ND1 1 
ATOM   792  C  CD2 . HIS A 1 106 ? 4.052   9.316   -4.064  1.00 10.99 ? 106  HIS A CD2 1 
ATOM   793  C  CE1 . HIS A 1 106 ? 2.566   8.502   -5.454  1.00 10.81 ? 106  HIS A CE1 1 
ATOM   794  N  NE2 . HIS A 1 106 ? 2.791   8.783   -4.180  1.00 9.39  ? 106  HIS A NE2 1 
ATOM   795  N  N   . SER A 1 107 ? 8.080   9.557   -8.441  1.00 20.68 ? 107  SER A N   1 
ATOM   796  C  CA  . SER A 1 107 ? 9.243   10.149  -9.101  1.00 23.31 ? 107  SER A CA  1 
ATOM   797  C  C   . SER A 1 107 ? 9.462   11.593  -8.661  1.00 24.07 ? 107  SER A C   1 
ATOM   798  O  O   . SER A 1 107 ? 8.475   12.256  -8.279  1.00 23.62 ? 107  SER A O   1 
ATOM   799  C  CB  . SER A 1 107 ? 9.063   10.111  -10.621 1.00 24.05 ? 107  SER A CB  1 
ATOM   800  O  OG  . SER A 1 107 ? 7.928   10.866  -11.013 1.00 28.79 ? 107  SER A OG  1 
ATOM   801  O  OXT . SER A 1 107 ? 10.622  12.053  -8.719  1.00 25.54 ? 107  SER A OXT 1 
HETATM 802  C  CHA . HEM B 2 .   ? -0.997  8.084   -4.800  1.00 8.98  ? 1004 HEM A CHA 1 
HETATM 803  C  CHB . HEM B 2 .   ? 0.865   11.846  -2.482  1.00 10.54 ? 1004 HEM A CHB 1 
HETATM 804  C  CHC . HEM B 2 .   ? 4.228   9.047   -0.574  1.00 9.81  ? 1004 HEM A CHC 1 
HETATM 805  C  CHD . HEM B 2 .   ? 2.220   5.214   -2.687  1.00 10.51 ? 1004 HEM A CHD 1 
HETATM 806  C  C1A . HEM B 2 .   ? -0.758  9.438   -4.463  1.00 9.32  ? 1004 HEM A C1A 1 
HETATM 807  C  C2A . HEM B 2 .   ? -1.441  10.565  -4.895  1.00 9.07  ? 1004 HEM A C2A 1 
HETATM 808  C  C3A . HEM B 2 .   ? -0.882  11.650  -4.241  1.00 9.07  ? 1004 HEM A C3A 1 
HETATM 809  C  C4A . HEM B 2 .   ? 0.097   11.119  -3.417  1.00 10.72 ? 1004 HEM A C4A 1 
HETATM 810  C  CMA . HEM B 2 .   ? -1.249  13.125  -4.383  1.00 10.09 ? 1004 HEM A CMA 1 
HETATM 811  C  CAA . HEM B 2 .   ? -2.613  10.635  -5.849  1.00 10.40 ? 1004 HEM A CAA 1 
HETATM 812  C  CBA . HEM B 2 .   ? -3.933  10.764  -5.107  1.00 10.76 ? 1004 HEM A CBA 1 
HETATM 813  C  CGA . HEM B 2 .   ? -5.100  11.032  -6.036  1.00 12.63 ? 1004 HEM A CGA 1 
HETATM 814  O  O1A . HEM B 2 .   ? -4.996  11.940  -6.891  1.00 13.33 ? 1004 HEM A O1A 1 
HETATM 815  O  O2A . HEM B 2 .   ? -6.124  10.331  -5.910  1.00 13.97 ? 1004 HEM A O2A 1 
HETATM 816  C  C1B . HEM B 2 .   ? 1.866   11.405  -1.611  1.00 11.74 ? 1004 HEM A C1B 1 
HETATM 817  C  C2B . HEM B 2 .   ? 2.455   12.170  -0.612  1.00 12.37 ? 1004 HEM A C2B 1 
HETATM 818  C  C3B . HEM B 2 .   ? 3.452   11.382  -0.043  1.00 11.88 ? 1004 HEM A C3B 1 
HETATM 819  C  C4B . HEM B 2 .   ? 3.396   10.170  -0.745  1.00 11.37 ? 1004 HEM A C4B 1 
HETATM 820  C  CMB . HEM B 2 .   ? 2.014   13.589  -0.196  1.00 11.86 ? 1004 HEM A CMB 1 
HETATM 821  C  CAB . HEM B 2 .   ? 4.312   11.664  1.009   1.00 13.99 ? 1004 HEM A CAB 1 
HETATM 822  C  CBB . HEM B 2 .   ? 3.864   12.363  2.217   1.00 17.84 ? 1004 HEM A CBB 1 
HETATM 823  C  C1C . HEM B 2 .   ? 4.072   7.721   -1.066  1.00 10.81 ? 1004 HEM A C1C 1 
HETATM 824  C  C2C . HEM B 2 .   ? 4.945   6.671   -0.871  1.00 10.91 ? 1004 HEM A C2C 1 
HETATM 825  C  C3C . HEM B 2 .   ? 4.386   5.568   -1.498  1.00 10.72 ? 1004 HEM A C3C 1 
HETATM 826  C  C4C . HEM B 2 .   ? 3.174   5.997   -2.018  1.00 10.02 ? 1004 HEM A C4C 1 
HETATM 827  C  CMC . HEM B 2 .   ? 6.286   6.784   -0.153  1.00 11.30 ? 1004 HEM A CMC 1 
HETATM 828  C  CAC . HEM B 2 .   ? 4.863   4.249   -1.573  1.00 11.19 ? 1004 HEM A CAC 1 
HETATM 829  C  CBC . HEM B 2 .   ? 5.593   3.609   -0.485  1.00 11.67 ? 1004 HEM A CBC 1 
HETATM 830  C  C1D . HEM B 2 .   ? 1.052   5.602   -3.364  1.00 9.64  ? 1004 HEM A C1D 1 
HETATM 831  C  C2D . HEM B 2 .   ? 0.163   4.754   -3.986  1.00 7.81  ? 1004 HEM A C2D 1 
HETATM 832  C  C3D . HEM B 2 .   ? -0.702  5.600   -4.681  1.00 8.07  ? 1004 HEM A C3D 1 
HETATM 833  C  C4D . HEM B 2 .   ? -0.364  6.905   -4.348  1.00 9.17  ? 1004 HEM A C4D 1 
HETATM 834  C  CMD . HEM B 2 .   ? 0.137   3.224   -3.978  1.00 7.13  ? 1004 HEM A CMD 1 
HETATM 835  C  CAD . HEM B 2 .   ? -1.827  5.176   -5.603  1.00 9.90  ? 1004 HEM A CAD 1 
HETATM 836  C  CBD . HEM B 2 .   ? -1.346  4.959   -7.021  1.00 9.54  ? 1004 HEM A CBD 1 
HETATM 837  C  CGD . HEM B 2 .   ? -2.478  4.817   -8.014  1.00 11.22 ? 1004 HEM A CGD 1 
HETATM 838  O  O1D . HEM B 2 .   ? -3.325  3.915   -7.821  1.00 11.48 ? 1004 HEM A O1D 1 
HETATM 839  O  O2D . HEM B 2 .   ? -2.536  5.612   -8.981  1.00 11.49 ? 1004 HEM A O2D 1 
HETATM 840  N  NA  . HEM B 2 .   ? 0.195   9.813   -3.628  1.00 8.85  ? 1004 HEM A NA  1 
HETATM 841  N  NB  . HEM B 2 .   ? 2.379   10.195  -1.596  1.00 9.98  ? 1004 HEM A NB  1 
HETATM 842  N  NC  . HEM B 2 .   ? 3.032   7.304   -1.780  1.00 10.15 ? 1004 HEM A NC  1 
HETATM 843  N  ND  . HEM B 2 .   ? 0.669   6.866   -3.515  1.00 8.83  ? 1004 HEM A ND  1 
HETATM 844  FE FE  . HEM B 2 .   ? 1.565   8.554   -2.628  1.00 10.95 ? 1004 HEM A FE  1 
HETATM 845  C  CHA . HEM C 2 .   ? -9.093  -1.620  6.009   1.00 11.01 ? 1002 HEM A CHA 1 
HETATM 846  C  CHB . HEM C 2 .   ? -5.396  -1.739  2.916   1.00 9.64  ? 1002 HEM A CHB 1 
HETATM 847  C  CHC . HEM C 2 .   ? -7.926  -4.564  -0.033  1.00 9.37  ? 1002 HEM A CHC 1 
HETATM 848  C  CHD . HEM C 2 .   ? -11.838 -3.674  2.610   1.00 12.29 ? 1002 HEM A CHD 1 
HETATM 849  C  C1A . HEM C 2 .   ? -7.810  -1.395  5.461   1.00 9.87  ? 1002 HEM A C1A 1 
HETATM 850  C  C2A . HEM C 2 .   ? -6.783  -0.669  6.051   1.00 9.61  ? 1002 HEM A C2A 1 
HETATM 851  C  C3A . HEM C 2 .   ? -5.726  -0.666  5.147   1.00 10.30 ? 1002 HEM A C3A 1 
HETATM 852  C  C4A . HEM C 2 .   ? -6.152  -1.431  4.067   1.00 10.71 ? 1002 HEM A C4A 1 
HETATM 853  C  CMA . HEM C 2 .   ? -4.384  0.034   5.294   1.00 9.98  ? 1002 HEM A CMA 1 
HETATM 854  C  CAA . HEM C 2 .   ? -6.855  -0.010  7.411   1.00 10.69 ? 1002 HEM A CAA 1 
HETATM 855  C  CBA . HEM C 2 .   ? -7.602  1.321   7.364   1.00 10.57 ? 1002 HEM A CBA 1 
HETATM 856  C  CGA . HEM C 2 .   ? -7.802  1.939   8.739   1.00 12.52 ? 1002 HEM A CGA 1 
HETATM 857  O  O1A . HEM C 2 .   ? -7.682  1.214   9.750   1.00 13.45 ? 1002 HEM A O1A 1 
HETATM 858  O  O2A . HEM C 2 .   ? -8.080  3.153   8.810   1.00 15.26 ? 1002 HEM A O2A 1 
HETATM 859  C  C1B . HEM C 2 .   ? -5.716  -2.505  1.766   1.00 10.03 ? 1002 HEM A C1B 1 
HETATM 860  C  C2B . HEM C 2 .   ? -4.908  -2.697  0.654   1.00 10.57 ? 1002 HEM A C2B 1 
HETATM 861  C  C3B . HEM C 2 .   ? -5.593  -3.610  -0.169  1.00 9.97  ? 1002 HEM A C3B 1 
HETATM 862  C  C4B . HEM C 2 .   ? -6.832  -3.819  0.449   1.00 10.53 ? 1002 HEM A C4B 1 
HETATM 863  C  CMB . HEM C 2 .   ? -3.546  -2.024  0.438   1.00 9.36  ? 1002 HEM A CMB 1 
HETATM 864  C  CAB . HEM C 2 .   ? -5.133  -4.239  -1.330  1.00 12.64 ? 1002 HEM A CAB 1 
HETATM 865  C  CBB . HEM C 2 .   ? -3.733  -4.666  -1.530  1.00 13.17 ? 1002 HEM A CBB 1 
HETATM 866  C  C1C . HEM C 2 .   ? -9.281  -4.603  0.392   1.00 12.60 ? 1002 HEM A C1C 1 
HETATM 867  C  C2C . HEM C 2 .   ? -10.345 -5.230  -0.284  1.00 11.92 ? 1002 HEM A C2C 1 
HETATM 868  C  C3C . HEM C 2 .   ? -11.484 -4.820  0.401   1.00 11.71 ? 1002 HEM A C3C 1 
HETATM 869  C  C4C . HEM C 2 .   ? -11.057 -4.152  1.531   1.00 10.94 ? 1002 HEM A C4C 1 
HETATM 870  C  CMC . HEM C 2 .   ? -10.164 -6.136  -1.507  1.00 12.99 ? 1002 HEM A CMC 1 
HETATM 871  C  CAC . HEM C 2 .   ? -12.823 -5.074  0.052   1.00 12.68 ? 1002 HEM A CAC 1 
HETATM 872  C  CBC . HEM C 2 .   ? -13.196 -6.408  -0.373  1.00 13.27 ? 1002 HEM A CBC 1 
HETATM 873  C  C1D . HEM C 2 .   ? -11.461 -3.058  3.820   1.00 12.52 ? 1002 HEM A C1D 1 
HETATM 874  C  C2D . HEM C 2 .   ? -12.295 -2.793  4.892   1.00 12.35 ? 1002 HEM A C2D 1 
HETATM 875  C  C3D . HEM C 2 .   ? -11.444 -2.510  5.952   1.00 13.50 ? 1002 HEM A C3D 1 
HETATM 876  C  C4D . HEM C 2 .   ? -10.209 -2.226  5.389   1.00 11.76 ? 1002 HEM A C4D 1 
HETATM 877  C  CMD . HEM C 2 .   ? -13.804 -2.823  4.956   1.00 13.98 ? 1002 HEM A CMD 1 
HETATM 878  C  CAD . HEM C 2 .   ? -11.801 -2.562  7.420   1.00 14.48 ? 1002 HEM A CAD 1 
HETATM 879  C  CBD . HEM C 2 .   ? -11.601 -3.967  7.982   1.00 17.70 ? 1002 HEM A CBD 1 
HETATM 880  C  CGD . HEM C 2 .   ? -11.710 -4.020  9.485   1.00 21.68 ? 1002 HEM A CGD 1 
HETATM 881  O  O1D . HEM C 2 .   ? -11.474 -5.108  10.051  1.00 22.07 ? 1002 HEM A O1D 1 
HETATM 882  O  O2D . HEM C 2 .   ? -12.034 -2.977  10.100  1.00 21.73 ? 1002 HEM A O2D 1 
HETATM 883  N  NA  . HEM C 2 .   ? -7.406  -1.843  4.275   1.00 10.28 ? 1002 HEM A NA  1 
HETATM 884  N  NB  . HEM C 2 .   ? -6.865  -3.163  1.617   1.00 11.28 ? 1002 HEM A NB  1 
HETATM 885  N  NC  . HEM C 2 .   ? -9.732  -4.016  1.491   1.00 10.28 ? 1002 HEM A NC  1 
HETATM 886  N  ND  . HEM C 2 .   ? -10.231 -2.661  4.135   1.00 12.20 ? 1002 HEM A ND  1 
HETATM 887  FE FE  . HEM C 2 .   ? -8.549  -2.991  2.917   1.00 11.61 ? 1002 HEM A FE  1 
HETATM 888  C  CHA . HEM D 2 .   ? -1.835  -7.772  -5.998  1.00 11.92 ? 1001 HEM A CHA 1 
HETATM 889  C  CHB . HEM D 2 .   ? -1.173  -12.217 -4.313  1.00 11.77 ? 1001 HEM A CHB 1 
HETATM 890  C  CHC . HEM D 2 .   ? 1.640   -10.491 -0.829  1.00 10.60 ? 1001 HEM A CHC 1 
HETATM 891  C  CHD . HEM D 2 .   ? 0.323   -6.055  -2.052  1.00 11.93 ? 1001 HEM A CHD 1 
HETATM 892  C  C1A . HEM D 2 .   ? -1.899  -9.176  -5.937  1.00 12.44 ? 1001 HEM A C1A 1 
HETATM 893  C  C2A . HEM D 2 .   ? -2.579  -10.024 -6.800  1.00 13.79 ? 1001 HEM A C2A 1 
HETATM 894  C  C3A . HEM D 2 .   ? -2.465  -11.299 -6.247  1.00 12.36 ? 1001 HEM A C3A 1 
HETATM 895  C  C4A . HEM D 2 .   ? -1.635  -11.177 -5.142  1.00 12.25 ? 1001 HEM A C4A 1 
HETATM 896  C  CMA . HEM D 2 .   ? -3.099  -12.576 -6.754  1.00 12.56 ? 1001 HEM A CMA 1 
HETATM 897  C  CAA . HEM D 2 .   ? -3.306  -9.631  -8.068  1.00 14.85 ? 1001 HEM A CAA 1 
HETATM 898  C  CBA . HEM D 2 .   ? -4.612  -8.899  -7.798  1.00 18.72 ? 1001 HEM A CBA 1 
HETATM 899  C  CGA . HEM D 2 .   ? -5.448  -8.704  -9.054  1.00 22.32 ? 1001 HEM A CGA 1 
HETATM 900  O  O1A . HEM D 2 .   ? -5.087  -7.848  -9.888  1.00 21.99 ? 1001 HEM A O1A 1 
HETATM 901  O  O2A . HEM D 2 .   ? -6.473  -9.405  -9.195  1.00 23.27 ? 1001 HEM A O2A 1 
HETATM 902  C  C1B . HEM D 2 .   ? -0.310  -12.207 -3.208  1.00 12.02 ? 1001 HEM A C1B 1 
HETATM 903  C  C2B . HEM D 2 .   ? 0.140   -13.307 -2.482  1.00 12.92 ? 1001 HEM A C2B 1 
HETATM 904  C  C3B . HEM D 2 .   ? 1.066   -12.803 -1.557  1.00 12.87 ? 1001 HEM A C3B 1 
HETATM 905  C  C4B . HEM D 2 .   ? 0.994   -11.423 -1.672  1.00 12.45 ? 1001 HEM A C4B 1 
HETATM 906  C  CMB . HEM D 2 .   ? -0.336  -14.739 -2.660  1.00 13.75 ? 1001 HEM A CMB 1 
HETATM 907  C  CAB . HEM D 2 .   ? 1.937   -13.470 -0.697  1.00 15.02 ? 1001 HEM A CAB 1 
HETATM 908  C  CBB . HEM D 2 .   ? 2.396   -14.816 -0.913  1.00 19.96 ? 1001 HEM A CBB 1 
HETATM 909  C  C1C . HEM D 2 .   ? 1.548   -9.083  -0.820  1.00 11.54 ? 1001 HEM A C1C 1 
HETATM 910  C  C2C . HEM D 2 .   ? 2.160   -8.247  0.107   1.00 11.34 ? 1001 HEM A C2C 1 
HETATM 911  C  C3C . HEM D 2 .   ? 1.625   -6.988  -0.124  1.00 10.86 ? 1001 HEM A C3C 1 
HETATM 912  C  C4C . HEM D 2 .   ? 0.915   -7.100  -1.319  1.00 10.78 ? 1001 HEM A C4C 1 
HETATM 913  C  CMC . HEM D 2 .   ? 3.183   -8.704  1.146   1.00 11.35 ? 1001 HEM A CMC 1 
HETATM 914  C  CAC . HEM D 2 .   ? 1.772   -5.805  0.616   1.00 11.19 ? 1001 HEM A CAC 1 
HETATM 915  C  CBC . HEM D 2 .   ? 2.943   -5.498  1.459   1.00 13.41 ? 1001 HEM A CBC 1 
HETATM 916  C  C1D . HEM D 2 .   ? -0.346  -6.087  -3.299  1.00 10.87 ? 1001 HEM A C1D 1 
HETATM 917  C  C2D . HEM D 2 .   ? -0.786  -4.986  -3.984  1.00 11.53 ? 1001 HEM A C2D 1 
HETATM 918  C  C3D . HEM D 2 .   ? -1.405  -5.472  -5.138  1.00 10.25 ? 1001 HEM A C3D 1 
HETATM 919  C  C4D . HEM D 2 .   ? -1.302  -6.850  -5.081  1.00 11.91 ? 1001 HEM A C4D 1 
HETATM 920  C  CMD . HEM D 2 .   ? -0.637  -3.533  -3.550  1.00 9.56  ? 1001 HEM A CMD 1 
HETATM 921  C  CAD . HEM D 2 .   ? -2.066  -4.626  -6.211  1.00 10.78 ? 1001 HEM A CAD 1 
HETATM 922  C  CBD . HEM D 2 .   ? -3.584  -4.609  -6.063  1.00 12.18 ? 1001 HEM A CBD 1 
HETATM 923  C  CGD . HEM D 2 .   ? -4.220  -3.354  -6.622  1.00 14.70 ? 1001 HEM A CGD 1 
HETATM 924  O  O1D . HEM D 2 .   ? -3.485  -2.528  -7.208  1.00 15.81 ? 1001 HEM A O1D 1 
HETATM 925  O  O2D . HEM D 2 .   ? -5.451  -3.188  -6.473  1.00 13.34 ? 1001 HEM A O2D 1 
HETATM 926  N  NA  . HEM D 2 .   ? -1.292  -9.900  -4.990  1.00 12.33 ? 1001 HEM A NA  1 
HETATM 927  N  NB  . HEM D 2 .   ? 0.217   -11.098 -2.692  1.00 11.70 ? 1001 HEM A NB  1 
HETATM 928  N  NC  . HEM D 2 .   ? 0.876   -8.356  -1.708  1.00 10.90 ? 1001 HEM A NC  1 
HETATM 929  N  ND  . HEM D 2 .   ? -0.633  -7.179  -3.988  1.00 10.61 ? 1001 HEM A ND  1 
HETATM 930  FE FE  . HEM D 2 .   ? -0.172  -9.125  -3.365  1.00 11.88 ? 1001 HEM A FE  1 
HETATM 931  C  CHA . HEM E 2 .   ? 10.380  -1.703  -0.394  1.00 12.64 ? 1003 HEM A CHA 1 
HETATM 932  C  CHB . HEM E 2 .   ? 6.380   0.011   -2.423  1.00 11.68 ? 1003 HEM A CHB 1 
HETATM 933  C  CHC . HEM E 2 .   ? 3.800   -1.650  1.300   1.00 10.43 ? 1003 HEM A CHC 1 
HETATM 934  C  CHD . HEM E 2 .   ? 7.845   -3.165  3.415   1.00 10.17 ? 1003 HEM A CHD 1 
HETATM 935  C  C1A . HEM E 2 .   ? 9.537   -1.068  -1.326  1.00 11.30 ? 1003 HEM A C1A 1 
HETATM 936  C  C2A . HEM E 2 .   ? 9.950   -0.472  -2.496  1.00 12.44 ? 1003 HEM A C2A 1 
HETATM 937  C  C3A . HEM E 2 .   ? 8.794   0.031   -3.096  1.00 11.63 ? 1003 HEM A C3A 1 
HETATM 938  C  C4A . HEM E 2 .   ? 7.748   -0.297  -2.241  1.00 10.98 ? 1003 HEM A C4A 1 
HETATM 939  C  CMA . HEM E 2 .   ? 8.684   0.784   -4.417  1.00 13.01 ? 1003 HEM A CMA 1 
HETATM 940  C  CAA . HEM E 2 .   ? 11.382  -0.407  -2.992  1.00 11.88 ? 1003 HEM A CAA 1 
HETATM 941  C  CBA . HEM E 2 .   ? 11.794  -1.667  -3.726  1.00 14.13 ? 1003 HEM A CBA 1 
HETATM 942  C  CGA . HEM E 2 .   ? 10.984  -1.894  -4.989  1.00 15.94 ? 1003 HEM A CGA 1 
HETATM 943  O  O1A . HEM E 2 .   ? 11.154  -1.117  -5.954  1.00 16.47 ? 1003 HEM A O1A 1 
HETATM 944  O  O2A . HEM E 2 .   ? 10.178  -2.850  -5.018  1.00 15.04 ? 1003 HEM A O2A 1 
HETATM 945  C  C1B . HEM E 2 .   ? 5.255   -0.251  -1.594  1.00 11.79 ? 1003 HEM A C1B 1 
HETATM 946  C  C2B . HEM E 2 .   ? 3.940   0.106   -1.856  1.00 11.16 ? 1003 HEM A C2B 1 
HETATM 947  C  C3B . HEM E 2 .   ? 3.173   -0.409  -0.798  1.00 12.42 ? 1003 HEM A C3B 1 
HETATM 948  C  C4B . HEM E 2 .   ? 4.080   -1.009  0.077   1.00 11.91 ? 1003 HEM A C4B 1 
HETATM 949  C  CMB . HEM E 2 .   ? 3.508   0.888   -3.094  1.00 12.58 ? 1003 HEM A CMB 1 
HETATM 950  C  CAB . HEM E 2 .   ? 1.782   -0.411  -0.620  1.00 12.29 ? 1003 HEM A CAB 1 
HETATM 951  C  CBB . HEM E 2 .   ? 0.817   -0.375  -1.735  1.00 14.65 ? 1003 HEM A CBB 1 
HETATM 952  C  C1C . HEM E 2 .   ? 4.662   -2.206  2.270   1.00 11.83 ? 1003 HEM A C1C 1 
HETATM 953  C  C2C . HEM E 2 .   ? 4.283   -2.723  3.511   1.00 11.00 ? 1003 HEM A C2C 1 
HETATM 954  C  C3C . HEM E 2 .   ? 5.471   -3.100  4.142   1.00 11.32 ? 1003 HEM A C3C 1 
HETATM 955  C  C4C . HEM E 2 .   ? 6.489   -2.869  3.235   1.00 11.19 ? 1003 HEM A C4C 1 
HETATM 956  C  CMC . HEM E 2 .   ? 2.835   -2.767  3.987   1.00 11.04 ? 1003 HEM A CMC 1 
HETATM 957  C  CAC . HEM E 2 .   ? 5.662   -3.630  5.408   1.00 10.92 ? 1003 HEM A CAC 1 
HETATM 958  C  CBC . HEM E 2 .   ? 4.571   -4.080  6.242   1.00 11.37 ? 1003 HEM A CBC 1 
HETATM 959  C  C1D . HEM E 2 .   ? 8.938   -2.904  2.576   1.00 11.02 ? 1003 HEM A C1D 1 
HETATM 960  C  C2D . HEM E 2 .   ? 10.248  -3.248  2.837   1.00 10.86 ? 1003 HEM A C2D 1 
HETATM 961  C  C3D . HEM E 2 .   ? 10.972  -2.825  1.728   1.00 13.18 ? 1003 HEM A C3D 1 
HETATM 962  C  C4D . HEM E 2 .   ? 10.078  -2.250  0.862   1.00 11.52 ? 1003 HEM A C4D 1 
HETATM 963  C  CMD . HEM E 2 .   ? 10.779  -3.924  4.090   1.00 9.10  ? 1003 HEM A CMD 1 
HETATM 964  C  CAD . HEM E 2 .   ? 12.468  -2.932  1.507   1.00 16.32 ? 1003 HEM A CAD 1 
HETATM 965  C  CBD . HEM E 2 .   ? 13.223  -1.862  2.267   1.00 19.86 ? 1003 HEM A CBD 1 
HETATM 966  C  CGD . HEM E 2 .   ? 14.412  -1.323  1.499   1.00 22.81 ? 1003 HEM A CGD 1 
HETATM 967  O  O1D . HEM E 2 .   ? 15.224  -0.590  2.098   1.00 22.46 ? 1003 HEM A O1D 1 
HETATM 968  O  O2D . HEM E 2 .   ? 14.533  -1.631  0.295   1.00 27.66 ? 1003 HEM A O2D 1 
HETATM 969  N  NA  . HEM E 2 .   ? 8.221   -0.953  -1.198  1.00 10.40 ? 1003 HEM A NA  1 
HETATM 970  N  NB  . HEM E 2 .   ? 5.306   -0.901  -0.438  1.00 12.22 ? 1003 HEM A NB  1 
HETATM 971  N  NC  . HEM E 2 .   ? 5.978   -2.298  2.125   1.00 10.69 ? 1003 HEM A NC  1 
HETATM 972  N  ND  . HEM E 2 .   ? 8.862   -2.283  1.402   1.00 11.78 ? 1003 HEM A ND  1 
HETATM 973  FE FE  . HEM E 2 .   ? 7.090   -1.605  0.468   1.00 11.80 ? 1003 HEM A FE  1 
HETATM 974  O  O   . HOH F 3 .   ? -8.598  8.301   -2.030  1.00 9.09  ? 1005 HOH A O   1 
HETATM 975  O  O   . HOH F 3 .   ? 15.051  12.470  4.295   1.00 10.80 ? 1006 HOH A O   1 
HETATM 976  O  O   . HOH F 3 .   ? -7.176  -1.518  -7.071  1.00 11.91 ? 1007 HOH A O   1 
HETATM 977  O  O   . HOH F 3 .   ? -8.459  8.366   0.975   1.00 8.87  ? 1008 HOH A O   1 
HETATM 978  O  O   . HOH F 3 .   ? -6.417  -7.556  -1.607  1.00 13.15 ? 1009 HOH A O   1 
HETATM 979  O  O   . HOH F 3 .   ? 0.232   2.350   8.675   1.00 10.08 ? 1010 HOH A O   1 
HETATM 980  O  O   . HOH F 3 .   ? 5.273   -10.929 -1.883  1.00 13.25 ? 1011 HOH A O   1 
HETATM 981  O  O   . HOH F 3 .   ? 9.775   -4.054  -11.415 1.00 18.80 ? 1012 HOH A O   1 
HETATM 982  O  O   . HOH F 3 .   ? -4.216  -4.252  13.957  1.00 15.15 ? 1013 HOH A O   1 
HETATM 983  O  O   . HOH F 3 .   ? 20.927  3.348   8.638   1.00 12.91 ? 1014 HOH A O   1 
HETATM 984  O  O   . HOH F 3 .   ? -15.209 3.395   7.394   1.00 16.77 ? 1015 HOH A O   1 
HETATM 985  O  O   . HOH F 3 .   ? 4.322   -7.295  -8.242  1.00 10.66 ? 1016 HOH A O   1 
HETATM 986  O  O   . HOH F 3 .   ? -6.809  10.439  3.262   1.00 16.79 ? 1017 HOH A O   1 
HETATM 987  O  O   . HOH F 3 .   ? -9.328  3.110   3.527   1.00 16.33 ? 1018 HOH A O   1 
HETATM 988  O  O   . HOH F 3 .   ? -14.403 7.596   -5.745  1.00 15.26 ? 1019 HOH A O   1 
HETATM 989  O  O   . HOH F 3 .   ? -4.758  -0.113  -7.568  1.00 13.79 ? 1020 HOH A O   1 
HETATM 990  O  O   . HOH F 3 .   ? -10.236 -7.879  -8.103  1.00 16.95 ? 1021 HOH A O   1 
HETATM 991  O  O   . HOH F 3 .   ? 7.321   -2.361  -4.805  1.00 13.42 ? 1022 HOH A O   1 
HETATM 992  O  O   . HOH F 3 .   ? -12.439 -10.067 8.850   1.00 15.45 ? 1023 HOH A O   1 
HETATM 993  O  O   . HOH F 3 .   ? 1.083   3.265   12.810  1.00 17.19 ? 1024 HOH A O   1 
HETATM 994  O  O   . HOH F 3 .   ? -8.445  10.355  -7.155  1.00 19.33 ? 1025 HOH A O   1 
HETATM 995  O  O   . HOH F 3 .   ? -14.213 -0.556  2.569   1.00 21.02 ? 1026 HOH A O   1 
HETATM 996  O  O   . HOH F 3 .   ? 14.032  -3.800  -1.422  1.00 26.96 ? 1027 HOH A O   1 
HETATM 997  O  O   . HOH F 3 .   ? 8.225   -11.149 -11.827 1.00 20.73 ? 1028 HOH A O   1 
HETATM 998  O  O   . HOH F 3 .   ? 10.629  -8.195  2.120   1.00 25.84 ? 1029 HOH A O   1 
HETATM 999  O  O   . HOH F 3 .   ? 3.871   8.368   -8.984  1.00 18.02 ? 1030 HOH A O   1 
HETATM 1000 O  O   . HOH F 3 .   ? 4.756   -11.913 0.526   1.00 13.57 ? 1031 HOH A O   1 
HETATM 1001 O  O   . HOH F 3 .   ? 6.507   3.852   -8.770  1.00 17.20 ? 1032 HOH A O   1 
HETATM 1002 O  O   . HOH F 3 .   ? 4.348   13.708  -5.549  1.00 25.04 ? 1033 HOH A O   1 
HETATM 1003 O  O   . HOH F 3 .   ? -5.470  11.727  -9.465  1.00 19.39 ? 1034 HOH A O   1 
HETATM 1004 O  O   . HOH F 3 .   ? -11.186 -7.669  8.827   1.00 16.31 ? 1035 HOH A O   1 
HETATM 1005 O  O   . HOH F 3 .   ? 7.876   1.685   -7.431  1.00 21.72 ? 1036 HOH A O   1 
HETATM 1006 O  O   . HOH F 3 .   ? 1.622   -8.479  -12.103 1.00 27.10 ? 1037 HOH A O   1 
HETATM 1007 O  O   . HOH F 3 .   ? -9.053  14.421  -14.681 1.00 31.02 ? 1038 HOH A O   1 
HETATM 1008 O  O   . HOH F 3 .   ? -4.373  -12.896 7.631   1.00 21.78 ? 1039 HOH A O   1 
HETATM 1009 O  O   . HOH F 3 .   ? -9.863  -8.078  11.162  1.00 18.06 ? 1040 HOH A O   1 
HETATM 1010 O  O   . HOH F 3 .   ? -1.350  9.329   9.146   1.00 22.56 ? 1041 HOH A O   1 
HETATM 1011 O  O   . HOH F 3 .   ? 11.720  -8.580  -10.886 1.00 17.55 ? 1042 HOH A O   1 
HETATM 1012 O  O   . HOH F 3 .   ? -1.190  -0.196  1.929   1.00 15.29 ? 1043 HOH A O   1 
HETATM 1013 O  O   . HOH F 3 .   ? 16.055  0.699   6.411   1.00 17.44 ? 1044 HOH A O   1 
HETATM 1014 O  O   . HOH F 3 .   ? -14.408 -7.555  7.811   1.00 18.33 ? 1045 HOH A O   1 
HETATM 1015 O  O   . HOH F 3 .   ? 15.918  -1.234  4.596   1.00 21.97 ? 1046 HOH A O   1 
HETATM 1016 O  O   . HOH F 3 .   ? -9.430  6.922   9.931   1.00 16.89 ? 1047 HOH A O   1 
HETATM 1017 O  O   . HOH F 3 .   ? -3.437  -16.552 7.192   1.00 24.40 ? 1048 HOH A O   1 
HETATM 1018 O  O   . HOH F 3 .   ? 6.672   -11.160 -8.087  1.00 17.69 ? 1049 HOH A O   1 
HETATM 1019 O  O   . HOH F 3 .   ? 2.967   5.264   -15.082 1.00 25.97 ? 1050 HOH A O   1 
HETATM 1020 O  O   . HOH F 3 .   ? 6.398   10.749  4.330   1.00 26.71 ? 1051 HOH A O   1 
HETATM 1021 O  O   . HOH F 3 .   ? -13.021 -12.089 1.970   1.00 28.58 ? 1052 HOH A O   1 
HETATM 1022 O  O   . HOH F 3 .   ? -8.502  4.532   10.966  1.00 22.31 ? 1053 HOH A O   1 
HETATM 1023 O  O   . HOH F 3 .   ? -13.148 0.976   -8.142  1.00 30.89 ? 1054 HOH A O   1 
HETATM 1024 O  O   . HOH F 3 .   ? 13.236  -6.045  -0.010  1.00 24.42 ? 1055 HOH A O   1 
HETATM 1025 O  O   . HOH F 3 .   ? 8.488   13.952  1.550   1.00 20.59 ? 1056 HOH A O   1 
HETATM 1026 O  O   . HOH F 3 .   ? -10.037 -13.093 -2.696  1.00 23.83 ? 1057 HOH A O   1 
HETATM 1027 O  O   . HOH F 3 .   ? -8.717  8.667   -9.172  1.00 19.96 ? 1058 HOH A O   1 
HETATM 1028 O  O   . HOH F 3 .   ? -9.609  0.919   11.557  1.00 27.24 ? 1059 HOH A O   1 
HETATM 1029 O  O   . HOH F 3 .   ? -12.059 16.150  -1.369  1.00 31.11 ? 1060 HOH A O   1 
HETATM 1030 O  O   . HOH F 3 .   ? -1.742  -2.336  3.586   1.00 19.91 ? 1061 HOH A O   1 
HETATM 1031 O  O   . HOH F 3 .   ? -18.669 -2.026  1.423   1.00 30.33 ? 1062 HOH A O   1 
HETATM 1032 O  O   . HOH F 3 .   ? -1.345  -12.067 8.553   1.00 38.90 ? 1063 HOH A O   1 
HETATM 1033 O  O   . HOH F 3 .   ? -4.616  -0.004  -10.270 1.00 15.20 ? 1064 HOH A O   1 
HETATM 1034 O  O   . HOH F 3 .   ? 1.140   0.679   -17.328 1.00 34.70 ? 1065 HOH A O   1 
HETATM 1035 O  O   . HOH F 3 .   ? 11.007  6.712   9.668   1.00 20.61 ? 1066 HOH A O   1 
HETATM 1036 O  O   . HOH F 3 .   ? -3.469  -4.393  4.238   1.00 15.72 ? 1067 HOH A O   1 
HETATM 1037 O  O   . HOH F 3 .   ? -9.650  5.739   -10.763 1.00 25.40 ? 1068 HOH A O   1 
HETATM 1038 O  O   . HOH F 3 .   ? -2.986  -2.788  -9.925  1.00 29.97 ? 1069 HOH A O   1 
HETATM 1039 O  O   . HOH F 3 .   ? -7.018  8.400   -4.355  1.00 22.75 ? 1070 HOH A O   1 
HETATM 1040 O  O   . HOH F 3 .   ? 8.753   -16.517 -3.615  1.00 28.80 ? 1071 HOH A O   1 
HETATM 1041 O  O   . HOH F 3 .   ? 4.042   -6.950  -14.608 1.00 32.42 ? 1072 HOH A O   1 
HETATM 1042 O  O   . HOH F 3 .   ? -5.131  -7.585  -4.787  1.00 33.52 ? 1073 HOH A O   1 
HETATM 1043 O  O   . HOH F 3 .   ? -16.859 -5.416  -2.246  1.00 23.52 ? 1074 HOH A O   1 
HETATM 1044 O  O   . HOH F 3 .   ? -17.579 5.262   4.155   1.00 38.01 ? 1075 HOH A O   1 
HETATM 1045 O  O   . HOH F 3 .   ? 10.237  -3.586  7.974   1.00 30.08 ? 1076 HOH A O   1 
HETATM 1046 O  O   . HOH F 3 .   ? -0.371  -4.607  9.536   1.00 26.91 ? 1077 HOH A O   1 
HETATM 1047 O  O   . HOH F 3 .   ? 1.490   -12.122 -12.798 1.00 28.94 ? 1078 HOH A O   1 
HETATM 1048 O  O   . HOH F 3 .   ? -2.216  11.804  5.065   1.00 30.60 ? 1079 HOH A O   1 
HETATM 1049 O  O   . HOH F 3 .   ? -5.480  6.643   10.313  1.00 22.63 ? 1080 HOH A O   1 
HETATM 1050 O  O   . HOH F 3 .   ? 14.696  15.689  -3.111  1.00 26.52 ? 1081 HOH A O   1 
HETATM 1051 O  O   . HOH F 3 .   ? 1.801   9.829   4.740   1.00 28.65 ? 1082 HOH A O   1 
HETATM 1052 O  O   . HOH F 3 .   ? 4.813   -1.724  14.666  1.00 28.20 ? 1083 HOH A O   1 
HETATM 1053 O  O   . HOH F 3 .   ? 17.132  11.319  11.154  1.00 37.13 ? 1084 HOH A O   1 
HETATM 1054 O  O   . HOH F 3 .   ? -13.434 14.064  2.337   1.00 44.03 ? 1085 HOH A O   1 
HETATM 1055 O  O   . HOH F 3 .   ? -6.459  5.303   12.407  1.00 28.86 ? 1086 HOH A O   1 
HETATM 1056 O  O   . HOH F 3 .   ? -5.147  -7.799  -12.714 1.00 41.23 ? 1087 HOH A O   1 
HETATM 1057 O  O   . HOH F 3 .   ? 0.020   11.862  3.322   1.00 22.06 ? 1088 HOH A O   1 
HETATM 1058 O  O   . HOH F 3 .   ? -12.027 -2.838  12.813  1.00 32.83 ? 1089 HOH A O   1 
HETATM 1059 O  O   . HOH F 3 .   ? -0.837  -14.789 4.836   1.00 34.76 ? 1090 HOH A O   1 
HETATM 1060 O  O   . HOH F 3 .   ? 3.845   3.382   11.526  1.00 35.57 ? 1091 HOH A O   1 
HETATM 1061 O  O   . HOH F 3 .   ? -1.397  15.150  -7.488  1.00 31.69 ? 1092 HOH A O   1 
HETATM 1062 O  O   . HOH F 3 .   ? -0.414  -18.252 -1.216  1.00 41.77 ? 1093 HOH A O   1 
HETATM 1063 O  O   . HOH F 3 .   ? 10.046  -0.291  -8.310  1.00 28.42 ? 1094 HOH A O   1 
HETATM 1064 O  O   . HOH F 3 .   ? -18.968 1.548   -2.223  1.00 26.01 ? 1095 HOH A O   1 
HETATM 1065 O  O   . HOH F 3 .   ? 13.692  -9.170  -5.713  1.00 30.12 ? 1096 HOH A O   1 
HETATM 1066 O  O   . HOH F 3 .   ? -0.712  10.668  -14.440 1.00 35.51 ? 1097 HOH A O   1 
HETATM 1067 O  O   . HOH F 3 .   ? 14.982  -1.409  9.480   1.00 37.46 ? 1098 HOH A O   1 
HETATM 1068 O  O   . HOH F 3 .   ? 15.462  11.402  -5.788  1.00 38.71 ? 1099 HOH A O   1 
HETATM 1069 O  O   . HOH F 3 .   ? 14.754  7.781   -3.929  1.00 28.04 ? 1100 HOH A O   1 
HETATM 1070 O  O   . HOH F 3 .   ? 0.401   -4.298  6.166   1.00 15.96 ? 1101 HOH A O   1 
HETATM 1071 O  O   . HOH F 3 .   ? 8.903   10.471  5.822   1.00 28.83 ? 1102 HOH A O   1 
HETATM 1072 O  O   . HOH F 3 .   ? -0.207  3.748   -16.830 1.00 40.12 ? 1103 HOH A O   1 
HETATM 1073 O  O   . HOH F 3 .   ? -1.863  14.405  0.409   1.00 33.16 ? 1104 HOH A O   1 
HETATM 1074 O  O   . HOH F 3 .   ? 14.842  0.615   -1.665  1.00 34.63 ? 1105 HOH A O   1 
HETATM 1075 O  O   . HOH F 3 .   ? 4.375   8.679   15.319  1.00 40.57 ? 1106 HOH A O   1 
HETATM 1076 O  O   . HOH F 3 .   ? 0.055   -2.892  1.224   1.00 17.33 ? 1107 HOH A O   1 
HETATM 1077 O  O   . HOH F 3 .   ? 10.789  -10.627 -12.442 1.00 18.12 ? 1108 HOH A O   1 
HETATM 1078 O  O   . HOH F 3 .   ? 6.130   -12.974 -3.448  1.00 17.43 ? 1109 HOH A O   1 
HETATM 1079 O  O   . HOH F 3 .   ? -16.259 -0.248  4.485   1.00 22.71 ? 1110 HOH A O   1 
HETATM 1080 O  O   . HOH F 3 .   ? -4.064  14.288  -6.370  1.00 21.24 ? 1111 HOH A O   1 
HETATM 1081 O  O   . HOH F 3 .   ? 12.348  12.458  3.211   1.00 19.66 ? 1112 HOH A O   1 
HETATM 1082 O  O   . HOH F 3 .   ? 7.510   -12.602 -5.782  1.00 24.37 ? 1113 HOH A O   1 
HETATM 1083 O  O   . HOH F 3 .   ? -9.254  -1.528  -8.944  1.00 21.54 ? 1114 HOH A O   1 
HETATM 1084 O  O   . HOH F 3 .   ? -11.315 4.481   -9.322  1.00 30.44 ? 1115 HOH A O   1 
HETATM 1085 O  O   . HOH F 3 .   ? 6.415   -15.631 -2.475  1.00 21.30 ? 1116 HOH A O   1 
HETATM 1086 O  O   . HOH F 3 .   ? 1.149   14.261  4.098   1.00 26.38 ? 1117 HOH A O   1 
HETATM 1087 O  O   . HOH F 3 .   ? -7.097  -8.237  11.536  1.00 26.53 ? 1118 HOH A O   1 
HETATM 1088 O  O   . HOH F 3 .   ? 14.985  13.355  6.776   1.00 30.17 ? 1119 HOH A O   1 
HETATM 1089 O  O   . HOH F 3 .   ? -9.937  12.457  -16.256 1.00 29.93 ? 1120 HOH A O   1 
HETATM 1090 O  O   . HOH F 3 .   ? -3.416  10.331  -15.897 1.00 28.12 ? 1121 HOH A O   1 
HETATM 1091 O  O   . HOH F 3 .   ? 1.826   -5.523  8.408   1.00 34.20 ? 1122 HOH A O   1 
HETATM 1092 O  O   . HOH F 3 .   ? -9.752  16.982  -15.804 1.00 26.98 ? 1123 HOH A O   1 
HETATM 1093 O  O   . HOH F 3 .   ? -12.919 11.149  6.491   1.00 26.95 ? 1124 HOH A O   1 
HETATM 1094 O  O   . HOH F 3 .   ? 1.959   -18.265 -2.226  1.00 29.75 ? 1125 HOH A O   1 
HETATM 1095 O  O   . HOH F 3 .   ? -16.749 2.588   5.317   1.00 27.03 ? 1126 HOH A O   1 
HETATM 1096 O  O   . HOH F 3 .   ? 8.458   -5.189  6.968   1.00 30.42 ? 1127 HOH A O   1 
HETATM 1097 O  O   . HOH F 3 .   ? 4.647   -16.296 -8.140  1.00 32.54 ? 1128 HOH A O   1 
HETATM 1098 O  O   . HOH F 3 .   ? -12.229 0.178   10.106  1.00 34.91 ? 1129 HOH A O   1 
HETATM 1099 O  O   . HOH F 3 .   ? -11.646 -5.608  -8.596  1.00 28.22 ? 1130 HOH A O   1 
HETATM 1100 O  O   . HOH F 3 .   ? -15.704 -4.230  2.051   1.00 25.78 ? 1131 HOH A O   1 
HETATM 1101 O  O   . HOH F 3 .   ? 7.860   -13.122 -9.633  1.00 30.26 ? 1132 HOH A O   1 
HETATM 1102 O  O   . HOH F 3 .   ? 18.426  -2.118  4.265   1.00 29.04 ? 1133 HOH A O   1 
HETATM 1103 O  O   . HOH F 3 .   ? -1.773  15.621  -1.989  1.00 36.95 ? 1134 HOH A O   1 
HETATM 1104 O  O   . HOH F 3 .   ? 8.700   -2.590  -13.456 1.00 36.65 ? 1135 HOH A O   1 
HETATM 1105 O  O   . HOH F 3 .   ? -11.158 -12.709 -5.731  1.00 34.83 ? 1136 HOH A O   1 
HETATM 1106 O  O   . HOH F 3 .   ? -3.836  -10.012 8.686   1.00 38.33 ? 1137 HOH A O   1 
HETATM 1107 O  O   . HOH F 3 .   ? 3.525   -16.831 -3.963  1.00 37.80 ? 1138 HOH A O   1 
HETATM 1108 O  O   . HOH F 3 .   ? -18.966 -6.758  3.816   1.00 34.46 ? 1139 HOH A O   1 
HETATM 1109 O  O   . HOH F 3 .   ? -8.797  -16.076 1.171   1.00 29.55 ? 1140 HOH A O   1 
HETATM 1110 O  O   . HOH F 3 .   ? 12.379  -7.168  4.394   1.00 34.86 ? 1141 HOH A O   1 
HETATM 1111 O  O   . HOH F 3 .   ? -16.436 -10.796 2.074   1.00 33.03 ? 1142 HOH A O   1 
HETATM 1112 O  O   . HOH F 3 .   ? -4.615  14.048  1.249   1.00 28.85 ? 1143 HOH A O   1 
HETATM 1113 O  O   . HOH F 3 .   ? -7.371  -11.479 -7.304  1.00 39.75 ? 1144 HOH A O   1 
HETATM 1114 O  O   . HOH F 3 .   ? -18.576 -1.115  3.947   1.00 43.90 ? 1145 HOH A O   1 
HETATM 1115 O  O   . HOH F 3 .   ? 6.672   7.981   -10.420 1.00 35.69 ? 1146 HOH A O   1 
HETATM 1116 O  O   . HOH F 3 .   ? 21.441  8.191   6.259   1.00 29.88 ? 1147 HOH A O   1 
HETATM 1117 O  O   . HOH F 3 .   ? -10.450 -0.529  13.485  1.00 37.62 ? 1148 HOH A O   1 
HETATM 1118 O  O   . HOH F 3 .   ? 12.746  -10.000 1.825   1.00 35.28 ? 1149 HOH A O   1 
HETATM 1119 O  O   . HOH F 3 .   ? -9.334  14.611  5.975   1.00 28.31 ? 1150 HOH A O   1 
HETATM 1120 O  O   . HOH F 3 .   ? 8.992   13.387  -11.997 1.00 45.59 ? 1151 HOH A O   1 
HETATM 1121 O  O   . HOH F 3 .   ? 6.944   9.689   15.531  1.00 32.11 ? 1152 HOH A O   1 
HETATM 1122 O  O   . HOH F 3 .   ? -10.462 3.322   12.849  1.00 39.87 ? 1153 HOH A O   1 
HETATM 1123 O  O   . HOH F 3 .   ? -3.080  -0.889  -15.264 1.00 38.12 ? 1154 HOH A O   1 
HETATM 1124 O  O   . HOH F 3 .   ? 15.344  -3.804  -4.150  1.00 33.34 ? 1155 HOH A O   1 
HETATM 1125 O  O   . HOH F 3 .   ? 4.184   10.459  6.208   1.00 30.44 ? 1156 HOH A O   1 
HETATM 1126 O  O   . HOH F 3 .   ? 4.258   -10.023 7.960   1.00 33.21 ? 1157 HOH A O   1 
HETATM 1127 O  O   . HOH F 3 .   ? 10.409  -1.158  -10.720 1.00 34.64 ? 1158 HOH A O   1 
HETATM 1128 O  O   . HOH F 3 .   ? -7.480  10.988  -10.805 1.00 40.87 ? 1159 HOH A O   1 
HETATM 1129 O  O   . HOH F 3 .   ? -3.911  18.687  -4.704  1.00 39.23 ? 1160 HOH A O   1 
HETATM 1130 O  O   . HOH F 3 .   ? -13.312 4.310   -7.589  1.00 42.11 ? 1161 HOH A O   1 
HETATM 1131 O  O   . HOH F 3 .   ? -16.558 6.862   2.430   1.00 43.13 ? 1162 HOH A O   1 
HETATM 1132 O  O   . HOH F 3 .   ? -8.890  -8.108  -10.666 1.00 40.77 ? 1163 HOH A O   1 
HETATM 1133 O  O   . HOH F 3 .   ? 6.613   8.068   11.870  1.00 38.02 ? 1164 HOH A O   1 
HETATM 1134 O  O   . HOH F 3 .   ? -17.263 -5.666  0.452   1.00 39.37 ? 1165 HOH A O   1 
HETATM 1135 O  O   . HOH F 3 .   ? -3.986  13.521  4.123   1.00 42.26 ? 1166 HOH A O   1 
HETATM 1136 O  O   . HOH F 3 .   ? 2.803   10.655  15.890  1.00 41.14 ? 1167 HOH A O   1 
HETATM 1137 O  O   . HOH F 3 .   ? 12.915  15.188  -5.123  1.00 37.31 ? 1168 HOH A O   1 
HETATM 1138 O  O   . HOH F 3 .   ? -11.997 1.808   -10.421 1.00 38.10 ? 1169 HOH A O   1 
HETATM 1139 O  O   . HOH F 3 .   ? -13.254 -7.874  -7.707  1.00 35.84 ? 1170 HOH A O   1 
HETATM 1140 O  O   . HOH F 3 .   ? -1.923  17.542  -8.603  1.00 45.85 ? 1171 HOH A O   1 
HETATM 1141 O  O   . HOH F 3 .   ? -1.363  -14.927 -9.107  1.00 40.44 ? 1172 HOH A O   1 
HETATM 1142 O  O   . HOH F 3 .   ? 4.553   2.330   -17.773 1.00 31.53 ? 1173 HOH A O   1 
HETATM 1143 O  O   . HOH F 3 .   ? 7.623   -12.734 -13.957 1.00 39.31 ? 1174 HOH A O   1 
HETATM 1144 O  O   . HOH F 3 .   ? -20.068 4.496   3.234   1.00 44.70 ? 1175 HOH A O   1 
HETATM 1145 O  O   . HOH F 3 .   ? 2.388   -9.077  10.759  1.00 42.42 ? 1176 HOH A O   1 
HETATM 1146 O  O   . HOH F 3 .   ? 0.172   -3.793  -13.979 1.00 36.03 ? 1177 HOH A O   1 
HETATM 1147 O  O   . HOH F 3 .   ? 15.659  7.528   -6.322  1.00 48.57 ? 1178 HOH A O   1 
HETATM 1148 O  O   . HOH F 3 .   ? 17.756  -2.696  -0.205  1.00 44.64 ? 1179 HOH A O   1 
HETATM 1149 O  O   . HOH F 3 .   ? 12.036  -15.821 -6.804  1.00 40.34 ? 1180 HOH A O   1 
HETATM 1150 O  O   . HOH F 3 .   ? -0.506  16.011  1.938   1.00 40.06 ? 1181 HOH A O   1 
HETATM 1151 O  O   . HOH F 3 .   ? -1.675  -16.926 0.915   1.00 40.34 ? 1182 HOH A O   1 
HETATM 1152 O  O   . HOH F 3 .   ? 9.785   8.914   10.404  1.00 34.69 ? 1183 HOH A O   1 
HETATM 1153 O  O   . HOH F 3 .   ? 20.025  2.272   -1.839  1.00 47.02 ? 1184 HOH A O   1 
HETATM 1154 O  O   . HOH F 3 .   ? 11.463  1.951   13.404  1.00 35.96 ? 1185 HOH A O   1 
HETATM 1155 O  O   . HOH F 3 .   ? -4.097  14.596  -9.531  1.00 45.53 ? 1186 HOH A O   1 
HETATM 1156 O  O   . HOH F 3 .   ? 11.079  3.079   -8.029  1.00 36.95 ? 1187 HOH A O   1 
HETATM 1157 O  O   . HOH F 3 .   ? -11.053 -3.290  -9.510  1.00 23.51 ? 1188 HOH A O   1 
HETATM 1158 O  O   . HOH F 3 .   ? 12.936  -0.818  -10.916 1.00 36.57 ? 1189 HOH A O   1 
HETATM 1159 O  O   . HOH F 3 .   ? 14.261  17.631  -5.109  1.00 28.11 ? 1190 HOH A O   1 
HETATM 1160 O  O   . HOH F 3 .   ? -7.986  10.663  -15.749 1.00 34.54 ? 1191 HOH A O   1 
HETATM 1161 O  O   . HOH F 3 .   ? -18.046 1.833   -6.332  1.00 35.84 ? 1192 HOH A O   1 
HETATM 1162 O  O   . HOH F 3 .   ? -1.634  -17.610 5.182   1.00 34.91 ? 1193 HOH A O   1 
HETATM 1163 O  O   . HOH F 3 .   ? -3.263  16.431  -11.231 1.00 38.11 ? 1194 HOH A O   1 
HETATM 1164 O  O   . HOH F 3 .   ? 4.646   -5.155  9.715   1.00 36.32 ? 1195 HOH A O   1 
HETATM 1165 O  O   . HOH F 3 .   ? -0.773  -8.692  11.840  1.00 45.11 ? 1196 HOH A O   1 
HETATM 1166 O  O   . HOH F 3 .   ? 0.639   16.183  -2.810  1.00 37.19 ? 1197 HOH A O   1 
HETATM 1167 O  O   . HOH F 3 .   ? -6.367  15.445  4.584   1.00 39.70 ? 1198 HOH A O   1 
HETATM 1168 O  O   . HOH F 3 .   ? -3.172  -6.234  -9.416  1.00 37.49 ? 1199 HOH A O   1 
HETATM 1169 O  O   . HOH F 3 .   ? 5.792   -14.617 -10.819 1.00 43.97 ? 1200 HOH A O   1 
HETATM 1170 O  O   . HOH F 3 .   ? -19.535 -6.030  -2.887  1.00 45.52 ? 1201 HOH A O   1 
HETATM 1171 O  O   . HOH F 3 .   ? -7.416  -17.735 -0.298  1.00 42.32 ? 1202 HOH A O   1 
HETATM 1172 O  O   . HOH F 3 .   ? 1.908   -11.396 11.790  1.00 47.57 ? 1203 HOH A O   1 
HETATM 1173 O  O   . HOH F 3 .   ? -5.506  -1.160  -16.086 1.00 39.53 ? 1204 HOH A O   1 
HETATM 1174 O  O   . HOH F 3 .   ? -4.759  18.363  -7.389  1.00 43.94 ? 1205 HOH A O   1 
HETATM 1175 O  O   . HOH F 3 .   ? 2.449   -21.040 -2.600  1.00 41.69 ? 1206 HOH A O   1 
HETATM 1176 O  O   . HOH F 3 .   ? 3.947   -18.283 -9.886  1.00 42.88 ? 1207 HOH A O   1 
HETATM 1177 O  O   . HOH F 3 .   ? 6.219   11.231  8.622   1.00 42.28 ? 1208 HOH A O   1 
HETATM 1178 O  O   . HOH F 3 .   ? 2.015   9.012   7.370   1.00 46.83 ? 1209 HOH A O   1 
HETATM 1179 O  O   . HOH F 3 .   ? 13.419  -11.004 -2.926  1.00 44.89 ? 1210 HOH A O   1 
HETATM 1180 O  O   . HOH F 3 .   ? -9.810  3.921   -12.848 1.00 39.21 ? 1211 HOH A O   1 
HETATM 1181 O  O   . HOH F 3 .   ? 9.699   0.110   -13.155 1.00 46.65 ? 1212 HOH A O   1 
HETATM 1182 O  O   . HOH F 3 .   ? -0.360  -13.730 -12.004 1.00 48.65 ? 1213 HOH A O   1 
HETATM 1183 O  O   . HOH F 3 .   ? -1.376  -8.426  -11.443 1.00 37.95 ? 1214 HOH A O   1 
HETATM 1184 O  O   . HOH F 3 .   ? -15.068 11.850  3.667   1.00 49.42 ? 1215 HOH A O   1 
HETATM 1185 O  O   . HOH F 3 .   ? 1.679   3.773   10.287  1.00 46.92 ? 1216 HOH A O   1 
HETATM 1186 O  O   . HOH F 3 .   ? 2.351   12.143  -5.480  1.00 33.95 ? 1217 HOH A O   1 
HETATM 1187 O  O   . HOH F 3 .   ? -10.667 -6.260  -11.076 1.00 42.41 ? 1218 HOH A O   1 
HETATM 1188 O  O   . HOH F 3 .   ? 0.198   -16.716 3.493   1.00 48.64 ? 1219 HOH A O   1 
HETATM 1189 O  O   . HOH F 3 .   ? -16.997 4.845   -1.814  1.00 42.70 ? 1220 HOH A O   1 
HETATM 1190 O  O   . HOH F 3 .   ? 3.127   15.727  -3.561  1.00 47.31 ? 1221 HOH A O   1 
HETATM 1191 O  O   . HOH F 3 .   ? 14.687  -8.102  -1.506  1.00 42.54 ? 1222 HOH A O   1 
HETATM 1192 O  O   . HOH F 3 .   ? 2.661   -6.024  12.253  1.00 44.68 ? 1223 HOH A O   1 
HETATM 1193 O  O   . HOH F 3 .   ? 14.775  -0.574  -8.917  1.00 41.22 ? 1224 HOH A O   1 
HETATM 1194 O  O   . HOH F 3 .   ? -20.275 0.427   -5.157  1.00 36.44 ? 1225 HOH A O   1 
HETATM 1195 O  O   . HOH F 3 .   ? 7.169   16.654  1.589   1.00 46.30 ? 1226 HOH A O   1 
HETATM 1196 O  O   . HOH F 3 .   ? 13.120  -12.985 -4.732  1.00 45.15 ? 1227 HOH A O   1 
HETATM 1197 O  O   . HOH F 3 .   ? 6.732   -6.436  8.575   1.00 37.34 ? 1228 HOH A O   1 
HETATM 1198 O  O   . HOH F 3 .   ? -10.197 -10.996 -11.804 1.00 46.10 ? 1229 HOH A O   1 
HETATM 1199 O  O   . HOH F 3 .   ? 4.885   -1.934  -15.137 1.00 45.12 ? 1230 HOH A O   1 
HETATM 1200 O  O   . HOH F 3 .   ? 1.708   -15.640 -10.785 1.00 46.81 ? 1231 HOH A O   1 
HETATM 1201 O  O   . HOH F 3 .   ? -5.491  -5.081  -13.588 1.00 46.17 ? 1232 HOH A O   1 
HETATM 1202 O  O   . HOH F 3 .   ? -0.293  10.895  7.116   1.00 43.55 ? 1233 HOH A O   1 
HETATM 1203 O  O   . HOH F 3 .   ? -4.732  -4.180  -16.053 1.00 45.00 ? 1234 HOH A O   1 
HETATM 1204 O  O   . HOH F 3 .   ? -15.304 -21.770 2.237   1.00 48.73 ? 1235 HOH A O   1 
HETATM 1205 O  O   . HOH F 3 .   ? 0.991   -22.186 -4.617  1.00 41.86 ? 1236 HOH A O   1 
HETATM 1206 O  O   . HOH F 3 .   ? -8.326  9.180   10.909  1.00 51.05 ? 1237 HOH A O   1 
HETATM 1207 O  O   . HOH F 3 .   ? 17.566  -4.580  1.458   1.00 43.75 ? 1238 HOH A O   1 
HETATM 1208 O  O   . HOH F 3 .   ? 14.039  0.909   14.074  1.00 46.85 ? 1239 HOH A O   1 
HETATM 1209 O  O   . HOH F 3 .   ? -21.193 -1.976  -4.941  1.00 39.84 ? 1240 HOH A O   1 
HETATM 1210 O  O   . HOH F 3 .   ? -8.887  8.422   13.634  1.00 38.35 ? 1241 HOH A O   1 
HETATM 1211 O  O   . HOH F 3 .   ? -8.990  -13.393 -11.568 1.00 43.23 ? 1242 HOH A O   1 
HETATM 1212 O  O   . HOH F 3 .   ? 2.742   -24.018 -3.971  1.00 45.18 ? 1243 HOH A O   1 
HETATM 1213 O  O   . HOH F 3 .   ? 10.043  16.840  -8.831  1.00 41.64 ? 1244 HOH A O   1 
HETATM 1214 O  O   . HOH F 3 .   ? -11.531 13.166  8.362   1.00 40.38 ? 1245 HOH A O   1 
HETATM 1215 O  O   . HOH F 3 .   ? -20.937 -0.570  -0.362  1.00 44.59 ? 1246 HOH A O   1 
HETATM 1216 O  O   . HOH F 3 .   ? 5.374   -14.284 -13.838 1.00 45.40 ? 1247 HOH A O   1 
HETATM 1217 O  O   . HOH F 3 .   ? 15.944  2.196   -9.152  1.00 47.85 ? 1248 HOH A O   1 
HETATM 1218 O  O   . HOH F 3 .   ? 6.710   -9.235  8.730   1.00 47.16 ? 1249 HOH A O   1 
HETATM 1219 O  O   . HOH F 3 .   ? 17.385  8.183   -3.063  1.00 48.76 ? 1250 HOH A O   1 
HETATM 1220 O  O   . HOH F 3 .   ? 17.786  8.585   -0.453  1.00 34.44 ? 1251 HOH A O   1 
# 
